data_6KNC
#
_entry.id   6KNC
#
_cell.length_a   1.00
_cell.length_b   1.00
_cell.length_c   1.00
_cell.angle_alpha   90.00
_cell.angle_beta   90.00
_cell.angle_gamma   90.00
#
_symmetry.space_group_name_H-M   'P 1'
#
loop_
_entity.id
_entity.type
_entity.pdbx_description
1 polymer 'DNA polymerase II small subunit'
2 polymer 'DNA polymerase D DP2 (DNA polymerase II large) subunit'
3 polymer 'DNA polymerase sliding clamp 1'
4 polymer pri30DNA
5 polymer temp45DNA
6 non-polymer 'FE (III) ION'
7 non-polymer 'ZINC ION'
#
loop_
_entity_poly.entity_id
_entity_poly.type
_entity_poly.pdbx_seq_one_letter_code
_entity_poly.pdbx_strand_id
1 'polypeptide(L)'
;MLVEDLLKNNYLITPSAYYLLSDHYKKAFTLAELIKFAKNRGTFVVDSNLAREFLAEKGIISSGIVYGDYGVPIAYVADE
TPEEEKAYSTYSDLVIAPKEGFHYRAKEIPDEWELAFDVKNVKFEVPKVKNAQSKEGEVIIQAYSSYFKSRLKKMRRIFR
ENPEIGTIVDIAKLSYVREDDVTIIGLVNEKRETRKGYLFEIEDATGRIKVFIGSDKEGANEAYSTIMPDSVVAFRGTPG
KGIFFANRVFLPDVPKFKRSKPPLEEKVYAILLSDIHVGSNKFCEEAFIKFLEWLNGEVNSRTEEELVSRIKYIIIGGDV
VDGVGIYPGQYNELAIPDIFDQYEALANLLKQVPDHITMFIGPGNHDAARTALPQPGFYEEYAKPLYKLKNAVIISNPAV
IRLHGRDFLVAHGRGIEDVVDFVPNRSHHRPAEAMVELLKLRHIAPTFGNKVPIAPDPEDTLVIESVPDLFQAGHVHVMQ
YKTYNGVFVINTGTWQAQTEFQKMVNIIPTPARVPIIDVETARLRAVVRFDQFCEGV
;
A
2 'polypeptide(L)'
;MSEEIYSPEMKAYFESLQREIDRAYAIARKARAQGKDPSFDVEVPQATDMAGRVESLVGPPGVAERIRELVKEYGKEIAA
LKVVDEIIEGKFGDLGSKEKYAEQAVRTALAILTEGIVSAPLEGIADVKIKRNEWADGSEYLALYYAGPIRSSGGTAQAL
SVLVGDYVRRKLGLDRFKPSDEHIERMVEEVDLYHRAVTRLQYHPEADEVRLAMRNIPIEITGEETDKVEVSHRNVPGVE
TNHLRGGAILVLAEGVLQKAKKLVKYIDKMGIEGWDWIKEFVEAKEKGKSSEENKDESKAEDTGTESVAEKKENVEKGFY
YELYEKFRANIAPNKKYTKEIIGGRPLFAEPSTNGGFRLRYGRSRVSGFATWSVNPATMLILDEFIAIGTQMKTERPGKG
CIVTPATTVEGPIVRLKNGSVVRVDDYETALKVRNEVDEILYVGDALVNFGDFVENNQTLLPANYVEEWWVQELVQAIKD
LYEVELQPFAENDREAVEEAAEYLEVDPDFLWNLLKDPLRVKPDVETAIHLSTVLDIPFHPYYTLYWNTLQPEEVEELQK
ALLGAQIEWAEFRKNRFAKKVVLENDKNIKRYLELLGLPHRLERVEKKRKVIVVEYPWSAALLTPLGNLEWEFKAKPFYT
VIDIINENNRIKLRDRGISWIGARMGRPEKAKERKMKPPVQVLFPIGLAGGQSRDIKKAAEEGKTARVEIAFFKCPKCGH
VGPEHLCPVCGTRKELLWHCPKCGADYPESDAKDFNYRCPKCDVELKPYAEREIKPADLLRQAMDNVKVYGIDRLKGVKG
MTSGYKMAEPLEKGLLRVKNDVYVFKDGTIRFDATDAPITHFKPKEIGTSVEKLRELGYTHDFEGKPLERDDQILELKVQ
DVILPYEAGRYLLKVARFIDDLLEKFYGLPRFYNAEKMEDLVGHLVIGLAPHTSAGIIGRIIGFSDVLVGYAHPYYHAAK
RRNCDGDEDAVMLLLDALLNFSKYYLPEKRGGKMDAPLVVTTRLDPREVDSEVHNMDVVRYYPLEFYKATYELKSPKEVK
VIERVEDRLGKPEMYEGIKFTHDTDDIGLGPKMSLYKQLGDMEEKVARQLALAERIRAVDEHHVAETIINSHLVPDLRGN
LRSFTRQEFRCVKCNTKYRRPPLTGKCPKCGGKIVLTVSKGAIEKYLPTAKMLVTKYRVKDYTRQRICITEKDIKTLFEN
VFPEKQRTLMGFSADICEKMVKERTGHSNGKNGYLDEFNGKNGKASKKSGSLASKLSGKGKEPSKKKESAKPKRSEKVKN
LTSFEAAAKNEQARGTAGNAKKAESEKPKRKKRKGISLDEFFGS
;
B
3 'polypeptide(L)'
;MPFEVVFDGAKEFADLIATASNLIDEAAFKFTEEGISMRAMDPSRVVLIDLNLPESIFSKYEVEEPETIGINMDQFKKIL
KRGKAKDTLILRKGDENFLEITFEGTAKRTFRLPLIDVEELELELPELPFTAKVVLLGEVLKEGIKDASLVSDAIKFIAK
ENEFTMKAEGETNEVEIRLTLEDEGLLDLEVEEETKSAYGIRYLSDMVKGIGKADEVILRFGNEMPLQMEYMIRDEGRLT
FLLAPRVEE
;
C,D,E
4 'polydeoxyribonucleotide'
;(DC)(DG)(DA)(DA)(DC)(DT)(DG)(DC)(DC)(DT)(DG)(DG)(DA)(DA)(DT)(DC)(DC)(DT)(DG)(DA)
(DC)(DG)(DA)(DC)(DA)(DT)(DG)(DT)(DA)(DG)
;
F
5 'polydeoxyribonucleotide'
;(DC)(DT)(DA)(DC)(DA)(DT)(DG)(DT)(DC)(DG)(DT)(DC)(DA)(DG)(DG)(DA)(DT)(DT)(DC)(DC)
(DA)(DG)(DG)(DC)(DA)(DG)(DT)(DT)(DC)(DG)
;
G
#
loop_
_chem_comp.id
_chem_comp.type
_chem_comp.name
_chem_comp.formula
DA DNA linking 2'-DEOXYADENOSINE-5'-MONOPHOSPHATE 'C10 H14 N5 O6 P'
DC DNA linking 2'-DEOXYCYTIDINE-5'-MONOPHOSPHATE 'C9 H14 N3 O7 P'
DG DNA linking 2'-DEOXYGUANOSINE-5'-MONOPHOSPHATE 'C10 H14 N5 O7 P'
DT DNA linking THYMIDINE-5'-MONOPHOSPHATE 'C10 H15 N2 O8 P'
FE non-polymer 'FE (III) ION' 'Fe 3'
ZN non-polymer 'ZINC ION' 'Zn 2'
#
# COMPACT_ATOMS: atom_id res chain seq x y z
N TYR A 88 39.35 2.40 2.46
CA TYR A 88 39.52 1.11 1.80
C TYR A 88 40.37 1.28 0.56
N SER A 89 41.13 0.24 0.22
CA SER A 89 41.99 0.29 -0.94
C SER A 89 41.18 0.07 -2.21
N THR A 90 41.89 0.06 -3.34
CA THR A 90 41.27 -0.11 -4.63
C THR A 90 41.99 -1.12 -5.52
N TYR A 91 43.05 -1.76 -5.02
CA TYR A 91 43.81 -2.80 -5.71
C TYR A 91 44.41 -2.33 -7.04
N SER A 92 44.62 -1.03 -7.22
CA SER A 92 45.19 -0.48 -8.44
C SER A 92 46.68 -0.19 -8.33
N ASP A 93 47.33 -0.69 -7.28
CA ASP A 93 48.75 -0.46 -7.09
C ASP A 93 49.60 -1.67 -7.42
N LEU A 94 49.02 -2.88 -7.39
CA LEU A 94 49.80 -4.08 -7.67
C LEU A 94 50.07 -4.17 -9.16
N VAL A 95 51.22 -3.65 -9.57
CA VAL A 95 51.66 -3.68 -10.96
C VAL A 95 53.09 -4.21 -10.91
N ILE A 96 53.27 -5.47 -11.31
CA ILE A 96 54.58 -6.12 -11.31
C ILE A 96 54.81 -6.71 -12.68
N ALA A 97 55.94 -6.37 -13.30
CA ALA A 97 56.25 -6.90 -14.60
C ALA A 97 56.68 -8.36 -14.49
N PRO A 98 56.45 -9.17 -15.53
CA PRO A 98 56.89 -10.57 -15.49
C PRO A 98 58.40 -10.69 -15.39
N LYS A 99 58.84 -11.80 -14.80
CA LYS A 99 60.25 -12.02 -14.60
C LYS A 99 60.91 -12.32 -15.94
N GLU A 100 62.06 -11.68 -16.18
CA GLU A 100 62.78 -11.88 -17.43
C GLU A 100 63.36 -13.28 -17.51
N GLY A 101 63.75 -13.86 -16.37
CA GLY A 101 64.32 -15.19 -16.34
C GLY A 101 63.36 -16.29 -16.71
N PHE A 102 62.06 -16.02 -16.69
CA PHE A 102 61.06 -17.02 -17.03
C PHE A 102 60.84 -17.00 -18.54
N HIS A 103 60.99 -18.16 -19.17
CA HIS A 103 60.91 -18.26 -20.62
C HIS A 103 59.48 -18.45 -21.06
N TYR A 104 59.03 -17.56 -21.93
CA TYR A 104 57.72 -17.67 -22.53
C TYR A 104 57.84 -18.40 -23.85
N ARG A 105 56.94 -19.35 -24.05
CA ARG A 105 56.93 -20.14 -25.27
C ARG A 105 55.98 -19.49 -26.26
N ALA A 106 56.51 -19.14 -27.43
CA ALA A 106 55.73 -18.51 -28.47
C ALA A 106 55.24 -19.60 -29.42
N LYS A 107 53.93 -19.82 -29.44
CA LYS A 107 53.32 -20.84 -30.29
C LYS A 107 51.91 -20.42 -30.64
N GLU A 108 51.36 -21.09 -31.65
CA GLU A 108 50.00 -20.81 -32.10
C GLU A 108 49.01 -21.23 -31.03
N ILE A 109 48.13 -20.32 -30.67
CA ILE A 109 47.15 -20.53 -29.61
C ILE A 109 45.76 -20.48 -30.23
N PRO A 110 45.17 -21.64 -30.51
CA PRO A 110 43.81 -21.65 -31.05
C PRO A 110 42.82 -21.28 -29.97
N ASP A 111 41.74 -20.66 -30.40
CA ASP A 111 40.68 -20.27 -29.48
C ASP A 111 39.37 -20.18 -30.23
N GLU A 112 38.37 -20.89 -29.73
CA GLU A 112 37.08 -20.90 -30.40
C GLU A 112 36.02 -21.35 -29.42
N TRP A 113 35.07 -20.48 -29.16
CA TRP A 113 33.97 -20.79 -28.28
C TRP A 113 32.88 -21.46 -29.10
N GLU A 114 32.15 -22.34 -28.45
CA GLU A 114 31.08 -23.09 -29.09
C GLU A 114 29.70 -22.63 -28.67
N LEU A 115 29.49 -22.35 -27.39
CA LEU A 115 28.19 -21.95 -26.88
C LEU A 115 28.22 -20.44 -26.67
N ALA A 116 27.62 -19.71 -27.61
CA ALA A 116 27.51 -18.27 -27.54
C ALA A 116 26.03 -17.93 -27.50
N PHE A 117 25.62 -17.24 -26.45
CA PHE A 117 24.21 -16.89 -26.25
C PHE A 117 23.71 -15.83 -27.22
N ASP A 118 24.61 -15.10 -27.87
CA ASP A 118 24.17 -14.01 -28.75
C ASP A 118 23.64 -14.56 -30.06
N VAL A 119 24.38 -15.48 -30.66
CA VAL A 119 24.03 -16.00 -31.97
C VAL A 119 23.11 -17.20 -31.88
N LYS A 120 22.93 -17.78 -30.70
CA LYS A 120 22.15 -19.00 -30.58
C LYS A 120 20.71 -18.76 -30.16
N ASN A 121 20.50 -18.10 -29.03
CA ASN A 121 19.16 -17.96 -28.46
C ASN A 121 18.56 -16.61 -28.73
N VAL A 122 19.30 -15.53 -28.44
CA VAL A 122 18.71 -14.20 -28.47
C VAL A 122 18.71 -13.63 -29.87
N LYS A 123 19.16 -14.42 -30.86
CA LYS A 123 19.20 -13.95 -32.23
C LYS A 123 17.78 -13.76 -32.76
N PHE A 124 17.02 -14.85 -32.84
CA PHE A 124 15.63 -14.74 -33.30
C PHE A 124 14.69 -15.65 -32.53
N GLU A 125 15.02 -16.00 -31.30
CA GLU A 125 14.16 -16.88 -30.52
C GLU A 125 13.73 -16.28 -29.21
N VAL A 126 14.63 -15.59 -28.52
CA VAL A 126 14.29 -14.96 -27.25
C VAL A 126 13.47 -13.69 -27.49
N PRO A 127 13.83 -12.74 -28.39
CA PRO A 127 12.94 -11.59 -28.60
C PRO A 127 11.63 -11.94 -29.27
N LYS A 128 11.53 -13.10 -29.91
CA LYS A 128 10.33 -13.52 -30.63
C LYS A 128 9.85 -14.83 -30.00
N VAL A 129 9.02 -14.71 -28.98
CA VAL A 129 8.44 -15.86 -28.29
C VAL A 129 7.01 -16.06 -28.77
N LYS A 130 6.14 -15.09 -28.53
CA LYS A 130 4.75 -15.18 -28.99
C LYS A 130 4.34 -14.07 -29.94
N ASN A 131 4.52 -12.80 -29.56
CA ASN A 131 4.17 -11.59 -30.32
C ASN A 131 2.68 -11.48 -30.66
N ALA A 132 1.83 -12.30 -30.05
CA ALA A 132 0.38 -12.26 -30.29
C ALA A 132 -0.27 -12.44 -28.92
N GLN A 133 -0.56 -11.31 -28.27
CA GLN A 133 -1.15 -11.33 -26.94
C GLN A 133 -1.85 -9.99 -26.77
N SER A 134 -2.29 -9.69 -25.55
CA SER A 134 -2.96 -8.44 -25.24
C SER A 134 -1.94 -7.30 -25.19
N LYS A 135 -2.44 -6.13 -24.76
CA LYS A 135 -1.60 -4.93 -24.64
C LYS A 135 -0.47 -5.17 -23.64
N GLU A 136 -0.78 -5.82 -22.52
CA GLU A 136 0.19 -6.14 -21.49
C GLU A 136 0.18 -7.65 -21.26
N GLY A 137 0.96 -8.39 -22.04
CA GLY A 137 1.03 -9.83 -21.90
C GLY A 137 2.27 -10.33 -21.19
N GLU A 138 2.32 -11.65 -21.01
CA GLU A 138 3.42 -12.32 -20.37
C GLU A 138 4.11 -13.20 -21.40
N VAL A 139 5.38 -13.46 -21.15
CA VAL A 139 6.18 -14.29 -22.04
C VAL A 139 6.78 -15.38 -21.18
N ILE A 140 6.06 -15.72 -20.10
CA ILE A 140 6.55 -16.68 -19.14
C ILE A 140 5.95 -18.07 -19.35
N ILE A 141 4.68 -18.12 -19.73
CA ILE A 141 4.01 -19.41 -19.92
C ILE A 141 4.61 -20.17 -21.11
N GLN A 142 4.98 -19.45 -22.17
CA GLN A 142 5.53 -20.08 -23.36
C GLN A 142 7.01 -20.41 -23.22
N ALA A 143 7.78 -19.54 -22.57
CA ALA A 143 9.20 -19.80 -22.37
C ALA A 143 9.38 -20.99 -21.45
N TYR A 144 8.72 -20.96 -20.30
CA TYR A 144 8.80 -22.08 -19.38
C TYR A 144 8.05 -23.29 -19.89
N SER A 145 7.08 -23.10 -20.78
CA SER A 145 6.40 -24.24 -21.36
C SER A 145 7.29 -24.99 -22.33
N SER A 146 7.83 -24.26 -23.30
CA SER A 146 8.75 -24.84 -24.29
C SER A 146 10.12 -25.14 -23.71
N TYR A 147 10.39 -24.66 -22.51
CA TYR A 147 11.66 -24.90 -21.86
C TYR A 147 11.88 -26.39 -21.60
N PHE A 148 10.81 -27.12 -21.34
CA PHE A 148 10.90 -28.55 -21.14
C PHE A 148 10.74 -29.34 -22.43
N LYS A 149 10.06 -28.75 -23.40
CA LYS A 149 9.90 -29.38 -24.69
C LYS A 149 11.23 -29.41 -25.45
N SER A 150 12.01 -28.33 -25.34
CA SER A 150 13.34 -28.31 -25.95
C SER A 150 14.24 -29.33 -25.28
N ARG A 151 14.12 -29.48 -23.96
CA ARG A 151 14.88 -30.50 -23.24
C ARG A 151 14.46 -31.91 -23.67
N LEU A 152 13.16 -32.12 -23.92
CA LEU A 152 12.69 -33.42 -24.37
C LEU A 152 13.19 -33.76 -25.77
N LYS A 153 13.29 -32.74 -26.63
CA LYS A 153 13.79 -32.99 -27.98
C LYS A 153 15.27 -33.27 -27.97
N LYS A 154 16.02 -32.50 -27.19
CA LYS A 154 17.46 -32.65 -27.13
C LYS A 154 17.85 -33.97 -26.47
N MET A 155 17.37 -34.22 -25.25
CA MET A 155 17.67 -35.45 -24.54
C MET A 155 17.07 -36.67 -25.23
N ARG A 156 15.93 -36.48 -25.89
CA ARG A 156 15.35 -37.56 -26.68
C ARG A 156 16.25 -37.89 -27.85
N ARG A 157 16.82 -36.86 -28.47
CA ARG A 157 17.78 -37.09 -29.54
C ARG A 157 19.04 -37.76 -29.02
N ILE A 158 19.48 -37.41 -27.81
CA ILE A 158 20.62 -38.09 -27.19
C ILE A 158 20.32 -39.56 -26.95
N PHE A 159 19.10 -39.86 -26.50
CA PHE A 159 18.69 -41.26 -26.33
C PHE A 159 18.60 -41.98 -27.67
N ARG A 160 18.23 -41.27 -28.72
CA ARG A 160 18.18 -41.87 -30.03
C ARG A 160 19.58 -42.10 -30.60
N GLU A 161 20.54 -41.27 -30.20
CA GLU A 161 21.91 -41.45 -30.67
C GLU A 161 22.57 -42.64 -30.03
N ASN A 162 22.13 -42.99 -28.82
CA ASN A 162 22.67 -44.15 -28.13
C ASN A 162 22.05 -45.40 -28.72
N PRO A 163 22.82 -46.30 -29.31
CA PRO A 163 22.26 -47.53 -29.89
C PRO A 163 21.97 -48.61 -28.84
N GLU A 164 21.33 -48.22 -27.77
CA GLU A 164 20.93 -49.11 -26.69
C GLU A 164 19.47 -48.98 -26.35
N ILE A 165 18.92 -47.81 -26.43
CA ILE A 165 17.52 -47.65 -26.12
C ILE A 165 16.75 -47.95 -27.37
N GLY A 166 15.69 -48.72 -27.21
CA GLY A 166 14.85 -49.10 -28.31
C GLY A 166 13.42 -49.14 -27.81
N THR A 167 12.52 -49.18 -28.79
CA THR A 167 11.06 -49.20 -28.60
C THR A 167 10.64 -48.04 -27.72
N ILE A 168 10.92 -46.85 -28.22
CA ILE A 168 10.60 -45.63 -27.50
C ILE A 168 9.20 -45.23 -27.93
N VAL A 169 8.28 -45.17 -26.97
CA VAL A 169 6.91 -44.80 -27.24
C VAL A 169 6.53 -43.70 -26.25
N ASP A 170 5.37 -43.12 -26.50
CA ASP A 170 4.87 -42.09 -25.62
C ASP A 170 4.05 -42.74 -24.53
N ILE A 171 3.71 -41.95 -23.53
CA ILE A 171 2.90 -42.45 -22.43
C ILE A 171 1.48 -42.72 -22.92
N ALA A 172 0.97 -41.85 -23.78
CA ALA A 172 -0.38 -42.01 -24.33
C ALA A 172 -0.50 -43.23 -25.24
N LYS A 173 0.61 -43.72 -25.80
CA LYS A 173 0.59 -44.89 -26.65
C LYS A 173 0.70 -46.20 -25.88
N LEU A 174 0.76 -46.15 -24.55
CA LEU A 174 0.86 -47.36 -23.76
C LEU A 174 -0.45 -48.14 -23.71
N SER A 175 -1.58 -47.48 -24.01
CA SER A 175 -2.87 -48.16 -23.98
C SER A 175 -3.05 -49.16 -25.12
N TYR A 176 -2.25 -49.02 -26.18
CA TYR A 176 -2.38 -49.94 -27.30
C TYR A 176 -1.58 -51.20 -27.05
N VAL A 177 -0.44 -51.06 -26.42
CA VAL A 177 0.41 -52.19 -26.11
C VAL A 177 -0.22 -52.94 -24.96
N ARG A 178 -0.43 -54.24 -25.14
CA ARG A 178 -1.09 -55.04 -24.13
C ARG A 178 -0.13 -55.45 -23.03
N GLU A 179 0.90 -56.20 -23.39
CA GLU A 179 1.86 -56.72 -22.43
C GLU A 179 3.31 -56.54 -22.84
N ASP A 180 3.58 -56.14 -24.07
CA ASP A 180 4.96 -55.97 -24.53
C ASP A 180 5.64 -54.82 -23.77
N ASP A 181 6.92 -54.98 -23.54
CA ASP A 181 7.71 -53.97 -22.86
C ASP A 181 8.20 -52.95 -23.88
N VAL A 182 8.16 -51.69 -23.48
CA VAL A 182 8.52 -50.59 -24.34
C VAL A 182 9.35 -49.63 -23.50
N THR A 183 9.77 -48.56 -24.15
CA THR A 183 10.57 -47.54 -23.49
C THR A 183 9.73 -46.28 -23.54
N ILE A 184 9.69 -45.58 -22.43
CA ILE A 184 8.95 -44.33 -22.34
C ILE A 184 9.92 -43.30 -21.79
N ILE A 185 9.81 -42.07 -22.29
CA ILE A 185 10.67 -40.98 -21.86
C ILE A 185 9.78 -39.87 -21.33
N GLY A 186 10.07 -39.41 -20.12
CA GLY A 186 9.23 -38.37 -19.54
C GLY A 186 9.93 -37.70 -18.38
N LEU A 187 9.23 -36.71 -17.82
CA LEU A 187 9.73 -35.95 -16.69
C LEU A 187 9.41 -36.66 -15.39
N VAL A 188 10.19 -36.36 -14.37
CA VAL A 188 10.01 -36.93 -13.05
C VAL A 188 9.33 -35.87 -12.21
N ASN A 189 8.04 -36.05 -11.94
CA ASN A 189 7.32 -35.09 -11.13
C ASN A 189 7.73 -35.25 -9.68
N GLU A 190 7.52 -36.44 -9.14
CA GLU A 190 7.86 -36.73 -7.76
C GLU A 190 8.31 -38.17 -7.65
N LYS A 191 8.61 -38.57 -6.42
CA LYS A 191 9.04 -39.91 -6.12
C LYS A 191 8.30 -40.34 -4.89
N ARG A 192 7.66 -41.49 -4.99
CA ARG A 192 6.88 -42.04 -3.89
C ARG A 192 7.52 -43.36 -3.48
N GLU A 193 7.75 -43.49 -2.18
CA GLU A 193 8.34 -44.69 -1.61
C GLU A 193 7.25 -45.49 -0.92
N THR A 194 7.21 -46.80 -1.18
CA THR A 194 6.20 -47.68 -0.61
C THR A 194 6.88 -48.99 -0.28
N ARG A 195 6.29 -49.73 0.66
CA ARG A 195 6.81 -51.03 1.03
C ARG A 195 6.77 -52.00 -0.15
N LYS A 196 5.81 -51.82 -1.06
CA LYS A 196 5.73 -52.69 -2.24
C LYS A 196 6.85 -52.37 -3.23
N GLY A 197 7.20 -51.10 -3.37
CA GLY A 197 8.25 -50.70 -4.27
C GLY A 197 8.30 -49.20 -4.39
N TYR A 198 8.74 -48.73 -5.55
CA TYR A 198 8.85 -47.32 -5.83
C TYR A 198 7.78 -46.94 -6.83
N LEU A 199 6.98 -45.95 -6.46
CA LEU A 199 5.90 -45.45 -7.30
C LEU A 199 6.38 -44.11 -7.82
N PHE A 200 6.40 -43.98 -9.13
CA PHE A 200 6.86 -42.76 -9.79
C PHE A 200 5.70 -42.08 -10.50
N GLU A 201 5.84 -40.78 -10.70
CA GLU A 201 4.84 -39.99 -11.41
C GLU A 201 5.53 -39.37 -12.62
N ILE A 202 5.43 -40.04 -13.75
CA ILE A 202 6.09 -39.61 -14.96
C ILE A 202 5.05 -38.97 -15.87
N GLU A 203 5.30 -37.73 -16.28
CA GLU A 203 4.40 -36.99 -17.14
C GLU A 203 5.16 -36.55 -18.38
N ASP A 204 4.59 -36.80 -19.55
CA ASP A 204 5.19 -36.40 -20.81
C ASP A 204 4.30 -35.34 -21.45
N ALA A 205 4.72 -34.85 -22.62
CA ALA A 205 3.92 -33.88 -23.36
C ALA A 205 2.64 -34.49 -23.87
N THR A 206 2.56 -35.83 -23.90
CA THR A 206 1.39 -36.56 -24.37
C THR A 206 0.53 -37.03 -23.21
N GLY A 207 1.12 -37.50 -22.12
CA GLY A 207 0.33 -37.97 -21.00
C GLY A 207 1.14 -38.12 -19.73
N ARG A 208 0.47 -38.66 -18.71
CA ARG A 208 1.06 -38.91 -17.40
C ARG A 208 0.66 -40.32 -16.96
N ILE A 209 1.56 -41.01 -16.25
CA ILE A 209 1.33 -42.36 -15.77
C ILE A 209 2.24 -42.55 -14.57
N LYS A 210 1.89 -43.50 -13.72
CA LYS A 210 2.69 -43.85 -12.55
C LYS A 210 3.56 -45.03 -12.96
N VAL A 211 4.87 -44.87 -12.79
CA VAL A 211 5.84 -45.89 -13.16
C VAL A 211 6.25 -46.58 -11.88
N PHE A 212 5.78 -47.80 -11.69
CA PHE A 212 6.11 -48.58 -10.53
C PHE A 212 7.28 -49.48 -10.86
N ILE A 213 8.20 -49.57 -9.92
CA ILE A 213 9.36 -50.42 -10.07
C ILE A 213 9.55 -51.08 -8.72
N GLY A 214 10.11 -52.27 -8.72
CA GLY A 214 10.31 -52.99 -7.49
C GLY A 214 11.44 -52.36 -6.68
N SER A 215 11.54 -52.83 -5.45
CA SER A 215 12.58 -52.31 -4.56
C SER A 215 13.89 -53.02 -4.82
N ASP A 216 13.86 -54.33 -4.91
CA ASP A 216 15.05 -55.14 -5.14
C ASP A 216 15.34 -55.28 -6.65
N LYS A 217 15.50 -54.13 -7.29
CA LYS A 217 15.80 -54.07 -8.72
C LYS A 217 17.21 -53.57 -8.93
N GLU A 218 17.75 -53.92 -10.10
CA GLU A 218 19.10 -53.49 -10.43
C GLU A 218 19.15 -51.99 -10.67
N GLY A 219 18.11 -51.46 -11.31
CA GLY A 219 18.02 -50.05 -11.57
C GLY A 219 17.31 -49.26 -10.50
N ALA A 220 17.05 -49.88 -9.34
CA ALA A 220 16.37 -49.17 -8.27
C ALA A 220 17.25 -48.10 -7.65
N ASN A 221 18.57 -48.33 -7.61
CA ASN A 221 19.50 -47.36 -7.04
C ASN A 221 19.62 -46.11 -7.91
N GLU A 222 19.73 -46.28 -9.24
CA GLU A 222 19.83 -45.14 -10.13
C GLU A 222 18.54 -44.35 -10.18
N ALA A 223 17.41 -45.04 -10.17
CA ALA A 223 16.11 -44.39 -10.19
C ALA A 223 15.74 -43.79 -8.84
N TYR A 224 16.41 -44.23 -7.77
CA TYR A 224 16.10 -43.69 -6.47
C TYR A 224 16.99 -42.50 -6.15
N SER A 225 18.28 -42.59 -6.47
CA SER A 225 19.22 -41.52 -6.20
C SER A 225 19.18 -40.43 -7.25
N THR A 226 18.33 -40.56 -8.26
CA THR A 226 18.25 -39.56 -9.29
C THR A 226 17.58 -38.30 -8.77
N ILE A 227 17.66 -37.25 -9.58
CA ILE A 227 17.05 -35.98 -9.21
C ILE A 227 15.53 -36.13 -9.27
N MET A 228 14.91 -36.07 -8.09
CA MET A 228 13.48 -36.22 -7.93
C MET A 228 12.56 -35.10 -8.42
N PRO A 229 12.92 -33.84 -8.25
CA PRO A 229 11.96 -32.80 -8.72
C PRO A 229 11.92 -32.64 -10.22
N ASP A 230 13.07 -32.70 -10.90
CA ASP A 230 13.11 -32.50 -12.34
C ASP A 230 14.20 -33.38 -12.93
N SER A 231 13.79 -34.29 -13.78
CA SER A 231 14.70 -35.20 -14.46
C SER A 231 13.95 -35.79 -15.63
N VAL A 232 14.70 -36.16 -16.66
CA VAL A 232 14.16 -36.81 -17.84
C VAL A 232 14.63 -38.25 -17.82
N VAL A 233 13.69 -39.19 -17.81
CA VAL A 233 14.01 -40.61 -17.67
C VAL A 233 13.31 -41.43 -18.74
N ALA A 234 13.78 -42.65 -18.91
CA ALA A 234 13.17 -43.61 -19.82
C ALA A 234 13.01 -44.94 -19.09
N PHE A 235 11.99 -45.69 -19.49
CA PHE A 235 11.70 -46.95 -18.84
C PHE A 235 11.28 -47.97 -19.85
N ARG A 236 11.69 -49.21 -19.60
CA ARG A 236 11.27 -50.32 -20.40
C ARG A 236 10.38 -51.17 -19.51
N GLY A 237 9.17 -51.40 -19.96
CA GLY A 237 8.27 -52.19 -19.18
C GLY A 237 6.92 -52.20 -19.85
N THR A 238 5.97 -52.72 -19.11
CA THR A 238 4.64 -52.80 -19.62
C THR A 238 3.69 -52.09 -18.68
N PRO A 239 2.65 -51.44 -19.21
CA PRO A 239 1.68 -50.81 -18.32
C PRO A 239 0.76 -51.86 -17.73
N GLY A 240 -0.07 -51.41 -16.80
CA GLY A 240 -0.97 -52.34 -16.16
C GLY A 240 -2.36 -51.79 -16.07
N LYS A 241 -2.94 -51.81 -14.88
CA LYS A 241 -4.29 -51.31 -14.66
C LYS A 241 -4.34 -49.81 -14.43
N GLY A 242 -3.29 -49.09 -14.81
CA GLY A 242 -3.26 -47.66 -14.62
C GLY A 242 -1.89 -47.27 -14.12
N ILE A 243 -1.09 -48.28 -13.80
CA ILE A 243 0.27 -48.07 -13.31
C ILE A 243 1.22 -48.80 -14.25
N PHE A 244 2.23 -48.07 -14.74
CA PHE A 244 3.19 -48.63 -15.68
C PHE A 244 4.20 -49.44 -14.89
N PHE A 245 4.19 -50.75 -15.08
CA PHE A 245 5.15 -51.60 -14.38
C PHE A 245 6.39 -51.65 -15.24
N ALA A 246 7.37 -50.84 -14.88
CA ALA A 246 8.59 -50.79 -15.65
C ALA A 246 9.56 -51.82 -15.14
N ASN A 247 10.42 -52.25 -16.05
CA ASN A 247 11.43 -53.25 -15.75
C ASN A 247 12.84 -52.68 -15.78
N ARG A 248 13.13 -51.87 -16.79
CA ARG A 248 14.44 -51.29 -16.97
C ARG A 248 14.36 -49.78 -16.90
N VAL A 249 15.44 -49.19 -16.40
CA VAL A 249 15.57 -47.75 -16.22
C VAL A 249 16.61 -47.24 -17.21
N PHE A 250 16.49 -45.96 -17.59
CA PHE A 250 17.43 -45.32 -18.51
C PHE A 250 17.57 -43.87 -18.12
N LEU A 251 18.77 -43.48 -17.72
CA LEU A 251 19.10 -42.10 -17.36
C LEU A 251 19.99 -41.48 -18.43
N PRO A 252 19.98 -40.14 -18.57
CA PRO A 252 20.86 -39.48 -19.56
C PRO A 252 22.33 -39.50 -19.19
N ASP A 253 22.92 -40.68 -19.04
CA ASP A 253 24.31 -40.82 -18.67
C ASP A 253 25.19 -40.70 -19.90
N VAL A 254 26.44 -40.30 -19.69
CA VAL A 254 27.39 -40.15 -20.78
C VAL A 254 27.76 -41.55 -21.28
N PRO A 255 28.07 -41.72 -22.58
CA PRO A 255 28.45 -43.04 -23.06
C PRO A 255 29.84 -43.39 -22.57
N LYS A 256 29.96 -44.61 -22.06
CA LYS A 256 31.24 -45.06 -21.58
C LYS A 256 32.18 -45.27 -22.75
N PHE A 257 31.64 -45.73 -23.86
CA PHE A 257 32.42 -45.98 -25.06
C PHE A 257 32.47 -44.70 -25.87
N LYS A 258 33.65 -44.09 -25.90
CA LYS A 258 33.85 -42.85 -26.62
C LYS A 258 35.20 -42.89 -27.30
N ARG A 259 35.31 -42.15 -28.40
CA ARG A 259 36.55 -42.09 -29.15
C ARG A 259 37.51 -41.15 -28.44
N SER A 260 38.74 -41.63 -28.23
CA SER A 260 39.75 -40.82 -27.57
C SER A 260 40.22 -39.68 -28.47
N LYS A 261 40.82 -38.66 -27.85
CA LYS A 261 41.32 -37.50 -28.56
C LYS A 261 42.76 -37.75 -29.02
N PRO A 262 43.11 -37.27 -30.21
CA PRO A 262 44.46 -37.45 -30.70
C PRO A 262 45.45 -36.65 -29.86
N PRO A 263 46.68 -37.11 -29.75
CA PRO A 263 47.67 -36.38 -28.95
C PRO A 263 48.11 -35.11 -29.66
N LEU A 264 48.16 -34.02 -28.92
CA LEU A 264 48.57 -32.75 -29.48
C LEU A 264 50.08 -32.74 -29.67
N GLU A 265 50.54 -31.95 -30.64
CA GLU A 265 51.97 -31.83 -30.89
C GLU A 265 52.65 -30.97 -29.85
N GLU A 266 51.96 -29.97 -29.33
CA GLU A 266 52.50 -29.07 -28.32
C GLU A 266 51.71 -29.19 -27.02
N LYS A 267 52.43 -29.24 -25.91
CA LYS A 267 51.81 -29.35 -24.61
C LYS A 267 51.27 -28.01 -24.12
N VAL A 268 50.07 -28.03 -23.53
CA VAL A 268 49.43 -26.84 -23.00
C VAL A 268 48.65 -27.26 -21.77
N TYR A 269 48.59 -26.38 -20.78
CA TYR A 269 47.90 -26.63 -19.54
C TYR A 269 46.87 -25.53 -19.29
N ALA A 270 46.02 -25.75 -18.30
CA ALA A 270 45.00 -24.77 -17.98
C ALA A 270 44.75 -24.76 -16.49
N ILE A 271 44.23 -23.63 -16.02
CA ILE A 271 43.94 -23.40 -14.62
C ILE A 271 42.44 -23.15 -14.49
N LEU A 272 41.84 -23.75 -13.46
CA LEU A 272 40.43 -23.60 -13.17
C LEU A 272 40.29 -23.01 -11.77
N LEU A 273 39.64 -21.84 -11.69
CA LEU A 273 39.48 -21.18 -10.42
C LEU A 273 38.17 -20.38 -10.44
N SER A 274 37.58 -20.24 -9.27
CA SER A 274 36.33 -19.49 -9.10
C SER A 274 36.19 -19.16 -7.61
N ASP A 275 35.08 -18.50 -7.28
CA ASP A 275 34.71 -18.10 -5.92
C ASP A 275 35.82 -17.22 -5.29
N ILE A 276 36.15 -16.14 -5.99
CA ILE A 276 37.20 -15.24 -5.51
C ILE A 276 36.70 -14.35 -4.39
N HIS A 277 35.52 -13.73 -4.60
CA HIS A 277 34.82 -12.90 -3.61
C HIS A 277 35.65 -11.71 -3.14
N VAL A 278 35.92 -10.80 -4.08
CA VAL A 278 36.63 -9.55 -3.79
C VAL A 278 35.62 -8.50 -3.35
N GLY A 279 35.85 -7.91 -2.18
CA GLY A 279 34.98 -6.87 -1.65
C GLY A 279 34.68 -7.01 -0.18
N SER A 280 34.99 -8.18 0.37
CA SER A 280 34.77 -8.52 1.77
C SER A 280 36.06 -8.30 2.56
N ASN A 281 35.93 -8.22 3.87
CA ASN A 281 37.05 -8.01 4.78
C ASN A 281 37.80 -9.31 5.15
N LYS A 282 37.39 -10.48 4.65
CA LYS A 282 38.07 -11.75 4.96
C LYS A 282 38.69 -12.40 3.74
N PHE A 283 39.03 -11.59 2.75
CA PHE A 283 39.59 -12.14 1.55
C PHE A 283 41.05 -12.50 1.75
N CYS A 284 41.42 -13.64 1.18
CA CYS A 284 42.80 -14.11 1.25
C CYS A 284 43.57 -13.30 0.22
N GLU A 285 43.88 -12.07 0.61
CA GLU A 285 44.59 -11.16 -0.26
C GLU A 285 46.03 -11.61 -0.46
N GLU A 286 46.64 -12.18 0.58
CA GLU A 286 48.02 -12.64 0.51
C GLU A 286 48.19 -13.77 -0.51
N ALA A 287 47.35 -14.82 -0.41
CA ALA A 287 47.42 -15.92 -1.36
C ALA A 287 47.07 -15.46 -2.76
N PHE A 288 46.28 -14.39 -2.87
CA PHE A 288 45.91 -13.87 -4.15
C PHE A 288 47.04 -13.11 -4.82
N ILE A 289 47.73 -12.25 -4.06
CA ILE A 289 48.87 -11.52 -4.65
C ILE A 289 50.07 -12.44 -4.85
N LYS A 290 50.27 -13.43 -3.97
CA LYS A 290 51.32 -14.41 -4.19
C LYS A 290 50.97 -15.31 -5.35
N PHE A 291 49.69 -15.49 -5.56
CA PHE A 291 49.25 -16.23 -6.72
C PHE A 291 49.47 -15.42 -7.99
N LEU A 292 49.18 -14.11 -7.97
CA LEU A 292 49.44 -13.25 -9.13
C LEU A 292 50.92 -13.13 -9.43
N GLU A 293 51.74 -13.04 -8.38
CA GLU A 293 53.18 -13.05 -8.55
C GLU A 293 53.67 -14.42 -9.01
N TRP A 294 52.95 -15.46 -8.63
CA TRP A 294 53.32 -16.81 -9.06
C TRP A 294 53.00 -17.01 -10.54
N LEU A 295 51.97 -16.32 -11.04
CA LEU A 295 51.58 -16.42 -12.45
C LEU A 295 52.60 -15.81 -13.40
N ASN A 296 53.40 -14.86 -12.92
CA ASN A 296 54.39 -14.24 -13.78
C ASN A 296 55.57 -15.16 -14.06
N GLY A 297 55.79 -16.15 -13.21
CA GLY A 297 56.89 -17.07 -13.40
C GLY A 297 57.66 -17.33 -12.12
N GLU A 298 57.27 -16.62 -11.06
CA GLU A 298 57.93 -16.76 -9.76
C GLU A 298 57.42 -18.05 -9.14
N VAL A 299 58.08 -19.14 -9.48
CA VAL A 299 57.71 -20.44 -8.99
C VAL A 299 58.70 -20.84 -7.92
N ASN A 300 58.25 -21.74 -7.04
CA ASN A 300 59.10 -22.20 -5.96
C ASN A 300 59.84 -23.49 -6.32
N SER A 301 59.18 -24.39 -7.04
CA SER A 301 59.77 -25.64 -7.44
C SER A 301 60.07 -25.62 -8.94
N ARG A 302 61.02 -26.47 -9.33
CA ARG A 302 61.43 -26.55 -10.73
C ARG A 302 60.37 -27.20 -11.61
N THR A 303 59.49 -28.00 -11.04
CA THR A 303 58.44 -28.66 -11.82
C THR A 303 57.39 -27.67 -12.29
N GLU A 304 57.19 -26.59 -11.54
CA GLU A 304 56.18 -25.61 -11.90
C GLU A 304 56.58 -24.79 -13.13
N GLU A 305 57.89 -24.70 -13.44
CA GLU A 305 58.33 -23.93 -14.60
C GLU A 305 57.87 -24.56 -15.92
N GLU A 306 57.92 -25.90 -16.00
CA GLU A 306 57.53 -26.58 -17.22
C GLU A 306 56.04 -26.43 -17.49
N LEU A 307 55.24 -26.43 -16.43
CA LEU A 307 53.80 -26.34 -16.59
C LEU A 307 53.37 -24.89 -16.83
N VAL A 308 53.83 -23.97 -15.97
CA VAL A 308 53.50 -22.55 -16.10
C VAL A 308 54.03 -21.97 -17.41
N SER A 309 55.18 -22.48 -17.88
CA SER A 309 55.76 -22.01 -19.14
C SER A 309 54.88 -22.34 -20.35
N ARG A 310 53.93 -23.27 -20.19
CA ARG A 310 53.04 -23.68 -21.27
C ARG A 310 51.58 -23.36 -21.02
N ILE A 311 51.24 -22.69 -19.91
CA ILE A 311 49.85 -22.30 -19.66
C ILE A 311 49.50 -21.11 -20.54
N LYS A 312 48.46 -21.27 -21.35
CA LYS A 312 48.03 -20.23 -22.27
C LYS A 312 46.57 -19.88 -22.12
N TYR A 313 45.89 -20.38 -21.10
CA TYR A 313 44.48 -20.12 -20.89
C TYR A 313 44.18 -20.02 -19.40
N ILE A 314 43.33 -19.07 -19.01
CA ILE A 314 42.85 -18.96 -17.64
C ILE A 314 41.33 -18.80 -17.67
N ILE A 315 40.65 -19.50 -16.76
CA ILE A 315 39.21 -19.53 -16.74
C ILE A 315 38.72 -19.20 -15.34
N ILE A 316 37.79 -18.27 -15.24
CA ILE A 316 37.19 -17.91 -13.97
C ILE A 316 35.72 -18.34 -14.01
N GLY A 317 35.30 -19.08 -12.99
CA GLY A 317 33.95 -19.59 -12.94
C GLY A 317 32.94 -18.52 -12.60
N GLY A 318 33.10 -17.87 -11.45
CA GLY A 318 32.17 -16.85 -11.03
C GLY A 318 32.39 -16.47 -9.59
N ASP A 319 31.43 -15.67 -9.07
CA ASP A 319 31.41 -15.17 -7.70
C ASP A 319 32.66 -14.36 -7.37
N VAL A 320 32.83 -13.29 -8.14
CA VAL A 320 33.99 -12.41 -7.94
C VAL A 320 33.85 -11.52 -6.73
N VAL A 321 32.64 -11.33 -6.20
CA VAL A 321 32.44 -10.48 -5.04
C VAL A 321 31.69 -11.29 -3.98
N ASP A 322 31.49 -10.65 -2.84
CA ASP A 322 30.78 -11.31 -1.76
C ASP A 322 29.30 -11.24 -1.96
N GLY A 323 28.83 -10.24 -2.68
CA GLY A 323 27.42 -10.09 -2.92
C GLY A 323 26.85 -8.91 -2.16
N VAL A 324 25.65 -8.51 -2.57
CA VAL A 324 24.94 -7.40 -1.96
C VAL A 324 23.50 -7.85 -1.74
N GLY A 325 22.99 -7.69 -0.51
CA GLY A 325 21.62 -8.05 -0.22
C GLY A 325 21.36 -9.49 0.17
N ILE A 326 22.34 -10.17 0.73
CA ILE A 326 22.17 -11.56 1.16
C ILE A 326 21.69 -11.63 2.60
N TYR A 327 22.39 -10.94 3.47
CA TYR A 327 22.11 -10.89 4.89
C TYR A 327 22.40 -9.47 5.36
N PRO A 328 21.64 -8.98 6.35
CA PRO A 328 21.82 -7.58 6.77
C PRO A 328 23.15 -7.28 7.40
N GLY A 329 23.84 -8.29 7.93
CA GLY A 329 25.13 -8.08 8.53
C GLY A 329 26.26 -8.10 7.53
N GLN A 330 26.05 -7.60 6.31
CA GLN A 330 27.10 -7.66 5.30
C GLN A 330 27.80 -6.32 5.12
N TYR A 331 27.11 -5.23 5.46
CA TYR A 331 27.68 -3.90 5.31
C TYR A 331 28.89 -3.72 6.23
N ASN A 332 28.85 -4.36 7.39
CA ASN A 332 29.97 -4.30 8.32
C ASN A 332 31.07 -5.27 7.93
N GLU A 333 30.87 -6.03 6.86
CA GLU A 333 31.82 -7.00 6.37
C GLU A 333 32.37 -6.64 5.02
N LEU A 334 31.59 -5.97 4.18
CA LEU A 334 32.09 -5.59 2.88
C LEU A 334 33.13 -4.51 3.07
N ALA A 335 34.38 -4.85 2.77
CA ALA A 335 35.44 -3.86 2.90
C ALA A 335 35.33 -2.83 1.81
N ILE A 336 34.82 -3.22 0.64
CA ILE A 336 34.66 -2.29 -0.47
C ILE A 336 33.18 -2.21 -0.78
N PRO A 337 32.43 -1.27 -0.18
CA PRO A 337 30.99 -1.14 -0.49
C PRO A 337 30.71 -0.59 -1.87
N ASP A 338 31.70 -0.06 -2.57
CA ASP A 338 31.49 0.52 -3.90
C ASP A 338 31.68 -0.55 -4.96
N ILE A 339 30.67 -0.70 -5.81
CA ILE A 339 30.72 -1.71 -6.84
C ILE A 339 31.68 -1.34 -7.98
N PHE A 340 31.80 -0.04 -8.30
CA PHE A 340 32.73 0.35 -9.34
C PHE A 340 34.17 0.13 -8.90
N ASP A 341 34.46 0.30 -7.62
CA ASP A 341 35.78 -0.03 -7.10
C ASP A 341 36.03 -1.53 -7.05
N GLN A 342 34.99 -2.34 -7.04
CA GLN A 342 35.20 -3.78 -7.08
C GLN A 342 35.46 -4.23 -8.50
N TYR A 343 34.76 -3.64 -9.47
CA TYR A 343 35.02 -3.96 -10.87
C TYR A 343 36.35 -3.39 -11.32
N GLU A 344 36.63 -2.15 -10.96
CA GLU A 344 37.90 -1.55 -11.29
C GLU A 344 39.04 -2.21 -10.52
N ALA A 345 38.78 -2.55 -9.26
CA ALA A 345 39.78 -3.25 -8.45
C ALA A 345 40.10 -4.61 -9.03
N LEU A 346 39.06 -5.33 -9.42
CA LEU A 346 39.24 -6.61 -10.06
C LEU A 346 39.93 -6.47 -11.41
N ALA A 347 39.68 -5.37 -12.11
CA ALA A 347 40.34 -5.11 -13.39
C ALA A 347 41.83 -4.86 -13.20
N ASN A 348 42.19 -4.15 -12.13
CA ASN A 348 43.61 -3.92 -11.86
C ASN A 348 44.28 -5.18 -11.32
N LEU A 349 43.51 -6.07 -10.71
CA LEU A 349 44.10 -7.31 -10.22
C LEU A 349 44.27 -8.33 -11.33
N LEU A 350 43.41 -8.28 -12.34
CA LEU A 350 43.48 -9.21 -13.45
C LEU A 350 44.36 -8.75 -14.59
N LYS A 351 44.69 -7.46 -14.67
CA LYS A 351 45.52 -6.96 -15.75
C LYS A 351 46.98 -7.40 -15.65
N GLN A 352 47.40 -7.98 -14.52
CA GLN A 352 48.76 -8.47 -14.38
C GLN A 352 49.03 -9.72 -15.22
N VAL A 353 48.01 -10.40 -15.69
CA VAL A 353 48.16 -11.59 -16.53
C VAL A 353 48.76 -11.19 -17.87
N PRO A 354 49.77 -11.91 -18.37
CA PRO A 354 50.35 -11.57 -19.67
C PRO A 354 49.34 -11.69 -20.81
N ASP A 355 49.66 -11.01 -21.91
CA ASP A 355 48.73 -10.96 -23.04
C ASP A 355 48.65 -12.28 -23.79
N HIS A 356 49.73 -13.08 -23.76
CA HIS A 356 49.73 -14.35 -24.47
C HIS A 356 48.84 -15.39 -23.80
N ILE A 357 48.43 -15.14 -22.57
CA ILE A 357 47.52 -16.03 -21.88
C ILE A 357 46.11 -15.52 -22.16
N THR A 358 45.28 -16.39 -22.69
CA THR A 358 43.91 -16.03 -23.02
C THR A 358 43.09 -15.99 -21.74
N MET A 359 42.31 -14.93 -21.56
CA MET A 359 41.51 -14.73 -20.37
C MET A 359 40.07 -15.15 -20.63
N PHE A 360 39.45 -15.75 -19.62
CA PHE A 360 38.05 -16.17 -19.72
C PHE A 360 37.33 -15.73 -18.45
N ILE A 361 36.41 -14.79 -18.59
CA ILE A 361 35.66 -14.22 -17.49
C ILE A 361 34.20 -14.58 -17.67
N GLY A 362 33.64 -15.32 -16.71
CA GLY A 362 32.25 -15.72 -16.74
C GLY A 362 31.46 -15.00 -15.67
N PRO A 363 30.23 -14.60 -15.97
CA PRO A 363 29.44 -13.86 -14.97
C PRO A 363 28.92 -14.80 -13.89
N GLY A 364 28.41 -14.19 -12.83
CA GLY A 364 27.87 -14.96 -11.73
C GLY A 364 26.56 -14.42 -11.21
N ASN A 365 26.20 -14.84 -10.00
CA ASN A 365 24.97 -14.42 -9.36
C ASN A 365 25.17 -13.45 -8.19
N HIS A 366 26.41 -13.20 -7.76
CA HIS A 366 26.65 -12.27 -6.67
C HIS A 366 27.11 -10.92 -7.15
N ASP A 367 27.53 -10.84 -8.41
CA ASP A 367 28.00 -9.60 -8.99
C ASP A 367 26.84 -8.78 -9.58
N ALA A 368 27.18 -7.56 -10.00
CA ALA A 368 26.22 -6.64 -10.60
C ALA A 368 26.02 -7.05 -12.06
N ALA A 369 25.25 -8.11 -12.24
CA ALA A 369 24.99 -8.62 -13.57
C ALA A 369 23.68 -9.37 -13.50
N ARG A 370 23.37 -10.10 -14.57
CA ARG A 370 22.14 -10.86 -14.58
C ARG A 370 22.28 -12.01 -13.59
N THR A 371 21.51 -11.96 -12.52
CA THR A 371 21.57 -12.98 -11.48
C THR A 371 20.78 -14.23 -11.85
N ALA A 372 20.02 -14.21 -12.94
CA ALA A 372 19.20 -15.35 -13.31
C ALA A 372 19.97 -16.20 -14.29
N LEU A 373 19.85 -17.50 -14.10
CA LEU A 373 20.58 -18.34 -15.03
C LEU A 373 19.66 -18.71 -16.19
N PRO A 374 20.19 -18.80 -17.42
CA PRO A 374 21.59 -18.57 -17.81
C PRO A 374 21.97 -17.10 -17.87
N GLN A 375 23.27 -16.85 -17.89
CA GLN A 375 23.75 -15.48 -17.83
C GLN A 375 24.53 -15.18 -19.09
N PRO A 376 24.04 -14.24 -19.90
CA PRO A 376 24.77 -13.86 -21.10
C PRO A 376 26.11 -13.22 -20.79
N GLY A 377 26.13 -12.24 -19.91
CA GLY A 377 27.36 -11.59 -19.56
C GLY A 377 27.11 -10.48 -18.57
N PHE A 378 28.09 -9.59 -18.48
CA PHE A 378 28.07 -8.43 -17.60
C PHE A 378 27.21 -7.30 -18.15
N TYR A 379 27.04 -6.28 -17.32
CA TYR A 379 26.27 -5.11 -17.73
C TYR A 379 27.17 -4.19 -18.54
N GLU A 380 26.63 -3.05 -18.97
CA GLU A 380 27.36 -2.07 -19.76
C GLU A 380 27.72 -0.81 -18.97
N GLU A 381 27.50 -0.83 -17.67
CA GLU A 381 27.77 0.33 -16.82
C GLU A 381 28.92 0.05 -15.89
N TYR A 382 28.88 -1.10 -15.25
CA TYR A 382 29.89 -1.43 -14.28
C TYR A 382 31.05 -2.15 -14.92
N ALA A 383 30.84 -2.79 -16.07
CA ALA A 383 31.88 -3.53 -16.75
C ALA A 383 32.54 -2.71 -17.84
N LYS A 384 32.56 -1.40 -17.67
CA LYS A 384 33.21 -0.54 -18.66
C LYS A 384 34.73 -0.72 -18.70
N PRO A 385 35.49 -0.73 -17.58
CA PRO A 385 36.93 -1.02 -17.70
C PRO A 385 37.24 -2.43 -18.19
N LEU A 386 36.37 -3.38 -17.92
CA LEU A 386 36.56 -4.74 -18.40
C LEU A 386 36.33 -4.82 -19.88
N TYR A 387 35.36 -4.05 -20.36
CA TYR A 387 35.12 -4.01 -21.79
C TYR A 387 36.23 -3.23 -22.46
N LYS A 388 36.84 -2.31 -21.72
CA LYS A 388 37.95 -1.54 -22.25
C LYS A 388 39.14 -2.45 -22.48
N LEU A 389 39.34 -3.38 -21.57
CA LEU A 389 40.44 -4.32 -21.74
C LEU A 389 40.07 -5.32 -22.81
N LYS A 390 40.86 -5.34 -23.89
CA LYS A 390 40.59 -6.29 -24.96
C LYS A 390 40.98 -7.69 -24.55
N ASN A 391 41.96 -7.80 -23.65
CA ASN A 391 42.42 -9.11 -23.21
C ASN A 391 41.36 -9.74 -22.33
N ALA A 392 40.54 -8.91 -21.68
CA ALA A 392 39.50 -9.44 -20.83
C ALA A 392 38.35 -9.81 -21.74
N VAL A 393 38.04 -11.10 -21.77
CA VAL A 393 36.96 -11.64 -22.56
C VAL A 393 35.85 -12.03 -21.61
N ILE A 394 34.66 -11.51 -21.83
CA ILE A 394 33.51 -11.77 -20.98
C ILE A 394 32.74 -12.91 -21.64
N ILE A 395 32.97 -14.14 -21.21
CA ILE A 395 32.27 -15.29 -21.77
C ILE A 395 30.89 -15.40 -21.16
N SER A 396 30.05 -16.23 -21.76
CA SER A 396 28.70 -16.40 -21.26
C SER A 396 28.67 -17.39 -20.11
N ASN A 397 27.48 -17.57 -19.55
CA ASN A 397 27.34 -18.51 -18.46
C ASN A 397 26.06 -19.30 -18.63
N PRO A 398 26.13 -20.60 -18.99
CA PRO A 398 27.35 -21.37 -19.27
C PRO A 398 27.97 -21.12 -20.65
N ALA A 399 29.15 -21.66 -20.88
CA ALA A 399 29.80 -21.48 -22.18
C ALA A 399 30.68 -22.69 -22.48
N VAL A 400 30.54 -23.24 -23.68
CA VAL A 400 31.33 -24.39 -24.11
C VAL A 400 32.51 -23.85 -24.91
N ILE A 401 33.70 -23.93 -24.35
CA ILE A 401 34.90 -23.43 -24.99
C ILE A 401 35.64 -24.61 -25.57
N ARG A 402 35.71 -24.67 -26.88
CA ARG A 402 36.40 -25.75 -27.55
C ARG A 402 37.82 -25.32 -27.84
N LEU A 403 38.76 -25.96 -27.17
CA LEU A 403 40.18 -25.67 -27.33
C LEU A 403 40.86 -26.93 -27.77
N HIS A 404 41.53 -26.86 -28.93
CA HIS A 404 42.24 -27.97 -29.54
C HIS A 404 41.33 -29.16 -29.79
N GLY A 405 40.07 -28.89 -30.07
CA GLY A 405 39.12 -29.94 -30.27
C GLY A 405 38.50 -30.47 -29.01
N ARG A 406 38.68 -29.79 -27.89
CA ARG A 406 38.15 -30.23 -26.61
C ARG A 406 36.98 -29.35 -26.19
N ASP A 407 35.91 -29.98 -25.73
CA ASP A 407 34.75 -29.26 -25.27
C ASP A 407 34.91 -28.99 -23.79
N PHE A 408 34.95 -27.72 -23.44
CA PHE A 408 35.13 -27.31 -22.07
C PHE A 408 33.87 -26.64 -21.60
N LEU A 409 33.09 -27.35 -20.79
CA LEU A 409 31.85 -26.83 -20.27
C LEU A 409 32.16 -25.95 -19.06
N VAL A 410 31.97 -24.64 -19.20
CA VAL A 410 32.23 -23.67 -18.14
C VAL A 410 30.91 -23.23 -17.51
N ALA A 411 30.72 -23.57 -16.24
CA ALA A 411 29.52 -23.22 -15.47
C ALA A 411 29.81 -23.29 -13.96
N HIS A 412 28.91 -22.70 -13.18
CA HIS A 412 29.00 -22.69 -11.71
C HIS A 412 27.89 -23.48 -11.04
N GLY A 413 26.63 -23.12 -11.28
CA GLY A 413 25.48 -23.85 -10.78
C GLY A 413 25.27 -23.98 -9.28
N ARG A 414 24.17 -24.67 -8.90
CA ARG A 414 23.88 -24.94 -7.50
C ARG A 414 23.36 -26.37 -7.33
N GLY A 415 23.61 -27.26 -8.29
CA GLY A 415 23.07 -28.60 -8.19
C GLY A 415 23.73 -29.46 -7.15
N ILE A 416 24.99 -29.15 -6.79
CA ILE A 416 25.73 -29.95 -5.81
C ILE A 416 25.05 -29.86 -4.46
N GLU A 417 24.69 -28.64 -4.06
CA GLU A 417 23.99 -28.42 -2.80
C GLU A 417 22.63 -29.08 -2.81
N ASP A 418 21.95 -29.10 -3.94
CA ASP A 418 20.68 -29.79 -4.03
C ASP A 418 20.87 -31.30 -3.90
N VAL A 419 21.99 -31.83 -4.42
CA VAL A 419 22.25 -33.26 -4.29
C VAL A 419 22.62 -33.61 -2.87
N VAL A 420 23.55 -32.87 -2.27
CA VAL A 420 23.97 -33.20 -0.92
C VAL A 420 22.91 -32.88 0.11
N ASP A 421 21.94 -32.02 -0.25
CA ASP A 421 20.86 -31.69 0.66
C ASP A 421 19.60 -32.48 0.36
N PHE A 422 19.52 -33.09 -0.81
CA PHE A 422 18.34 -33.85 -1.18
C PHE A 422 18.61 -35.33 -1.33
N VAL A 423 19.80 -35.73 -1.71
CA VAL A 423 20.16 -37.14 -1.86
C VAL A 423 21.00 -37.52 -0.65
N PRO A 424 20.65 -38.58 0.07
CA PRO A 424 21.45 -38.98 1.24
C PRO A 424 22.84 -39.46 0.82
N ASN A 425 23.67 -39.68 1.84
CA ASN A 425 25.05 -40.16 1.70
C ASN A 425 25.92 -39.19 0.89
N ARG A 426 25.51 -37.93 0.79
CA ARG A 426 26.26 -36.93 0.05
C ARG A 426 26.53 -35.76 0.96
N SER A 427 27.74 -35.20 0.87
CA SER A 427 28.09 -34.08 1.71
C SER A 427 28.97 -33.12 0.93
N HIS A 428 29.32 -32.01 1.59
CA HIS A 428 30.16 -31.02 0.95
C HIS A 428 31.60 -31.42 0.96
N HIS A 429 31.97 -32.37 1.83
CA HIS A 429 33.33 -32.83 1.85
C HIS A 429 33.65 -33.62 0.62
N ARG A 430 32.62 -34.18 -0.02
CA ARG A 430 32.80 -34.94 -1.26
C ARG A 430 31.84 -34.35 -2.27
N PRO A 431 32.21 -33.21 -2.86
CA PRO A 431 31.33 -32.59 -3.84
C PRO A 431 31.35 -33.28 -5.17
N ALA A 432 32.44 -33.98 -5.50
CA ALA A 432 32.56 -34.67 -6.78
C ALA A 432 31.53 -35.77 -6.88
N GLU A 433 31.27 -36.44 -5.75
CA GLU A 433 30.24 -37.47 -5.71
C GLU A 433 28.88 -36.88 -6.03
N ALA A 434 28.64 -35.66 -5.57
CA ALA A 434 27.42 -34.97 -5.98
C ALA A 434 27.49 -34.56 -7.44
N MET A 435 28.69 -34.27 -7.96
CA MET A 435 28.86 -33.91 -9.37
C MET A 435 28.70 -35.08 -10.33
N VAL A 436 28.81 -36.32 -9.86
CA VAL A 436 28.61 -37.48 -10.72
C VAL A 436 27.15 -37.57 -11.15
N GLU A 437 26.24 -37.28 -10.23
CA GLU A 437 24.81 -37.28 -10.54
C GLU A 437 24.47 -36.22 -11.56
N LEU A 438 25.09 -35.03 -11.42
CA LEU A 438 24.89 -33.99 -12.41
C LEU A 438 25.54 -34.32 -13.74
N LEU A 439 26.58 -35.14 -13.72
CA LEU A 439 27.24 -35.52 -14.96
C LEU A 439 26.40 -36.51 -15.74
N LYS A 440 25.79 -37.47 -15.05
CA LYS A 440 24.96 -38.49 -15.67
C LYS A 440 23.54 -38.01 -15.99
N LEU A 441 23.29 -36.70 -15.95
CA LEU A 441 21.96 -36.19 -16.28
C LEU A 441 22.02 -35.21 -17.43
N ARG A 442 23.22 -34.77 -17.83
CA ARG A 442 23.45 -33.83 -18.93
C ARG A 442 22.80 -32.49 -18.65
N HIS A 443 22.60 -32.14 -17.40
CA HIS A 443 22.00 -30.88 -17.05
C HIS A 443 22.83 -30.28 -15.93
N ILE A 444 22.65 -28.97 -15.74
CA ILE A 444 23.43 -28.25 -14.75
C ILE A 444 22.71 -28.16 -13.42
N ALA A 445 21.54 -27.53 -13.40
CA ALA A 445 20.78 -27.35 -12.17
C ALA A 445 19.30 -27.55 -12.45
N PRO A 446 18.84 -28.80 -12.47
CA PRO A 446 17.41 -29.03 -12.74
C PRO A 446 16.55 -28.76 -11.52
N THR A 447 17.10 -28.84 -10.30
CA THR A 447 16.32 -28.63 -9.09
C THR A 447 15.93 -27.17 -8.92
N PHE A 448 14.64 -26.91 -8.82
CA PHE A 448 14.09 -25.58 -8.62
C PHE A 448 13.69 -25.40 -7.16
N GLY A 449 13.83 -24.19 -6.69
CA GLY A 449 13.50 -23.88 -5.32
C GLY A 449 14.71 -23.55 -4.51
N ASN A 450 15.89 -23.75 -5.07
CA ASN A 450 17.11 -23.41 -4.37
C ASN A 450 17.31 -21.91 -4.41
N LYS A 451 18.43 -21.44 -3.85
CA LYS A 451 18.65 -20.00 -3.74
C LYS A 451 19.25 -19.42 -5.01
N VAL A 452 18.61 -19.65 -6.14
CA VAL A 452 19.06 -19.07 -7.40
C VAL A 452 17.86 -18.98 -8.35
N PRO A 453 17.65 -17.81 -8.96
CA PRO A 453 16.53 -17.67 -9.87
C PRO A 453 16.87 -18.29 -11.21
N ILE A 454 15.86 -18.91 -11.81
CA ILE A 454 16.00 -19.52 -13.11
C ILE A 454 15.12 -18.77 -14.09
N ALA A 455 15.71 -18.26 -15.17
CA ALA A 455 14.93 -17.50 -16.15
C ALA A 455 14.36 -18.44 -17.20
N PRO A 456 13.06 -18.38 -17.50
CA PRO A 456 12.50 -19.29 -18.51
C PRO A 456 12.89 -18.87 -19.91
N ASP A 457 13.32 -19.84 -20.68
CA ASP A 457 13.72 -19.63 -22.06
C ASP A 457 13.01 -20.65 -22.92
N PRO A 458 12.68 -20.28 -24.15
CA PRO A 458 11.99 -21.23 -25.03
C PRO A 458 12.85 -22.43 -25.39
N GLU A 459 14.17 -22.30 -25.36
CA GLU A 459 15.07 -23.39 -25.64
C GLU A 459 15.96 -23.68 -24.45
N ASP A 460 15.94 -24.94 -23.99
CA ASP A 460 16.78 -25.33 -22.87
C ASP A 460 18.22 -25.42 -23.34
N THR A 461 19.07 -24.54 -22.81
CA THR A 461 20.49 -24.50 -23.18
C THR A 461 21.35 -25.31 -22.22
N LEU A 462 20.91 -25.54 -20.99
CA LEU A 462 21.66 -26.27 -19.98
C LEU A 462 21.76 -27.75 -20.25
N VAL A 463 21.25 -28.23 -21.36
CA VAL A 463 21.30 -29.63 -21.71
C VAL A 463 22.63 -29.88 -22.41
N ILE A 464 23.39 -30.86 -21.92
CA ILE A 464 24.70 -31.17 -22.49
C ILE A 464 24.44 -32.09 -23.67
N GLU A 465 24.42 -31.54 -24.89
CA GLU A 465 24.15 -32.34 -26.07
C GLU A 465 25.36 -33.14 -26.46
N SER A 466 26.46 -32.45 -26.73
CA SER A 466 27.67 -33.12 -27.13
C SER A 466 28.35 -33.69 -25.90
N VAL A 467 29.23 -34.63 -26.15
CA VAL A 467 29.98 -35.31 -25.09
C VAL A 467 30.90 -34.28 -24.44
N PRO A 468 30.72 -33.98 -23.17
CA PRO A 468 31.58 -32.98 -22.57
C PRO A 468 32.89 -33.63 -22.20
N ASP A 469 33.96 -32.87 -22.34
CA ASP A 469 35.28 -33.35 -21.99
C ASP A 469 35.67 -32.90 -20.59
N LEU A 470 35.11 -31.78 -20.17
CA LEU A 470 35.36 -31.24 -18.85
C LEU A 470 34.05 -30.72 -18.30
N PHE A 471 33.86 -30.93 -16.99
CA PHE A 471 32.67 -30.51 -16.29
C PHE A 471 33.13 -29.64 -15.12
N GLN A 472 32.73 -28.37 -15.13
CA GLN A 472 33.14 -27.40 -14.13
C GLN A 472 31.97 -27.03 -13.23
N ALA A 473 32.22 -26.97 -11.93
CA ALA A 473 31.21 -26.58 -10.96
C ALA A 473 31.92 -25.96 -9.77
N GLY A 474 31.16 -25.74 -8.70
CA GLY A 474 31.74 -25.18 -7.50
C GLY A 474 30.67 -24.85 -6.48
N HIS A 475 30.79 -23.67 -5.89
CA HIS A 475 29.92 -23.11 -4.87
C HIS A 475 29.95 -23.90 -3.55
N VAL A 476 30.86 -24.86 -3.41
CA VAL A 476 31.02 -25.62 -2.17
C VAL A 476 32.37 -25.43 -1.51
N HIS A 477 33.35 -24.84 -2.20
CA HIS A 477 34.67 -24.49 -1.66
C HIS A 477 35.47 -25.69 -1.20
N VAL A 478 35.21 -26.87 -1.78
CA VAL A 478 35.94 -28.09 -1.48
C VAL A 478 36.37 -28.66 -2.82
N MET A 479 37.66 -28.84 -3.00
CA MET A 479 38.19 -29.31 -4.27
C MET A 479 38.42 -30.80 -4.21
N GLN A 480 37.93 -31.51 -5.22
CA GLN A 480 38.11 -32.94 -5.31
C GLN A 480 38.29 -33.32 -6.76
N TYR A 481 39.05 -34.37 -7.00
CA TYR A 481 39.35 -34.91 -8.32
C TYR A 481 38.69 -36.27 -8.48
N LYS A 482 37.93 -36.43 -9.57
CA LYS A 482 37.24 -37.68 -9.85
C LYS A 482 36.94 -37.79 -11.33
N THR A 483 37.26 -38.91 -11.94
CA THR A 483 36.98 -39.16 -13.35
C THR A 483 35.86 -40.20 -13.48
N TYR A 484 34.79 -39.85 -14.19
CA TYR A 484 33.59 -40.69 -14.37
C TYR A 484 33.39 -41.02 -15.85
N ASN A 485 33.61 -42.29 -16.21
CA ASN A 485 33.47 -42.83 -17.57
C ASN A 485 34.32 -42.02 -18.56
N GLY A 486 35.57 -41.80 -18.17
CA GLY A 486 36.51 -41.02 -18.95
C GLY A 486 36.29 -39.53 -18.90
N VAL A 487 35.26 -39.08 -18.21
CA VAL A 487 34.98 -37.66 -18.10
C VAL A 487 35.72 -37.10 -16.89
N PHE A 488 36.39 -35.97 -17.08
CA PHE A 488 37.20 -35.34 -16.05
C PHE A 488 36.32 -34.48 -15.15
N VAL A 489 36.30 -34.79 -13.86
CA VAL A 489 35.50 -34.11 -12.86
C VAL A 489 36.42 -33.54 -11.79
N ILE A 490 36.34 -32.22 -11.58
CA ILE A 490 37.17 -31.58 -10.56
C ILE A 490 36.46 -30.30 -10.14
N ASN A 491 36.84 -29.77 -8.98
CA ASN A 491 36.31 -28.52 -8.47
C ASN A 491 37.37 -27.44 -8.63
N THR A 492 37.01 -26.20 -8.27
CA THR A 492 37.89 -25.05 -8.43
C THR A 492 38.33 -24.38 -7.13
N GLY A 493 37.70 -24.68 -5.98
CA GLY A 493 38.08 -24.08 -4.72
C GLY A 493 37.63 -22.64 -4.57
N THR A 494 38.21 -21.96 -3.58
CA THR A 494 37.89 -20.55 -3.28
C THR A 494 39.17 -19.77 -2.99
N TRP A 495 38.99 -18.48 -2.68
CA TRP A 495 40.11 -17.58 -2.37
C TRP A 495 39.85 -16.69 -1.17
N GLN A 496 38.95 -17.09 -0.29
CA GLN A 496 38.63 -16.31 0.89
C GLN A 496 38.70 -17.22 2.08
N ALA A 497 38.87 -16.61 3.24
CA ALA A 497 38.92 -17.39 4.44
C ALA A 497 37.50 -17.76 4.86
N GLN A 498 37.39 -18.57 5.90
CA GLN A 498 36.10 -19.00 6.40
C GLN A 498 35.39 -17.86 7.10
N THR A 499 34.14 -17.65 6.76
CA THR A 499 33.41 -16.58 7.41
C THR A 499 32.48 -17.18 8.44
N GLU A 500 31.84 -16.28 9.17
CA GLU A 500 30.90 -16.69 10.20
C GLU A 500 29.69 -17.30 9.56
N PHE A 501 29.30 -16.82 8.38
CA PHE A 501 28.17 -17.38 7.68
C PHE A 501 28.50 -18.79 7.25
N GLN A 502 29.73 -19.01 6.78
CA GLN A 502 30.17 -20.34 6.43
C GLN A 502 30.31 -21.19 7.66
N LYS A 503 30.57 -20.55 8.78
CA LYS A 503 30.70 -21.28 10.02
C LYS A 503 29.35 -21.70 10.58
N MET A 504 28.32 -20.88 10.38
CA MET A 504 26.99 -21.17 10.91
C MET A 504 26.22 -22.20 10.11
N VAL A 505 26.75 -22.63 8.96
CA VAL A 505 26.07 -23.61 8.14
C VAL A 505 26.81 -24.91 8.08
N ASN A 506 27.94 -25.01 8.79
CA ASN A 506 28.74 -26.21 8.96
C ASN A 506 29.31 -26.66 7.61
N ILE A 507 30.05 -25.75 6.98
CA ILE A 507 30.82 -26.04 5.77
C ILE A 507 32.21 -25.45 5.92
N ILE A 508 33.22 -26.30 5.74
CA ILE A 508 34.63 -25.90 5.87
C ILE A 508 35.15 -25.59 4.47
N PRO A 509 35.49 -24.33 4.17
CA PRO A 509 36.00 -24.01 2.84
C PRO A 509 37.44 -24.46 2.72
N THR A 510 37.91 -24.55 1.49
CA THR A 510 39.28 -24.94 1.17
C THR A 510 39.85 -23.83 0.30
N PRO A 511 40.37 -22.75 0.87
CA PRO A 511 40.92 -21.68 0.05
C PRO A 511 42.30 -22.03 -0.49
N ALA A 512 42.73 -21.20 -1.45
CA ALA A 512 44.06 -21.28 -2.08
C ALA A 512 44.28 -22.65 -2.71
N ARG A 513 43.29 -23.08 -3.48
CA ARG A 513 43.34 -24.34 -4.21
C ARG A 513 43.42 -24.01 -5.67
N VAL A 514 44.56 -24.32 -6.28
CA VAL A 514 44.80 -24.02 -7.68
C VAL A 514 45.02 -25.33 -8.43
N PRO A 515 44.00 -25.93 -9.01
CA PRO A 515 44.20 -27.17 -9.79
C PRO A 515 44.75 -26.85 -11.17
N ILE A 516 45.87 -27.49 -11.48
CA ILE A 516 46.51 -27.35 -12.78
C ILE A 516 46.14 -28.55 -13.61
N ILE A 517 45.29 -28.35 -14.59
CA ILE A 517 44.78 -29.45 -15.37
C ILE A 517 45.46 -29.40 -16.73
N ASP A 518 45.39 -30.51 -17.43
CA ASP A 518 45.97 -30.61 -18.74
C ASP A 518 44.87 -30.55 -19.78
N VAL A 519 45.14 -29.84 -20.88
CA VAL A 519 44.17 -29.68 -21.96
C VAL A 519 44.26 -30.82 -22.96
N GLU A 520 45.47 -31.31 -23.22
CA GLU A 520 45.68 -32.39 -24.17
C GLU A 520 45.06 -33.69 -23.65
N THR A 521 45.51 -34.13 -22.47
CA THR A 521 45.00 -35.35 -21.88
C THR A 521 43.65 -35.19 -21.21
N ALA A 522 43.19 -33.94 -21.03
CA ALA A 522 41.90 -33.60 -20.40
C ALA A 522 41.80 -34.21 -19.00
N ARG A 523 42.90 -34.16 -18.26
CA ARG A 523 42.96 -34.70 -16.92
C ARG A 523 43.77 -33.77 -16.05
N LEU A 524 43.66 -34.02 -14.76
CA LEU A 524 44.36 -33.24 -13.78
C LEU A 524 45.84 -33.58 -13.87
N ARG A 525 46.65 -32.54 -13.99
CA ARG A 525 48.08 -32.72 -14.10
C ARG A 525 48.80 -32.48 -12.78
N ALA A 526 48.53 -31.35 -12.12
CA ALA A 526 49.16 -31.00 -10.87
C ALA A 526 48.16 -30.25 -10.00
N VAL A 527 48.46 -30.17 -8.70
CA VAL A 527 47.63 -29.46 -7.73
C VAL A 527 48.52 -28.48 -6.97
N VAL A 528 48.11 -27.22 -6.93
CA VAL A 528 48.82 -26.16 -6.23
C VAL A 528 48.04 -25.75 -5.00
N ARG A 529 48.66 -25.88 -3.85
CA ARG A 529 48.02 -25.57 -2.58
C ARG A 529 48.79 -24.46 -1.89
N PHE A 530 48.14 -23.32 -1.71
CA PHE A 530 48.76 -22.21 -1.01
C PHE A 530 48.06 -22.04 0.32
N ASP A 531 47.69 -23.16 0.94
CA ASP A 531 46.99 -23.12 2.21
C ASP A 531 47.89 -22.65 3.34
N GLN A 532 49.20 -22.64 3.12
CA GLN A 532 50.12 -22.18 4.15
C GLN A 532 49.92 -20.69 4.39
N PHE A 533 49.65 -19.94 3.33
CA PHE A 533 49.42 -18.51 3.44
C PHE A 533 48.01 -18.21 3.91
N CYS A 534 47.09 -19.15 3.81
CA CYS A 534 45.71 -18.96 4.22
C CYS A 534 45.49 -19.53 5.61
N GLU A 535 44.24 -19.47 6.05
CA GLU A 535 43.87 -19.97 7.35
C GLU A 535 43.80 -21.49 7.31
N GLY A 536 44.15 -22.10 8.44
CA GLY A 536 44.14 -23.55 8.53
C GLY A 536 42.71 -24.01 8.70
N VAL A 537 42.32 -24.98 7.89
CA VAL A 537 40.98 -25.51 7.93
C VAL A 537 40.84 -26.46 9.13
N PRO B 8 -15.50 13.05 52.21
CA PRO B 8 -16.85 12.49 52.17
C PRO B 8 -17.44 12.61 50.78
N GLU B 9 -16.93 13.52 49.95
CA GLU B 9 -17.45 13.68 48.60
C GLU B 9 -17.12 12.45 47.77
N MET B 10 -15.84 12.10 47.74
CA MET B 10 -15.41 10.92 46.99
C MET B 10 -15.95 9.66 47.65
N LYS B 11 -16.11 9.71 48.97
CA LYS B 11 -16.70 8.58 49.68
C LYS B 11 -18.19 8.42 49.34
N ALA B 12 -18.92 9.55 49.26
CA ALA B 12 -20.32 9.49 48.85
C ALA B 12 -20.47 9.06 47.39
N TYR B 13 -19.53 9.49 46.54
CA TYR B 13 -19.52 9.04 45.16
C TYR B 13 -19.27 7.55 45.06
N PHE B 14 -18.40 7.02 45.91
CA PHE B 14 -18.17 5.59 45.97
C PHE B 14 -19.43 4.85 46.43
N GLU B 15 -20.19 5.48 47.33
CA GLU B 15 -21.46 4.91 47.79
C GLU B 15 -22.48 4.89 46.67
N SER B 16 -22.50 5.94 45.85
CA SER B 16 -23.39 5.98 44.70
C SER B 16 -23.02 4.91 43.69
N LEU B 17 -21.72 4.74 43.44
CA LEU B 17 -21.26 3.67 42.57
C LEU B 17 -21.65 2.31 43.11
N GLN B 18 -21.55 2.14 44.43
CA GLN B 18 -21.94 0.88 45.04
C GLN B 18 -23.43 0.63 44.91
N ARG B 19 -24.25 1.68 44.98
CA ARG B 19 -25.70 1.52 44.79
C ARG B 19 -26.02 1.13 43.36
N GLU B 20 -25.33 1.74 42.40
CA GLU B 20 -25.54 1.41 41.00
C GLU B 20 -25.14 -0.02 40.69
N ILE B 21 -24.04 -0.48 41.30
CA ILE B 21 -23.60 -1.85 41.11
C ILE B 21 -24.57 -2.81 41.78
N ASP B 22 -25.16 -2.39 42.90
CA ASP B 22 -26.18 -3.22 43.55
C ASP B 22 -27.44 -3.34 42.69
N ARG B 23 -27.81 -2.24 42.01
CA ARG B 23 -28.95 -2.29 41.11
C ARG B 23 -28.66 -3.18 39.90
N ALA B 24 -27.45 -3.05 39.34
CA ALA B 24 -27.06 -3.90 38.22
C ALA B 24 -26.97 -5.37 38.62
N TYR B 25 -26.63 -5.63 39.88
CA TYR B 25 -26.64 -7.00 40.37
C TYR B 25 -28.05 -7.50 40.59
N ALA B 26 -28.96 -6.61 40.98
CA ALA B 26 -30.35 -6.99 41.15
C ALA B 26 -30.98 -7.36 39.81
N ILE B 27 -30.72 -6.55 38.78
CA ILE B 27 -31.20 -6.86 37.44
C ILE B 27 -30.52 -8.11 36.91
N ALA B 28 -29.23 -8.29 37.23
CA ALA B 28 -28.49 -9.45 36.77
C ALA B 28 -28.99 -10.73 37.42
N ARG B 29 -29.55 -10.63 38.62
CA ARG B 29 -30.12 -11.79 39.29
C ARG B 29 -31.55 -12.07 38.84
N LYS B 30 -32.35 -11.02 38.62
CA LYS B 30 -33.70 -11.23 38.12
C LYS B 30 -33.72 -11.77 36.70
N ALA B 31 -32.74 -11.37 35.89
CA ALA B 31 -32.63 -11.88 34.53
C ALA B 31 -31.84 -13.18 34.47
N ARG B 32 -30.81 -13.32 35.32
CA ARG B 32 -30.01 -14.53 35.36
C ARG B 32 -30.78 -15.69 35.97
N ALA B 33 -31.73 -15.38 36.84
CA ALA B 33 -32.53 -16.41 37.51
C ALA B 33 -33.43 -17.16 36.54
N GLN B 34 -33.64 -16.62 35.34
CA GLN B 34 -34.46 -17.27 34.34
C GLN B 34 -33.82 -18.54 33.80
N GLY B 35 -32.50 -18.67 33.89
CA GLY B 35 -31.84 -19.86 33.45
C GLY B 35 -31.46 -19.85 31.99
N LYS B 36 -31.60 -18.72 31.31
CA LYS B 36 -31.24 -18.62 29.90
C LYS B 36 -29.76 -18.50 29.66
N ASP B 37 -28.97 -18.37 30.72
CA ASP B 37 -27.53 -18.27 30.66
C ASP B 37 -26.89 -19.43 31.42
N PRO B 38 -25.66 -19.84 31.03
CA PRO B 38 -25.02 -20.96 31.74
C PRO B 38 -24.53 -20.59 33.15
N SER B 39 -25.43 -20.07 33.98
CA SER B 39 -25.18 -19.64 35.35
C SER B 39 -26.50 -19.39 36.05
N PHE B 40 -26.49 -19.57 37.36
CA PHE B 40 -27.63 -19.29 38.23
C PHE B 40 -27.52 -17.90 38.83
N ASP B 41 -26.37 -17.60 39.40
CA ASP B 41 -26.10 -16.31 40.01
C ASP B 41 -25.06 -15.57 39.20
N VAL B 42 -24.68 -14.41 39.72
CA VAL B 42 -23.68 -13.58 39.08
C VAL B 42 -22.33 -14.26 39.27
N GLU B 43 -21.69 -14.61 38.16
CA GLU B 43 -20.43 -15.33 38.24
C GLU B 43 -19.29 -14.40 38.64
N VAL B 44 -19.29 -13.17 38.12
CA VAL B 44 -18.22 -12.21 38.33
C VAL B 44 -18.39 -11.45 39.65
N PRO B 45 -17.43 -11.57 40.57
CA PRO B 45 -17.50 -10.82 41.82
C PRO B 45 -16.75 -9.50 41.72
N GLN B 46 -16.90 -8.71 42.77
CA GLN B 46 -16.22 -7.43 42.90
C GLN B 46 -15.10 -7.57 43.91
N ALA B 47 -14.05 -6.78 43.73
CA ALA B 47 -12.90 -6.80 44.61
C ALA B 47 -12.83 -5.48 45.34
N THR B 48 -12.50 -5.55 46.63
CA THR B 48 -12.42 -4.36 47.44
C THR B 48 -11.06 -3.69 47.28
N ASP B 49 -10.01 -4.47 47.31
CA ASP B 49 -8.66 -3.93 47.21
C ASP B 49 -7.79 -4.97 46.51
N MET B 50 -6.47 -4.81 46.64
CA MET B 50 -5.51 -5.73 46.04
C MET B 50 -5.67 -7.15 46.58
N ALA B 51 -6.15 -7.29 47.82
CA ALA B 51 -6.38 -8.61 48.40
C ALA B 51 -7.40 -9.41 47.62
N GLY B 52 -8.44 -8.74 47.12
CA GLY B 52 -9.42 -9.42 46.30
C GLY B 52 -8.89 -9.73 44.92
N ARG B 53 -7.95 -8.90 44.44
CA ARG B 53 -7.37 -9.12 43.12
C ARG B 53 -6.33 -10.23 43.12
N VAL B 54 -5.66 -10.46 44.25
CA VAL B 54 -4.71 -11.56 44.33
C VAL B 54 -5.43 -12.89 44.26
N GLU B 55 -6.56 -12.98 44.96
CA GLU B 55 -7.33 -14.21 44.95
C GLU B 55 -8.03 -14.47 43.65
N SER B 56 -7.96 -13.54 42.71
CA SER B 56 -8.63 -13.71 41.43
C SER B 56 -7.92 -14.77 40.60
N LEU B 57 -6.59 -14.90 40.77
CA LEU B 57 -5.80 -15.79 39.94
C LEU B 57 -5.87 -17.23 40.40
N VAL B 58 -5.37 -17.51 41.60
CA VAL B 58 -5.33 -18.89 42.08
C VAL B 58 -5.88 -18.92 43.49
N GLY B 59 -6.07 -17.75 44.07
CA GLY B 59 -6.54 -17.68 45.41
C GLY B 59 -5.38 -17.44 46.34
N PRO B 60 -5.36 -18.16 47.48
CA PRO B 60 -6.37 -19.11 47.96
C PRO B 60 -7.60 -18.37 48.50
N PRO B 61 -8.72 -19.06 48.58
CA PRO B 61 -9.93 -18.41 49.08
C PRO B 61 -9.89 -18.17 50.58
N GLY B 62 -9.29 -17.05 50.99
CA GLY B 62 -9.19 -16.72 52.39
C GLY B 62 -7.88 -16.05 52.76
N VAL B 63 -7.00 -15.90 51.77
CA VAL B 63 -5.72 -15.23 52.01
C VAL B 63 -5.86 -13.72 52.01
N ALA B 64 -7.03 -13.18 51.63
CA ALA B 64 -7.24 -11.73 51.57
C ALA B 64 -7.07 -11.05 52.92
N GLU B 65 -7.46 -11.73 53.99
CA GLU B 65 -7.28 -11.18 55.34
C GLU B 65 -5.80 -11.06 55.67
N ARG B 66 -5.02 -12.10 55.36
CA ARG B 66 -3.58 -12.07 55.60
C ARG B 66 -2.89 -11.05 54.71
N ILE B 67 -3.44 -10.80 53.52
CA ILE B 67 -2.89 -9.76 52.64
C ILE B 67 -3.13 -8.39 53.24
N ARG B 68 -4.35 -8.15 53.73
CA ARG B 68 -4.66 -6.85 54.31
C ARG B 68 -3.93 -6.64 55.63
N GLU B 69 -3.63 -7.72 56.35
CA GLU B 69 -2.98 -7.63 57.64
C GLU B 69 -1.46 -7.70 57.56
N LEU B 70 -0.90 -8.21 56.48
CA LEU B 70 0.54 -8.36 56.38
C LEU B 70 1.19 -7.47 55.34
N VAL B 71 0.50 -7.24 54.22
CA VAL B 71 1.05 -6.39 53.17
C VAL B 71 1.11 -4.95 53.63
N LYS B 72 0.07 -4.49 54.33
CA LYS B 72 0.05 -3.13 54.82
C LYS B 72 1.09 -2.93 55.91
N GLU B 73 1.32 -3.96 56.72
CA GLU B 73 2.25 -3.82 57.84
C GLU B 73 3.69 -4.03 57.39
N TYR B 74 3.98 -5.21 56.86
CA TYR B 74 5.34 -5.60 56.56
C TYR B 74 5.74 -5.33 55.13
N GLY B 75 4.79 -5.17 54.26
CA GLY B 75 5.15 -4.98 52.87
C GLY B 75 4.94 -6.29 52.14
N LYS B 76 4.68 -6.19 50.84
CA LYS B 76 4.40 -7.36 50.04
C LYS B 76 5.59 -8.29 49.92
N GLU B 77 6.82 -7.78 50.06
CA GLU B 77 8.00 -8.61 49.97
C GLU B 77 8.05 -9.58 51.13
N ILE B 78 7.79 -9.07 52.33
CA ILE B 78 7.79 -9.94 53.50
C ILE B 78 6.48 -10.69 53.64
N ALA B 79 5.37 -10.03 53.31
CA ALA B 79 4.07 -10.69 53.42
C ALA B 79 3.93 -11.84 52.45
N ALA B 80 4.55 -11.72 51.28
CA ALA B 80 4.56 -12.82 50.30
C ALA B 80 5.27 -14.03 50.86
N LEU B 81 6.42 -13.82 51.47
CA LEU B 81 7.16 -14.91 52.10
C LEU B 81 6.37 -15.50 53.27
N LYS B 82 5.62 -14.66 53.98
CA LYS B 82 4.78 -15.14 55.07
C LYS B 82 3.65 -16.00 54.56
N VAL B 83 3.07 -15.63 53.42
CA VAL B 83 2.01 -16.43 52.81
C VAL B 83 2.56 -17.76 52.28
N VAL B 84 3.77 -17.73 51.71
CA VAL B 84 4.44 -18.95 51.27
C VAL B 84 4.66 -19.87 52.46
N ASP B 85 5.04 -19.28 53.58
CA ASP B 85 5.22 -20.05 54.79
C ASP B 85 3.89 -20.62 55.26
N GLU B 86 2.80 -19.86 55.10
CA GLU B 86 1.48 -20.37 55.50
C GLU B 86 1.01 -21.49 54.59
N ILE B 87 1.33 -21.43 53.30
CA ILE B 87 0.89 -22.47 52.39
C ILE B 87 1.71 -23.73 52.60
N ILE B 88 3.04 -23.58 52.73
CA ILE B 88 3.91 -24.74 52.86
C ILE B 88 3.67 -25.43 54.20
N GLU B 89 3.53 -24.65 55.26
CA GLU B 89 3.28 -25.24 56.57
C GLU B 89 1.87 -25.81 56.69
N GLY B 90 0.99 -25.60 55.71
CA GLY B 90 -0.34 -26.18 55.74
C GLY B 90 -1.29 -25.43 56.64
N LYS B 91 -1.50 -24.14 56.36
CA LYS B 91 -2.42 -23.34 57.15
C LYS B 91 -3.72 -23.05 56.42
N PHE B 92 -3.78 -23.33 55.13
CA PHE B 92 -4.97 -23.09 54.37
C PHE B 92 -5.68 -24.38 54.02
N GLY B 93 -5.09 -25.51 54.32
CA GLY B 93 -5.68 -26.79 54.03
C GLY B 93 -4.64 -27.73 53.46
N ASP B 94 -4.93 -29.03 53.55
CA ASP B 94 -4.04 -30.06 53.05
C ASP B 94 -4.19 -30.14 51.55
N LEU B 95 -3.16 -29.73 50.83
CA LEU B 95 -3.23 -29.75 49.38
C LEU B 95 -2.78 -31.10 48.82
N GLY B 96 -1.71 -31.68 49.32
CA GLY B 96 -1.25 -32.94 48.79
C GLY B 96 0.26 -33.06 48.75
N SER B 97 0.80 -33.35 47.57
CA SER B 97 2.25 -33.47 47.44
C SER B 97 2.89 -32.08 47.51
N LYS B 98 4.22 -32.08 47.58
CA LYS B 98 4.98 -30.83 47.67
C LYS B 98 4.87 -29.99 46.41
N GLU B 99 4.56 -30.62 45.29
CA GLU B 99 4.39 -29.89 44.04
C GLU B 99 3.18 -28.98 44.11
N LYS B 100 2.11 -29.41 44.81
CA LYS B 100 0.92 -28.58 44.95
C LYS B 100 1.15 -27.39 45.88
N TYR B 101 1.84 -27.62 46.99
CA TYR B 101 2.14 -26.53 47.91
C TYR B 101 3.10 -25.54 47.29
N ALA B 102 4.08 -26.06 46.54
CA ALA B 102 5.02 -25.19 45.85
C ALA B 102 4.33 -24.43 44.72
N GLU B 103 3.39 -25.10 44.03
CA GLU B 103 2.65 -24.43 42.96
C GLU B 103 1.76 -23.31 43.50
N GLN B 104 0.98 -23.59 44.55
CA GLN B 104 0.14 -22.55 45.16
C GLN B 104 0.98 -21.45 45.79
N ALA B 105 2.18 -21.77 46.25
CA ALA B 105 3.04 -20.75 46.84
C ALA B 105 3.61 -19.84 45.75
N VAL B 106 4.06 -20.40 44.63
CA VAL B 106 4.62 -19.59 43.55
C VAL B 106 3.53 -18.76 42.87
N ARG B 107 2.38 -19.37 42.58
CA ARG B 107 1.30 -18.66 41.92
C ARG B 107 0.69 -17.62 42.83
N THR B 108 0.47 -18.00 44.09
CA THR B 108 -0.10 -17.09 45.05
C THR B 108 0.84 -15.94 45.37
N ALA B 109 2.11 -16.27 45.68
CA ALA B 109 3.12 -15.25 45.98
C ALA B 109 3.37 -14.35 44.78
N LEU B 110 3.32 -14.93 43.58
CA LEU B 110 3.45 -14.17 42.36
C LEU B 110 2.26 -13.23 42.20
N ALA B 111 1.08 -13.70 42.59
CA ALA B 111 -0.11 -12.84 42.54
C ALA B 111 -0.03 -11.72 43.57
N ILE B 112 0.64 -11.96 44.71
CA ILE B 112 0.78 -10.94 45.75
C ILE B 112 1.82 -9.89 45.37
N LEU B 113 2.99 -10.33 44.88
CA LEU B 113 4.07 -9.39 44.54
C LEU B 113 3.70 -8.52 43.35
N THR B 114 3.04 -9.10 42.36
CA THR B 114 2.63 -8.36 41.19
C THR B 114 1.30 -7.68 41.37
N GLU B 115 0.65 -7.86 42.52
CA GLU B 115 -0.65 -7.26 42.88
C GLU B 115 -1.73 -7.65 41.89
N GLY B 116 -1.62 -8.86 41.32
CA GLY B 116 -2.61 -9.34 40.38
C GLY B 116 -2.64 -8.59 39.05
N ILE B 117 -1.55 -7.91 38.69
CA ILE B 117 -1.52 -7.15 37.44
C ILE B 117 -1.21 -8.07 36.26
N VAL B 118 -0.37 -9.07 36.47
CA VAL B 118 -0.02 -10.00 35.42
C VAL B 118 -0.87 -11.26 35.54
N SER B 119 -0.97 -11.99 34.43
CA SER B 119 -1.73 -13.22 34.37
C SER B 119 -0.82 -14.44 34.26
N ALA B 120 0.36 -14.32 34.85
CA ALA B 120 1.31 -15.43 34.86
C ALA B 120 0.83 -16.65 35.64
N PRO B 121 0.20 -16.55 36.84
CA PRO B 121 -0.33 -17.77 37.45
C PRO B 121 -1.46 -18.39 36.64
N LEU B 122 -2.11 -17.61 35.78
CA LEU B 122 -3.23 -18.11 34.98
C LEU B 122 -2.83 -18.61 33.60
N GLU B 123 -2.26 -17.75 32.77
CA GLU B 123 -1.90 -18.12 31.41
C GLU B 123 -0.41 -18.14 31.16
N GLY B 124 0.40 -17.65 32.08
CA GLY B 124 1.82 -17.66 31.88
C GLY B 124 2.47 -18.95 32.29
N ILE B 125 2.26 -19.37 33.53
CA ILE B 125 2.84 -20.60 34.06
C ILE B 125 1.86 -21.74 33.84
N ALA B 126 2.32 -22.75 33.12
CA ALA B 126 1.46 -23.89 32.85
C ALA B 126 1.37 -24.76 34.09
N ASP B 127 2.50 -25.28 34.56
CA ASP B 127 2.53 -26.15 35.72
C ASP B 127 3.77 -25.87 36.56
N VAL B 128 3.84 -26.57 37.69
CA VAL B 128 4.98 -26.51 38.60
C VAL B 128 5.25 -27.94 39.03
N LYS B 129 6.41 -28.46 38.65
CA LYS B 129 6.73 -29.85 38.90
C LYS B 129 8.10 -29.96 39.51
N ILE B 130 8.23 -30.77 40.55
CA ILE B 130 9.52 -31.01 41.18
C ILE B 130 10.14 -32.22 40.53
N LYS B 131 11.41 -32.09 40.12
CA LYS B 131 12.11 -33.17 39.44
C LYS B 131 13.41 -33.51 40.13
N ARG B 132 14.22 -34.36 39.50
CA ARG B 132 15.47 -34.79 40.10
C ARG B 132 16.61 -34.62 39.10
N ASN B 133 17.78 -34.23 39.60
CA ASN B 133 18.97 -34.08 38.77
C ASN B 133 19.78 -35.38 38.76
N GLU B 134 19.13 -36.46 38.33
CA GLU B 134 19.76 -37.78 38.32
C GLU B 134 20.96 -37.84 37.39
N TRP B 135 20.94 -37.06 36.32
CA TRP B 135 22.04 -37.10 35.36
C TRP B 135 23.28 -36.42 35.87
N ALA B 136 23.16 -35.60 36.90
CA ALA B 136 24.30 -34.87 37.44
C ALA B 136 24.65 -35.35 38.83
N ASP B 137 23.71 -35.28 39.77
CA ASP B 137 23.99 -35.72 41.13
C ASP B 137 22.90 -36.59 41.71
N GLY B 138 21.66 -36.41 41.24
CA GLY B 138 20.52 -37.13 41.78
C GLY B 138 19.66 -36.31 42.71
N SER B 139 19.96 -35.04 42.88
CA SER B 139 19.16 -34.23 43.79
C SER B 139 17.94 -33.68 43.12
N GLU B 140 16.99 -33.26 43.94
CA GLU B 140 15.75 -32.74 43.43
C GLU B 140 15.91 -31.26 43.18
N TYR B 141 15.00 -30.76 42.36
CA TYR B 141 15.01 -29.36 42.00
C TYR B 141 13.59 -29.03 41.56
N LEU B 142 13.35 -27.76 41.39
CA LEU B 142 12.06 -27.25 41.01
C LEU B 142 12.06 -26.93 39.52
N ALA B 143 10.99 -27.31 38.83
CA ALA B 143 10.85 -27.08 37.41
C ALA B 143 9.55 -26.34 37.16
N LEU B 144 9.63 -25.21 36.48
CA LEU B 144 8.46 -24.41 36.17
C LEU B 144 8.07 -24.65 34.73
N TYR B 145 6.81 -24.94 34.52
CA TYR B 145 6.28 -25.18 33.19
C TYR B 145 5.48 -23.97 32.76
N TYR B 146 5.89 -23.35 31.66
CA TYR B 146 5.21 -22.18 31.16
C TYR B 146 4.27 -22.54 30.02
N ALA B 147 3.20 -21.77 29.92
CA ALA B 147 2.19 -21.97 28.88
C ALA B 147 2.55 -21.10 27.67
N GLY B 148 1.60 -20.97 26.75
CA GLY B 148 1.79 -20.25 25.52
C GLY B 148 2.00 -18.76 25.69
N PRO B 149 0.95 -18.02 26.13
CA PRO B 149 1.09 -16.55 26.25
C PRO B 149 1.99 -16.13 27.39
N ILE B 150 3.19 -15.69 27.02
CA ILE B 150 4.16 -15.27 28.02
C ILE B 150 4.79 -13.92 27.71
N ARG B 151 4.72 -13.41 26.47
CA ARG B 151 5.42 -12.18 26.13
C ARG B 151 4.74 -10.96 26.74
N SER B 152 3.41 -10.97 26.88
CA SER B 152 2.67 -9.82 27.41
C SER B 152 2.65 -9.76 28.92
N SER B 153 3.55 -10.48 29.59
CA SER B 153 3.61 -10.50 31.04
C SER B 153 4.73 -9.65 31.63
N GLY B 154 5.59 -9.05 30.81
CA GLY B 154 6.68 -8.24 31.33
C GLY B 154 7.91 -9.04 31.75
N GLY B 155 9.11 -8.49 31.55
CA GLY B 155 10.33 -9.22 31.87
C GLY B 155 10.71 -9.23 33.34
N THR B 156 10.16 -8.32 34.15
CA THR B 156 10.55 -8.25 35.54
C THR B 156 9.99 -9.41 36.35
N ALA B 157 8.66 -9.54 36.35
CA ALA B 157 7.98 -10.57 37.15
C ALA B 157 8.44 -11.96 36.76
N GLN B 158 8.67 -12.17 35.46
CA GLN B 158 9.17 -13.44 34.95
C GLN B 158 10.48 -13.84 35.60
N ALA B 159 11.27 -12.85 35.99
CA ALA B 159 12.47 -13.14 36.75
C ALA B 159 12.16 -13.37 38.23
N LEU B 160 11.25 -12.55 38.78
CA LEU B 160 10.93 -12.58 40.22
C LEU B 160 10.41 -13.94 40.68
N SER B 161 9.65 -14.62 39.81
CA SER B 161 9.15 -15.97 40.08
C SER B 161 10.26 -16.94 40.45
N VAL B 162 11.36 -16.92 39.69
CA VAL B 162 12.52 -17.75 39.96
C VAL B 162 13.06 -17.50 41.36
N LEU B 163 13.15 -16.22 41.75
CA LEU B 163 13.57 -15.84 43.09
C LEU B 163 12.68 -16.49 44.13
N VAL B 164 11.37 -16.51 43.85
CA VAL B 164 10.40 -17.18 44.71
C VAL B 164 10.78 -18.65 44.85
N GLY B 165 11.17 -19.27 43.72
CA GLY B 165 11.63 -20.64 43.75
C GLY B 165 12.84 -20.82 44.63
N ASP B 166 13.72 -19.82 44.65
CA ASP B 166 14.88 -19.83 45.52
C ASP B 166 14.44 -19.93 46.98
N TYR B 167 13.27 -19.37 47.29
CA TYR B 167 12.71 -19.51 48.62
C TYR B 167 12.00 -20.84 48.78
N VAL B 168 11.35 -21.30 47.71
CA VAL B 168 10.57 -22.53 47.75
C VAL B 168 11.46 -23.68 48.14
N ARG B 169 12.52 -23.88 47.35
CA ARG B 169 13.50 -24.89 47.66
C ARG B 169 14.17 -24.60 48.98
N ARG B 170 14.12 -23.34 49.44
CA ARG B 170 14.64 -23.02 50.75
C ARG B 170 13.70 -23.50 51.81
N LYS B 171 12.40 -23.49 51.53
CA LYS B 171 11.46 -23.93 52.54
C LYS B 171 11.13 -25.40 52.40
N LEU B 172 11.00 -25.90 51.17
CA LEU B 172 10.70 -27.32 51.01
C LEU B 172 11.92 -28.16 51.31
N GLY B 173 13.05 -27.79 50.72
CA GLY B 173 14.26 -28.55 50.94
C GLY B 173 14.77 -29.12 49.64
N LEU B 174 14.47 -28.46 48.53
CA LEU B 174 14.94 -28.97 47.25
C LEU B 174 16.39 -28.57 47.06
N ASP B 175 16.91 -28.79 45.87
CA ASP B 175 18.29 -28.46 45.62
C ASP B 175 18.33 -27.67 44.34
N ARG B 176 19.48 -27.07 44.12
CA ARG B 176 19.69 -26.24 42.96
C ARG B 176 19.82 -27.14 41.73
N PHE B 177 19.34 -26.62 40.61
CA PHE B 177 19.41 -27.31 39.34
C PHE B 177 20.80 -27.20 38.74
N LYS B 178 21.28 -28.31 38.19
CA LYS B 178 22.60 -28.36 37.57
C LYS B 178 22.48 -28.54 36.07
N PRO B 179 22.55 -27.46 35.29
CA PRO B 179 22.47 -27.61 33.83
C PRO B 179 23.71 -28.31 33.32
N SER B 180 23.50 -29.33 32.50
CA SER B 180 24.60 -30.05 31.92
C SER B 180 25.08 -29.28 30.70
N ASP B 181 26.07 -29.84 30.00
CA ASP B 181 26.61 -29.16 28.83
C ASP B 181 25.59 -29.15 27.70
N GLU B 182 24.90 -30.29 27.49
CA GLU B 182 23.91 -30.40 26.43
C GLU B 182 22.73 -29.47 26.66
N HIS B 183 22.34 -29.30 27.93
CA HIS B 183 21.23 -28.41 28.24
C HIS B 183 21.58 -26.96 27.97
N ILE B 184 22.79 -26.54 28.36
CA ILE B 184 23.23 -25.17 28.16
C ILE B 184 23.38 -24.86 26.67
N GLU B 185 24.04 -25.76 25.93
CA GLU B 185 24.22 -25.57 24.48
C GLU B 185 22.89 -25.58 23.74
N ARG B 186 21.94 -26.41 24.19
CA ARG B 186 20.62 -26.41 23.56
C ARG B 186 19.89 -25.10 23.82
N MET B 187 20.02 -24.56 25.05
CA MET B 187 19.40 -23.27 25.35
C MET B 187 20.03 -22.13 24.57
N VAL B 188 21.35 -22.16 24.40
CA VAL B 188 22.05 -21.16 23.59
C VAL B 188 21.59 -21.26 22.14
N GLU B 189 21.43 -22.50 21.66
CA GLU B 189 20.90 -22.72 20.32
C GLU B 189 19.48 -22.17 20.18
N GLU B 190 18.67 -22.31 21.24
CA GLU B 190 17.33 -21.74 21.24
C GLU B 190 17.35 -20.22 21.27
N VAL B 191 18.33 -19.61 21.92
CA VAL B 191 18.44 -18.15 21.92
C VAL B 191 18.83 -17.65 20.53
N ASP B 192 19.79 -18.31 19.89
CA ASP B 192 20.23 -17.87 18.58
C ASP B 192 19.15 -18.06 17.54
N LEU B 193 18.56 -19.26 17.47
CA LEU B 193 17.53 -19.50 16.48
C LEU B 193 16.28 -18.67 16.77
N TYR B 194 15.96 -18.49 18.06
CA TYR B 194 14.82 -17.66 18.43
C TYR B 194 15.10 -16.19 18.14
N HIS B 195 16.38 -15.84 18.13
CA HIS B 195 16.76 -14.47 17.93
C HIS B 195 16.95 -14.14 16.46
N ARG B 196 17.37 -15.10 15.66
CA ARG B 196 17.67 -14.81 14.28
C ARG B 196 16.41 -14.73 13.44
N ALA B 197 15.40 -15.56 13.74
CA ALA B 197 14.24 -15.68 12.87
C ALA B 197 12.91 -15.31 13.52
N VAL B 198 12.64 -15.83 14.72
CA VAL B 198 11.31 -15.66 15.33
C VAL B 198 11.08 -14.22 15.74
N THR B 199 11.91 -13.73 16.64
CA THR B 199 11.75 -12.38 17.16
C THR B 199 13.16 -11.85 17.39
N ARG B 200 13.40 -10.64 16.87
CA ARG B 200 14.67 -9.94 17.03
C ARG B 200 14.65 -9.26 18.38
N LEU B 201 15.33 -9.87 19.36
CA LEU B 201 15.35 -9.33 20.71
C LEU B 201 16.21 -8.06 20.78
N GLN B 202 16.23 -7.44 21.96
CA GLN B 202 17.00 -6.21 22.13
C GLN B 202 18.45 -6.51 22.43
N TYR B 203 18.70 -7.28 23.48
CA TYR B 203 20.06 -7.60 23.86
C TYR B 203 20.28 -9.06 23.52
N HIS B 204 21.30 -9.33 22.72
CA HIS B 204 21.61 -10.69 22.34
C HIS B 204 22.59 -11.28 23.35
N PRO B 205 22.20 -12.28 24.13
CA PRO B 205 23.10 -12.86 25.15
C PRO B 205 24.29 -13.63 24.57
N GLU B 206 25.33 -13.78 25.41
CA GLU B 206 26.55 -14.50 25.07
C GLU B 206 26.57 -15.88 25.74
N ALA B 207 27.31 -16.82 25.14
CA ALA B 207 27.34 -18.20 25.62
C ALA B 207 27.92 -18.32 27.02
N ASP B 208 28.88 -17.46 27.35
CA ASP B 208 29.51 -17.55 28.66
C ASP B 208 28.55 -17.15 29.77
N GLU B 209 27.83 -16.05 29.58
CA GLU B 209 26.89 -15.58 30.60
C GLU B 209 25.62 -16.42 30.65
N VAL B 210 25.25 -17.09 29.57
CA VAL B 210 24.11 -17.99 29.63
C VAL B 210 24.54 -19.27 30.33
N ARG B 211 25.78 -19.66 30.10
CA ARG B 211 26.31 -20.85 30.75
C ARG B 211 26.48 -20.62 32.24
N LEU B 212 27.18 -19.56 32.62
CA LEU B 212 27.41 -19.26 34.02
C LEU B 212 26.13 -18.83 34.73
N ALA B 213 25.43 -17.86 34.14
CA ALA B 213 24.19 -17.35 34.72
C ALA B 213 23.16 -18.45 34.85
N MET B 214 23.00 -19.26 33.81
CA MET B 214 22.10 -20.42 33.86
C MET B 214 22.54 -21.40 34.92
N ARG B 215 23.85 -21.54 35.10
CA ARG B 215 24.35 -22.38 36.16
C ARG B 215 24.04 -21.79 37.53
N ASN B 216 23.90 -20.47 37.61
CA ASN B 216 23.62 -19.82 38.88
C ASN B 216 22.14 -19.74 39.21
N ILE B 217 21.28 -20.06 38.25
CA ILE B 217 19.84 -20.04 38.50
C ILE B 217 19.46 -21.24 39.36
N PRO B 218 18.75 -21.04 40.48
CA PRO B 218 18.45 -22.15 41.39
C PRO B 218 17.52 -23.23 40.85
N ILE B 219 16.38 -22.83 40.34
CA ILE B 219 15.36 -23.73 39.84
C ILE B 219 15.37 -23.65 38.32
N GLU B 220 14.82 -24.67 37.66
CA GLU B 220 14.81 -24.66 36.20
C GLU B 220 13.43 -24.25 35.71
N ILE B 221 13.42 -23.60 34.56
CA ILE B 221 12.22 -23.13 33.91
C ILE B 221 12.20 -23.63 32.47
N THR B 222 11.04 -24.07 32.02
CA THR B 222 10.88 -24.56 30.68
C THR B 222 9.41 -24.43 30.31
N GLY B 223 9.02 -25.05 29.22
CA GLY B 223 7.64 -24.94 28.81
C GLY B 223 7.40 -25.90 27.68
N GLU B 224 6.18 -25.86 27.18
CA GLU B 224 5.78 -26.71 26.07
C GLU B 224 6.26 -26.10 24.75
N GLU B 225 5.82 -26.69 23.65
CA GLU B 225 6.21 -26.22 22.34
C GLU B 225 5.41 -24.95 22.06
N THR B 226 6.12 -23.85 21.87
CA THR B 226 5.48 -22.58 21.57
C THR B 226 5.67 -22.25 20.12
N ASP B 227 6.90 -22.27 19.65
CA ASP B 227 7.19 -22.00 18.25
C ASP B 227 7.62 -23.30 17.61
N LYS B 228 7.05 -23.60 16.45
CA LYS B 228 7.35 -24.84 15.72
C LYS B 228 8.71 -24.63 15.06
N VAL B 229 9.75 -24.74 15.87
CA VAL B 229 11.12 -24.60 15.44
C VAL B 229 11.89 -25.79 15.99
N GLU B 230 12.28 -26.68 15.11
CA GLU B 230 13.00 -27.87 15.49
C GLU B 230 14.41 -27.50 15.95
N VAL B 231 14.96 -28.31 16.84
CA VAL B 231 16.29 -28.06 17.36
C VAL B 231 17.17 -29.24 17.00
N SER B 232 18.48 -29.03 17.13
CA SER B 232 19.41 -30.10 16.79
C SER B 232 19.51 -31.05 17.96
N HIS B 233 19.60 -30.51 19.17
CA HIS B 233 19.72 -31.33 20.36
C HIS B 233 18.35 -31.94 20.63
N ARG B 234 18.18 -33.19 20.23
CA ARG B 234 16.95 -33.93 20.40
C ARG B 234 17.15 -35.00 21.47
N ASN B 235 16.03 -35.39 22.11
CA ASN B 235 15.97 -36.40 23.16
C ASN B 235 16.93 -36.03 24.30
N VAL B 236 16.70 -34.84 24.84
CA VAL B 236 17.56 -34.35 25.91
C VAL B 236 16.95 -34.78 27.23
N PRO B 237 17.73 -35.42 28.10
CA PRO B 237 17.21 -35.82 29.41
C PRO B 237 16.83 -34.61 30.23
N GLY B 238 15.66 -34.68 30.84
CA GLY B 238 15.17 -33.59 31.65
C GLY B 238 14.33 -32.61 30.87
N VAL B 239 14.29 -32.74 29.54
CA VAL B 239 13.52 -31.86 28.68
C VAL B 239 12.44 -32.71 28.02
N GLU B 240 11.21 -32.21 28.03
CA GLU B 240 10.10 -33.00 27.53
C GLU B 240 9.94 -32.90 26.02
N THR B 241 10.11 -31.70 25.47
CA THR B 241 9.91 -31.46 24.05
C THR B 241 11.22 -31.14 23.35
N ASN B 242 11.18 -31.20 22.03
CA ASN B 242 12.35 -30.92 21.20
C ASN B 242 12.05 -29.78 20.23
N HIS B 243 11.33 -28.80 20.72
CA HIS B 243 10.95 -27.63 19.95
C HIS B 243 11.45 -26.39 20.64
N LEU B 244 11.06 -25.27 20.06
CA LEU B 244 11.45 -23.98 20.57
C LEU B 244 10.46 -23.53 21.63
N ARG B 245 10.99 -23.20 22.78
CA ARG B 245 10.20 -22.74 23.92
C ARG B 245 10.41 -21.24 24.00
N GLY B 246 9.39 -20.47 23.63
CA GLY B 246 9.52 -19.03 23.72
C GLY B 246 9.52 -18.55 25.15
N GLY B 247 8.83 -19.26 26.03
CA GLY B 247 8.79 -18.86 27.43
C GLY B 247 10.13 -19.00 28.13
N ALA B 248 10.88 -20.06 27.82
CA ALA B 248 12.21 -20.24 28.41
C ALA B 248 13.19 -19.16 28.00
N ILE B 249 13.08 -18.68 26.76
CA ILE B 249 13.99 -17.65 26.29
C ILE B 249 13.60 -16.28 26.84
N LEU B 250 12.30 -15.95 26.83
CA LEU B 250 11.85 -14.64 27.32
C LEU B 250 12.06 -14.50 28.82
N VAL B 251 11.85 -15.58 29.57
CA VAL B 251 12.10 -15.52 30.99
C VAL B 251 13.60 -15.56 31.27
N LEU B 252 14.36 -16.32 30.47
CA LEU B 252 15.79 -16.43 30.70
C LEU B 252 16.53 -15.18 30.25
N ALA B 253 16.43 -14.85 28.96
CA ALA B 253 17.21 -13.73 28.45
C ALA B 253 16.55 -12.40 28.78
N GLU B 254 15.33 -12.19 28.31
CA GLU B 254 14.66 -10.92 28.53
C GLU B 254 14.11 -10.76 29.94
N GLY B 255 14.15 -11.80 30.74
CA GLY B 255 13.60 -11.67 32.06
C GLY B 255 14.63 -11.17 33.05
N VAL B 256 15.77 -11.85 33.10
CA VAL B 256 16.80 -11.53 34.09
C VAL B 256 17.83 -10.56 33.57
N LEU B 257 18.32 -10.77 32.34
CA LEU B 257 19.39 -9.95 31.80
C LEU B 257 18.92 -8.54 31.51
N GLN B 258 17.63 -8.41 31.19
CA GLN B 258 17.11 -7.11 30.89
C GLN B 258 16.89 -6.31 32.17
N LYS B 259 16.40 -6.97 33.23
CA LYS B 259 16.12 -6.31 34.49
C LYS B 259 17.15 -6.60 35.57
N ALA B 260 18.42 -6.74 35.19
CA ALA B 260 19.46 -7.02 36.18
C ALA B 260 19.74 -5.85 37.11
N LYS B 261 19.42 -4.64 36.67
CA LYS B 261 19.65 -3.45 37.48
C LYS B 261 18.53 -3.19 38.47
N LYS B 262 17.53 -4.06 38.54
CA LYS B 262 16.43 -3.90 39.47
C LYS B 262 16.29 -5.16 40.29
N LEU B 263 16.63 -6.29 39.67
CA LEU B 263 16.60 -7.57 40.37
C LEU B 263 17.53 -7.58 41.57
N VAL B 264 18.64 -6.86 41.49
CA VAL B 264 19.50 -6.74 42.64
C VAL B 264 18.81 -5.93 43.72
N LYS B 265 17.93 -5.00 43.34
CA LYS B 265 17.18 -4.24 44.33
C LYS B 265 16.06 -5.05 44.96
N TYR B 266 15.46 -5.96 44.20
CA TYR B 266 14.47 -6.86 44.80
C TYR B 266 15.10 -7.85 45.74
N ILE B 267 16.25 -8.41 45.35
CA ILE B 267 16.94 -9.38 46.17
C ILE B 267 17.47 -8.71 47.41
N ASP B 268 18.06 -7.54 47.23
CA ASP B 268 18.53 -6.76 48.36
C ASP B 268 17.37 -6.21 49.19
N LYS B 269 16.17 -6.08 48.61
CA LYS B 269 15.01 -5.60 49.35
C LYS B 269 14.34 -6.68 50.18
N MET B 270 14.30 -7.90 49.67
CA MET B 270 13.69 -8.98 50.42
C MET B 270 14.63 -9.48 51.50
N GLY B 271 15.90 -9.64 51.16
CA GLY B 271 16.90 -10.12 52.09
C GLY B 271 17.30 -11.54 51.82
N ILE B 272 17.42 -11.90 50.54
CA ILE B 272 17.80 -13.25 50.12
C ILE B 272 19.28 -13.24 49.74
N GLU B 273 20.03 -14.16 50.33
CA GLU B 273 21.46 -14.29 50.09
C GLU B 273 21.73 -15.43 49.11
N GLY B 274 22.65 -15.19 48.19
CA GLY B 274 23.00 -16.19 47.20
C GLY B 274 22.85 -15.64 45.80
N TRP B 275 22.80 -14.32 45.71
CA TRP B 275 22.63 -13.70 44.41
C TRP B 275 23.78 -12.77 44.12
N ASP B 276 24.98 -13.21 44.41
CA ASP B 276 26.13 -12.38 44.16
C ASP B 276 26.50 -12.35 42.68
N TRP B 277 26.07 -13.37 41.93
CA TRP B 277 26.41 -13.43 40.52
C TRP B 277 25.71 -12.32 39.76
N ILE B 278 24.47 -12.02 40.12
CA ILE B 278 23.78 -10.91 39.48
C ILE B 278 24.36 -9.59 39.93
N LYS B 279 24.92 -9.55 41.13
CA LYS B 279 25.61 -8.36 41.61
C LYS B 279 26.91 -8.10 40.85
N GLU B 280 27.69 -9.16 40.59
CA GLU B 280 28.89 -9.05 39.77
C GLU B 280 28.55 -8.71 38.35
N PHE B 281 27.38 -9.17 37.90
CA PHE B 281 26.93 -8.83 36.58
C PHE B 281 26.58 -7.36 36.49
N VAL B 282 26.05 -6.80 37.57
CA VAL B 282 25.79 -5.36 37.59
C VAL B 282 27.11 -4.60 37.62
N GLU B 283 28.08 -5.09 38.39
CA GLU B 283 29.39 -4.46 38.45
C GLU B 283 30.16 -4.56 37.15
N ALA B 284 29.85 -5.57 36.33
CA ALA B 284 30.52 -5.71 35.06
C ALA B 284 30.07 -4.65 34.06
N LYS B 285 28.96 -3.98 34.35
CA LYS B 285 28.41 -2.93 33.50
C LYS B 285 29.00 -1.58 33.80
N GLU B 286 30.07 -1.54 34.58
CA GLU B 286 30.71 -0.29 34.94
C GLU B 286 32.10 -0.26 34.33
N LYS B 287 32.20 -0.67 33.07
CA LYS B 287 33.46 -0.70 32.36
C LYS B 287 33.44 0.30 31.21
N GLY B 288 32.88 1.47 31.46
CA GLY B 288 32.81 2.48 30.44
C GLY B 288 33.90 3.51 30.62
N VAL B 315 41.29 28.01 34.07
CA VAL B 315 40.96 29.41 34.24
C VAL B 315 40.07 29.93 33.10
N GLU B 316 40.54 29.78 31.86
CA GLU B 316 39.83 30.23 30.65
C GLU B 316 38.84 29.16 30.15
N LYS B 317 37.72 29.04 30.86
CA LYS B 317 36.70 28.07 30.48
C LYS B 317 35.35 28.55 30.99
N GLY B 318 34.42 28.80 30.09
CA GLY B 318 33.14 29.34 30.52
C GLY B 318 32.33 28.32 31.31
N PHE B 319 31.38 28.86 32.05
CA PHE B 319 30.49 28.02 32.86
C PHE B 319 29.47 27.33 32.02
N TYR B 320 28.86 28.08 31.12
CA TYR B 320 27.89 27.46 30.25
C TYR B 320 28.60 26.47 29.37
N TYR B 321 29.81 26.82 28.95
CA TYR B 321 30.63 25.90 28.21
C TYR B 321 30.97 24.67 29.02
N GLU B 322 31.22 24.84 30.30
CA GLU B 322 31.43 23.70 31.17
C GLU B 322 30.18 22.85 31.36
N LEU B 323 29.02 23.49 31.41
CA LEU B 323 27.76 22.76 31.55
C LEU B 323 27.49 21.95 30.31
N TYR B 324 27.88 22.49 29.16
CA TYR B 324 27.80 21.73 27.94
C TYR B 324 28.79 20.58 27.92
N GLU B 325 29.97 20.79 28.51
CA GLU B 325 30.93 19.70 28.62
C GLU B 325 30.39 18.59 29.51
N LYS B 326 29.68 18.95 30.58
CA LYS B 326 29.04 17.95 31.43
C LYS B 326 27.87 17.30 30.77
N PHE B 327 27.21 18.02 29.88
CA PHE B 327 26.09 17.45 29.16
C PHE B 327 26.59 16.47 28.11
N ARG B 328 27.77 16.71 27.56
CA ARG B 328 28.31 15.81 26.56
C ARG B 328 28.99 14.64 27.21
N ALA B 329 29.55 14.85 28.39
CA ALA B 329 30.21 13.79 29.10
C ALA B 329 29.22 12.75 29.58
N ASN B 330 27.94 13.12 29.72
CA ASN B 330 26.93 12.18 30.18
C ASN B 330 26.75 11.07 29.16
N ILE B 331 26.56 9.85 29.65
CA ILE B 331 26.40 8.70 28.77
C ILE B 331 24.94 8.45 28.40
N ALA B 332 24.00 9.01 29.18
CA ALA B 332 22.58 8.76 28.89
C ALA B 332 22.12 9.44 27.59
N PRO B 333 22.40 10.72 27.31
CA PRO B 333 21.94 11.27 26.02
C PRO B 333 22.66 10.68 24.80
N ASN B 334 23.93 10.28 24.93
CA ASN B 334 24.62 9.70 23.79
C ASN B 334 24.18 8.27 23.51
N LYS B 335 23.88 7.50 24.56
CA LYS B 335 23.42 6.13 24.36
C LYS B 335 21.98 6.09 23.85
N LYS B 336 21.09 6.94 24.40
CA LYS B 336 19.73 6.98 23.90
C LYS B 336 19.70 7.56 22.49
N TYR B 337 20.59 8.52 22.21
CA TYR B 337 20.74 9.03 20.86
C TYR B 337 21.24 7.95 19.91
N THR B 338 22.05 7.02 20.42
CA THR B 338 22.49 5.89 19.61
C THR B 338 21.33 4.93 19.35
N LYS B 339 20.54 4.62 20.38
CA LYS B 339 19.37 3.75 20.19
C LYS B 339 18.33 4.34 19.25
N GLU B 340 18.20 5.66 19.27
CA GLU B 340 17.27 6.28 18.36
C GLU B 340 17.89 6.40 16.98
N ILE B 341 19.23 6.46 16.91
CA ILE B 341 19.87 6.57 15.60
C ILE B 341 20.02 5.19 14.95
N ILE B 342 19.94 4.12 15.70
CA ILE B 342 19.97 2.78 15.11
C ILE B 342 18.52 2.36 14.94
N GLY B 343 17.64 2.87 15.80
CA GLY B 343 16.23 2.59 15.73
C GLY B 343 15.42 3.62 14.94
N GLY B 344 15.85 3.90 13.71
CA GLY B 344 15.21 4.91 12.87
C GLY B 344 16.02 5.36 11.66
N ARG B 345 16.10 6.68 11.42
CA ARG B 345 16.85 7.26 10.30
C ARG B 345 18.32 7.45 10.67
N PRO B 346 19.25 6.72 10.03
CA PRO B 346 20.65 6.89 10.41
C PRO B 346 21.32 8.05 9.69
N LEU B 347 21.93 8.91 10.52
CA LEU B 347 22.76 10.04 10.10
C LEU B 347 22.03 11.03 9.20
N PHE B 348 20.86 11.49 9.68
CA PHE B 348 20.08 12.50 9.01
C PHE B 348 19.81 13.71 9.89
N ALA B 349 19.65 13.53 11.19
CA ALA B 349 19.43 14.64 12.11
C ALA B 349 20.67 15.51 12.27
N GLU B 350 20.45 16.78 12.57
CA GLU B 350 21.55 17.70 12.76
C GLU B 350 22.29 17.40 14.06
N PRO B 351 23.62 17.29 14.04
CA PRO B 351 24.35 17.03 15.28
C PRO B 351 24.43 18.23 16.19
N SER B 352 24.35 19.45 15.63
CA SER B 352 24.46 20.67 16.41
C SER B 352 23.16 20.99 17.12
N THR B 353 22.06 20.99 16.39
CA THR B 353 20.78 21.29 17.01
C THR B 353 20.21 19.97 17.48
N ASN B 354 19.91 19.90 18.76
CA ASN B 354 19.38 18.70 19.35
C ASN B 354 17.92 18.62 19.02
N GLY B 355 17.58 17.71 18.13
CA GLY B 355 16.20 17.56 17.77
C GLY B 355 15.39 16.85 18.83
N GLY B 356 14.10 17.13 18.80
CA GLY B 356 13.12 16.58 19.71
C GLY B 356 12.30 17.67 20.37
N PHE B 357 11.43 17.23 21.25
CA PHE B 357 10.57 18.16 21.96
C PHE B 357 11.35 18.87 23.03
N ARG B 358 10.79 19.97 23.45
CA ARG B 358 11.42 20.73 24.50
C ARG B 358 11.14 20.01 25.80
N LEU B 359 12.22 19.82 26.56
CA LEU B 359 12.17 19.13 27.83
C LEU B 359 11.45 19.99 28.85
N ARG B 360 10.21 19.63 29.11
CA ARG B 360 9.36 20.28 30.09
C ARG B 360 8.94 19.26 31.14
N TYR B 361 9.58 19.33 32.28
CA TYR B 361 9.30 18.39 33.36
C TYR B 361 7.91 18.64 33.92
N GLY B 362 7.33 17.59 34.46
CA GLY B 362 6.03 17.68 35.08
C GLY B 362 6.06 16.71 36.22
N ARG B 363 4.99 16.68 37.00
CA ARG B 363 4.92 15.79 38.14
C ARG B 363 4.14 14.54 37.78
N SER B 364 4.64 13.39 38.24
CA SER B 364 4.03 12.10 37.98
C SER B 364 2.82 11.88 38.90
N TRP B 372 5.15 14.30 27.71
CA TRP B 372 4.04 13.54 27.18
C TRP B 372 3.06 14.42 26.45
N SER B 373 2.78 15.57 27.04
CA SER B 373 1.85 16.54 26.46
C SER B 373 2.45 17.14 25.19
N VAL B 374 1.77 16.92 24.06
CA VAL B 374 2.23 17.36 22.74
C VAL B 374 1.18 18.25 22.09
N ASN B 375 1.62 19.38 21.49
CA ASN B 375 0.73 20.28 20.78
C ASN B 375 0.19 19.56 19.55
N PRO B 376 -1.16 19.40 19.39
CA PRO B 376 -1.68 18.71 18.21
C PRO B 376 -1.61 19.53 16.94
N ALA B 377 -0.99 20.70 17.03
CA ALA B 377 -0.81 21.54 15.87
C ALA B 377 0.25 20.97 14.94
N THR B 378 1.06 20.02 15.41
CA THR B 378 2.09 19.41 14.60
C THR B 378 1.91 17.91 14.41
N MET B 379 0.84 17.32 14.93
CA MET B 379 0.61 15.89 14.79
C MET B 379 0.28 15.53 13.35
N LEU B 380 -0.75 16.16 12.81
CA LEU B 380 -1.16 15.90 11.46
C LEU B 380 -0.14 16.44 10.45
N ILE B 381 0.74 17.35 10.87
CA ILE B 381 1.75 17.89 9.96
C ILE B 381 2.88 16.90 9.77
N LEU B 382 3.32 16.27 10.85
CA LEU B 382 4.40 15.33 10.72
C LEU B 382 3.96 13.96 11.18
N GLY B 400 10.81 5.88 21.02
CA GLY B 400 9.46 6.40 20.91
C GLY B 400 8.70 6.33 22.21
N CYS B 401 7.51 6.89 22.21
CA CYS B 401 6.66 6.92 23.39
C CYS B 401 5.23 7.13 22.92
N ILE B 402 4.37 7.39 23.88
CA ILE B 402 2.96 7.64 23.62
C ILE B 402 2.77 9.14 23.45
N VAL B 403 2.15 9.53 22.35
CA VAL B 403 1.94 10.94 22.02
C VAL B 403 0.64 11.40 22.67
N THR B 404 0.75 11.97 23.87
CA THR B 404 -0.45 12.45 24.57
C THR B 404 -0.84 13.84 24.06
N PRO B 405 -2.07 14.02 23.59
CA PRO B 405 -2.52 15.35 23.12
C PRO B 405 -2.91 16.29 24.24
N ALA B 406 -2.56 17.57 24.09
CA ALA B 406 -2.90 18.58 25.10
C ALA B 406 -2.91 19.97 24.47
N THR B 407 -3.78 20.85 24.98
CA THR B 407 -3.92 22.23 24.47
C THR B 407 -3.74 23.25 25.58
N THR B 408 -2.70 23.08 26.42
CA THR B 408 -2.40 24.00 27.50
C THR B 408 -1.06 24.69 27.31
N VAL B 409 -0.07 23.96 26.78
CA VAL B 409 1.27 24.48 26.56
C VAL B 409 1.28 25.27 25.26
N GLU B 410 2.35 26.02 25.04
CA GLU B 410 2.52 26.82 23.85
C GLU B 410 2.98 25.94 22.69
N GLY B 411 3.05 26.54 21.51
CA GLY B 411 3.45 25.83 20.33
C GLY B 411 4.76 26.35 19.82
N PRO B 412 5.40 25.59 18.96
CA PRO B 412 6.69 25.99 18.42
C PRO B 412 6.55 27.04 17.32
N ILE B 413 7.68 27.40 16.71
CA ILE B 413 7.70 28.39 15.64
C ILE B 413 7.88 27.67 14.31
N VAL B 414 7.34 28.26 13.25
CA VAL B 414 7.29 27.68 11.90
C VAL B 414 7.79 28.68 10.86
N ARG B 415 8.58 28.19 9.90
CA ARG B 415 9.03 28.99 8.78
C ARG B 415 8.03 28.87 7.64
N LEU B 416 7.64 30.00 7.10
CA LEU B 416 6.66 30.01 6.04
C LEU B 416 7.37 29.82 4.70
N LYS B 417 6.56 29.70 3.66
CA LYS B 417 7.16 29.47 2.35
C LYS B 417 7.65 30.76 1.74
N ASN B 418 6.98 31.87 2.03
CA ASN B 418 7.38 33.14 1.45
C ASN B 418 8.66 33.73 2.04
N GLY B 419 9.23 33.15 3.09
CA GLY B 419 10.45 33.65 3.71
C GLY B 419 10.25 34.15 5.12
N SER B 420 9.04 34.50 5.49
CA SER B 420 8.76 34.96 6.84
C SER B 420 8.73 33.77 7.77
N VAL B 421 8.79 34.06 9.07
CA VAL B 421 8.75 33.04 10.11
C VAL B 421 7.73 33.48 11.14
N VAL B 422 6.74 32.64 11.41
CA VAL B 422 5.71 32.98 12.37
C VAL B 422 5.51 31.79 13.30
N ARG B 423 5.15 32.08 14.54
CA ARG B 423 4.94 31.02 15.50
C ARG B 423 3.50 30.51 15.43
N VAL B 424 3.33 29.23 15.77
CA VAL B 424 2.04 28.58 15.77
C VAL B 424 1.79 28.09 17.17
N ASP B 425 1.03 28.85 17.93
CA ASP B 425 0.75 28.50 19.31
C ASP B 425 -0.50 27.65 19.44
N ASP B 426 -1.47 27.87 18.56
CA ASP B 426 -2.72 27.15 18.61
C ASP B 426 -2.89 26.33 17.35
N TYR B 427 -3.90 25.48 17.38
CA TYR B 427 -4.15 24.62 16.25
C TYR B 427 -4.77 25.36 15.07
N GLU B 428 -5.35 26.54 15.29
CA GLU B 428 -5.98 27.28 14.20
C GLU B 428 -4.97 27.93 13.26
N THR B 429 -3.83 28.32 13.82
CA THR B 429 -2.82 28.96 13.01
C THR B 429 -2.23 27.94 12.07
N ALA B 430 -2.04 26.73 12.59
CA ALA B 430 -1.50 25.65 11.79
C ALA B 430 -2.43 25.33 10.65
N LEU B 431 -3.74 25.46 10.88
CA LEU B 431 -4.68 25.24 9.80
C LEU B 431 -4.61 26.37 8.80
N LYS B 432 -4.07 27.51 9.20
CA LYS B 432 -4.00 28.60 8.24
C LYS B 432 -2.68 28.66 7.48
N VAL B 433 -1.57 28.52 8.18
CA VAL B 433 -0.25 28.60 7.56
C VAL B 433 0.27 27.21 7.22
N ARG B 434 -0.58 26.19 7.28
CA ARG B 434 -0.14 24.83 7.00
C ARG B 434 0.22 24.62 5.54
N ASN B 435 -0.28 25.47 4.65
CA ASN B 435 -0.06 25.37 3.23
C ASN B 435 1.24 26.04 2.77
N GLU B 436 2.04 26.53 3.69
CA GLU B 436 3.28 27.20 3.33
C GLU B 436 4.37 26.80 4.28
N VAL B 437 4.25 25.63 4.86
CA VAL B 437 5.25 25.16 5.78
C VAL B 437 6.35 24.54 4.95
N ASP B 438 7.57 24.99 5.18
CA ASP B 438 8.69 24.42 4.47
C ASP B 438 9.41 23.34 5.27
N GLU B 439 9.61 23.59 6.56
CA GLU B 439 10.28 22.65 7.45
C GLU B 439 9.81 22.98 8.84
N ILE B 440 10.14 22.10 9.77
CA ILE B 440 9.73 22.28 11.15
C ILE B 440 11.02 22.35 11.95
N LEU B 441 11.45 23.57 12.28
CA LEU B 441 12.65 23.72 13.08
C LEU B 441 12.38 23.32 14.51
N TYR B 442 11.40 23.97 15.14
CA TYR B 442 11.04 23.64 16.51
C TYR B 442 9.88 22.66 16.51
N VAL B 443 10.09 21.54 17.18
CA VAL B 443 9.10 20.47 17.19
C VAL B 443 7.90 20.85 18.04
N GLY B 444 8.16 21.08 19.32
CA GLY B 444 7.11 21.43 20.25
C GLY B 444 7.62 21.16 21.66
N ASP B 445 6.68 21.13 22.57
CA ASP B 445 6.90 20.92 23.99
C ASP B 445 6.52 19.52 24.44
N ALA B 446 7.01 19.11 25.61
CA ALA B 446 6.67 17.79 26.16
C ALA B 446 6.95 17.78 27.65
N LEU B 447 6.01 17.22 28.43
CA LEU B 447 6.17 17.11 29.87
C LEU B 447 6.70 15.73 30.20
N VAL B 448 7.82 15.70 30.89
CA VAL B 448 8.47 14.48 31.31
C VAL B 448 8.33 14.36 32.82
N ASN B 449 7.67 13.31 33.26
CA ASN B 449 7.46 13.08 34.67
C ASN B 449 8.77 12.73 35.37
N PHE B 450 8.88 13.18 36.62
CA PHE B 450 10.07 12.92 37.40
C PHE B 450 10.24 11.46 37.77
N GLY B 451 9.15 10.74 37.99
CA GLY B 451 9.21 9.33 38.34
C GLY B 451 9.19 8.48 37.09
N ASP B 452 9.81 9.02 36.04
CA ASP B 452 9.88 8.31 34.79
C ASP B 452 10.80 7.14 34.99
N PHE B 453 10.21 5.97 34.86
CA PHE B 453 10.89 4.73 35.16
C PHE B 453 11.83 4.45 34.01
N VAL B 454 13.08 4.87 34.17
CA VAL B 454 14.14 4.53 33.21
C VAL B 454 15.29 3.96 34.02
N GLU B 455 15.55 2.67 33.84
CA GLU B 455 16.56 1.96 34.61
C GLU B 455 17.89 2.01 33.86
N ASN B 456 18.87 1.22 34.33
CA ASN B 456 20.18 1.03 33.72
C ASN B 456 20.94 2.37 33.71
N ASN B 457 21.04 2.97 34.90
CA ASN B 457 21.84 4.16 35.18
C ASN B 457 21.45 5.37 34.30
N GLN B 458 20.21 5.83 34.51
CA GLN B 458 19.71 7.00 33.80
C GLN B 458 20.04 8.28 34.54
N THR B 459 20.63 9.24 33.84
CA THR B 459 20.95 10.51 34.46
C THR B 459 19.83 11.48 34.20
N LEU B 460 19.76 12.51 35.02
CA LEU B 460 18.75 13.53 34.89
C LEU B 460 19.45 14.68 34.19
N LEU B 461 19.02 14.96 32.98
CA LEU B 461 19.59 16.04 32.19
C LEU B 461 19.17 17.38 32.79
N PRO B 462 19.98 18.44 32.62
CA PRO B 462 19.60 19.76 33.17
C PRO B 462 18.30 20.32 32.58
N ALA B 463 17.49 20.92 33.45
CA ALA B 463 16.18 21.48 33.10
C ALA B 463 16.29 22.79 32.33
N ASN B 464 15.37 22.98 31.38
CA ASN B 464 15.35 24.20 30.58
C ASN B 464 14.91 25.40 31.44
N TYR B 465 15.35 26.60 31.04
CA TYR B 465 15.03 27.86 31.73
C TYR B 465 13.60 28.32 31.42
N VAL B 466 12.67 27.80 32.19
CA VAL B 466 11.25 28.08 31.99
C VAL B 466 10.81 29.41 32.59
N GLU B 467 9.61 29.87 32.21
CA GLU B 467 9.04 31.12 32.71
C GLU B 467 8.49 31.02 34.13
N GLU B 468 8.45 29.81 34.72
CA GLU B 468 7.92 29.64 36.07
C GLU B 468 9.01 29.78 37.11
N TRP B 469 10.19 29.26 36.77
CA TRP B 469 11.31 29.39 37.66
C TRP B 469 11.77 30.83 37.66
N TRP B 470 11.53 31.52 36.55
CA TRP B 470 11.79 32.94 36.46
C TRP B 470 10.90 33.74 37.39
N VAL B 471 9.65 33.30 37.58
CA VAL B 471 8.76 33.94 38.53
C VAL B 471 9.28 33.73 39.94
N GLN B 472 9.80 32.53 40.19
CA GLN B 472 10.44 32.24 41.46
C GLN B 472 11.67 33.13 41.66
N GLU B 473 12.43 33.35 40.57
CA GLU B 473 13.56 34.27 40.59
C GLU B 473 13.11 35.70 40.88
N LEU B 474 11.92 36.04 40.44
CA LEU B 474 11.39 37.36 40.67
C LEU B 474 10.97 37.57 42.12
N VAL B 475 10.25 36.59 42.68
CA VAL B 475 9.77 36.75 44.05
C VAL B 475 10.93 36.67 45.03
N GLN B 476 11.97 35.92 44.69
CA GLN B 476 13.16 35.90 45.55
C GLN B 476 14.03 37.13 45.33
N ALA B 477 13.98 37.76 44.15
CA ALA B 477 14.75 38.98 43.94
C ALA B 477 14.13 40.13 44.72
N ILE B 478 12.82 40.30 44.61
CA ILE B 478 12.16 41.34 45.41
C ILE B 478 12.11 40.94 46.88
N LYS B 479 12.17 39.65 47.19
CA LYS B 479 12.19 39.24 48.57
C LYS B 479 13.55 39.49 49.21
N ASP B 480 14.61 39.32 48.44
CA ASP B 480 15.95 39.56 48.97
C ASP B 480 16.40 41.00 48.84
N LEU B 481 15.82 41.75 47.92
CA LEU B 481 16.19 43.13 47.69
C LEU B 481 15.20 44.10 48.31
N TYR B 482 13.91 43.99 47.98
CA TYR B 482 12.91 44.91 48.51
C TYR B 482 12.08 44.30 49.60
N GLU B 483 12.50 43.15 50.15
CA GLU B 483 11.88 42.38 51.24
C GLU B 483 10.36 42.26 51.09
N VAL B 484 9.89 42.16 49.86
CA VAL B 484 8.47 42.02 49.59
C VAL B 484 8.20 40.55 49.50
N GLU B 485 7.22 40.09 50.25
CA GLU B 485 6.87 38.69 50.27
C GLU B 485 5.87 38.46 49.17
N LEU B 486 6.27 37.67 48.19
CA LEU B 486 5.41 37.36 47.07
C LEU B 486 5.48 35.87 46.85
N GLN B 487 4.34 35.24 46.98
CA GLN B 487 4.26 33.80 46.77
C GLN B 487 3.95 33.56 45.31
N PRO B 488 4.84 32.94 44.55
CA PRO B 488 4.60 32.70 43.13
C PRO B 488 3.62 31.55 42.98
N PHE B 489 3.26 31.27 41.71
CA PHE B 489 2.35 30.21 41.29
C PHE B 489 0.93 30.36 41.86
N ALA B 490 0.56 31.54 42.36
CA ALA B 490 -0.76 31.79 42.94
C ALA B 490 -0.98 33.29 43.04
N GLU B 491 -2.20 33.68 43.42
CA GLU B 491 -2.55 35.07 43.61
C GLU B 491 -2.24 35.50 45.04
N ASN B 492 -1.70 36.71 45.20
CA ASN B 492 -1.33 37.26 46.50
C ASN B 492 -2.34 38.33 46.92
N ASP B 493 -2.08 38.90 48.10
CA ASP B 493 -2.95 39.92 48.65
C ASP B 493 -2.71 41.23 47.93
N ARG B 494 -3.61 42.17 48.18
CA ARG B 494 -3.50 43.47 47.55
C ARG B 494 -2.36 44.29 48.12
N GLU B 495 -1.93 44.00 49.35
CA GLU B 495 -0.87 44.78 49.97
C GLU B 495 0.51 44.47 49.36
N ALA B 496 0.87 43.18 49.30
CA ALA B 496 2.18 42.79 48.76
C ALA B 496 2.30 43.11 47.28
N VAL B 497 1.26 42.82 46.51
CA VAL B 497 1.25 43.14 45.08
C VAL B 497 1.20 44.65 44.90
N GLU B 498 0.57 45.35 45.84
CA GLU B 498 0.49 46.81 45.76
C GLU B 498 1.86 47.43 45.94
N GLU B 499 2.57 47.07 47.01
CA GLU B 499 3.91 47.62 47.23
C GLU B 499 4.90 47.14 46.19
N ALA B 500 4.77 45.89 45.74
CA ALA B 500 5.63 45.39 44.67
C ALA B 500 5.39 46.17 43.39
N ALA B 501 4.16 46.55 43.15
CA ALA B 501 3.87 47.40 42.01
C ALA B 501 4.34 48.81 42.24
N GLU B 502 4.46 49.23 43.49
CA GLU B 502 4.98 50.56 43.77
C GLU B 502 6.47 50.62 43.58
N TYR B 503 7.19 49.60 44.04
CA TYR B 503 8.62 49.60 43.89
C TYR B 503 9.02 49.25 42.47
N LEU B 504 8.41 48.23 41.91
CA LEU B 504 8.75 47.78 40.58
C LEU B 504 8.16 48.62 39.47
N GLU B 505 7.20 49.48 39.80
CA GLU B 505 6.52 50.35 38.86
C GLU B 505 5.88 49.50 37.75
N VAL B 506 4.97 48.65 38.20
CA VAL B 506 4.25 47.75 37.33
C VAL B 506 2.78 47.81 37.72
N ASP B 507 1.96 47.12 36.94
CA ASP B 507 0.52 47.05 37.18
C ASP B 507 0.20 45.92 38.15
N PRO B 508 -0.48 46.19 39.27
CA PRO B 508 -0.87 45.10 40.19
C PRO B 508 -1.70 44.03 39.53
N ASP B 509 -2.61 44.43 38.63
CA ASP B 509 -3.42 43.45 37.92
C ASP B 509 -2.55 42.62 36.98
N PHE B 510 -1.56 43.26 36.35
CA PHE B 510 -0.62 42.54 35.51
C PHE B 510 0.20 41.58 36.33
N LEU B 511 0.48 41.96 37.55
CA LEU B 511 1.18 41.07 38.45
C LEU B 511 0.27 39.96 38.94
N TRP B 512 -1.04 40.23 39.07
CA TRP B 512 -1.99 39.17 39.40
C TRP B 512 -2.11 38.16 38.29
N ASN B 513 -2.27 38.62 37.06
CA ASN B 513 -2.32 37.72 35.92
C ASN B 513 -0.97 37.09 35.64
N LEU B 514 0.12 37.75 36.01
CA LEU B 514 1.42 37.16 35.81
C LEU B 514 1.63 36.03 36.79
N LEU B 515 1.38 36.29 38.07
CA LEU B 515 1.51 35.25 39.08
C LEU B 515 0.45 34.21 38.91
N LYS B 516 -0.68 34.61 38.33
CA LYS B 516 -1.76 33.69 38.08
C LYS B 516 -1.33 32.72 36.98
N ASP B 517 -0.98 33.25 35.80
CA ASP B 517 -0.54 32.41 34.68
C ASP B 517 0.67 33.05 33.99
N PRO B 518 1.90 32.66 34.38
CA PRO B 518 3.10 33.22 33.72
C PRO B 518 3.26 32.82 32.26
N LEU B 519 2.70 31.69 31.83
CA LEU B 519 2.83 31.28 30.44
C LEU B 519 1.93 32.11 29.54
N ARG B 520 0.72 32.36 30.01
CA ARG B 520 -0.23 33.14 29.24
C ARG B 520 0.18 34.60 29.24
N VAL B 521 0.39 35.15 30.43
CA VAL B 521 0.75 36.56 30.57
C VAL B 521 2.26 36.63 30.71
N LYS B 522 2.88 37.38 29.80
CA LYS B 522 4.30 37.57 29.76
C LYS B 522 4.57 39.04 29.50
N PRO B 523 5.51 39.65 30.21
CA PRO B 523 5.79 41.06 30.01
C PRO B 523 6.43 41.33 28.65
N ASP B 524 6.39 42.59 28.27
CA ASP B 524 6.99 43.05 27.03
C ASP B 524 8.48 43.26 27.26
N VAL B 525 9.14 43.86 26.27
CA VAL B 525 10.59 43.94 26.35
C VAL B 525 11.04 45.11 27.23
N GLU B 526 10.34 46.26 27.18
CA GLU B 526 10.79 47.43 27.94
C GLU B 526 10.60 47.26 29.44
N THR B 527 9.55 46.57 29.87
CA THR B 527 9.41 46.30 31.30
C THR B 527 10.46 45.31 31.75
N ALA B 528 10.78 44.33 30.89
CA ALA B 528 11.81 43.34 31.20
C ALA B 528 13.21 43.98 31.27
N ILE B 529 13.51 44.92 30.38
CA ILE B 529 14.80 45.60 30.45
C ILE B 529 14.82 46.51 31.65
N HIS B 530 13.68 47.17 31.91
CA HIS B 530 13.58 48.07 33.04
C HIS B 530 13.71 47.33 34.36
N LEU B 531 13.22 46.10 34.42
CA LEU B 531 13.32 45.28 35.63
C LEU B 531 14.60 44.43 35.71
N SER B 532 15.46 44.40 34.68
CA SER B 532 16.67 43.59 34.72
C SER B 532 17.91 44.36 35.11
N THR B 533 17.95 45.62 34.72
CA THR B 533 19.06 46.50 35.03
C THR B 533 19.00 47.02 36.46
N VAL B 534 17.96 46.67 37.24
CA VAL B 534 17.80 47.12 38.62
C VAL B 534 17.84 45.95 39.60
N LEU B 535 17.06 44.92 39.33
CA LEU B 535 17.02 43.76 40.21
C LEU B 535 18.17 42.81 39.96
N ASP B 536 18.99 43.10 38.93
CA ASP B 536 20.13 42.30 38.51
C ASP B 536 19.68 40.89 38.20
N ILE B 537 18.60 40.81 37.45
CA ILE B 537 18.02 39.54 37.08
C ILE B 537 18.23 39.34 35.59
N PRO B 538 18.29 38.10 35.11
CA PRO B 538 18.46 37.85 33.68
C PRO B 538 17.26 38.32 32.87
N PHE B 539 17.43 38.25 31.56
CA PHE B 539 16.39 38.70 30.66
C PHE B 539 15.24 37.68 30.66
N HIS B 540 14.11 38.08 30.07
CA HIS B 540 12.91 37.23 30.02
C HIS B 540 13.18 36.03 29.12
N PRO B 541 12.75 34.84 29.51
CA PRO B 541 13.05 33.65 28.69
C PRO B 541 12.29 33.62 27.38
N TYR B 542 11.10 34.22 27.31
CA TYR B 542 10.31 34.22 26.08
C TYR B 542 11.02 34.99 24.96
N TYR B 543 11.64 36.11 25.28
CA TYR B 543 12.38 36.88 24.30
C TYR B 543 13.88 36.57 24.30
N THR B 544 14.25 35.36 24.70
CA THR B 544 15.65 34.93 24.77
C THR B 544 15.94 33.96 23.64
N LEU B 545 16.84 34.35 22.74
CA LEU B 545 17.18 33.51 21.61
C LEU B 545 18.17 32.42 22.02
N TYR B 546 18.26 31.37 21.20
CA TYR B 546 19.19 30.27 21.48
C TYR B 546 20.53 30.61 20.87
N TRP B 547 21.27 31.46 21.57
CA TRP B 547 22.55 31.93 21.08
C TRP B 547 23.58 30.83 21.02
N ASN B 548 23.39 29.78 21.80
CA ASN B 548 24.32 28.67 21.81
C ASN B 548 23.79 27.64 20.83
N THR B 549 23.85 28.02 19.56
CA THR B 549 23.41 27.13 18.51
C THR B 549 24.38 27.09 17.35
N LEU B 550 25.40 27.94 17.34
CA LEU B 550 26.35 28.00 16.24
C LEU B 550 27.62 28.64 16.76
N GLN B 551 28.65 28.58 15.94
CA GLN B 551 29.92 29.14 16.26
C GLN B 551 29.79 30.64 16.45
N PRO B 552 30.63 31.23 17.30
CA PRO B 552 30.54 32.66 17.54
C PRO B 552 31.02 33.49 16.37
N GLU B 553 31.60 32.89 15.35
CA GLU B 553 32.04 33.66 14.19
C GLU B 553 30.86 34.27 13.47
N GLU B 554 29.77 33.51 13.36
CA GLU B 554 28.55 34.04 12.74
C GLU B 554 27.94 35.13 13.59
N VAL B 555 28.22 35.12 14.88
CA VAL B 555 27.74 36.18 15.74
C VAL B 555 28.63 37.40 15.61
N GLU B 556 29.93 37.18 15.53
CA GLU B 556 30.90 38.26 15.36
C GLU B 556 30.72 38.95 14.02
N GLU B 557 30.39 38.20 12.99
CA GLU B 557 30.07 38.78 11.72
C GLU B 557 28.67 39.35 11.72
N LEU B 558 27.80 38.77 12.52
CA LEU B 558 26.43 39.23 12.59
C LEU B 558 26.29 40.62 13.19
N GLN B 559 26.99 40.90 14.29
CA GLN B 559 26.92 42.23 14.89
C GLN B 559 27.51 43.28 13.95
N LYS B 560 28.55 42.91 13.20
CA LYS B 560 29.12 43.79 12.20
C LYS B 560 28.14 44.04 11.07
N ALA B 561 27.34 43.04 10.73
CA ALA B 561 26.30 43.24 9.75
C ALA B 561 25.20 44.12 10.33
N LEU B 562 25.08 44.14 11.66
CA LEU B 562 24.09 44.99 12.30
C LEU B 562 24.59 46.38 12.52
N LEU B 563 25.91 46.59 12.48
CA LEU B 563 26.45 47.92 12.66
C LEU B 563 26.02 48.82 11.51
N GLY B 564 26.05 48.29 10.30
CA GLY B 564 25.65 49.04 9.13
C GLY B 564 24.17 49.03 8.84
N ALA B 565 23.37 48.27 9.59
CA ALA B 565 21.95 48.22 9.32
C ALA B 565 21.25 49.48 9.79
N GLN B 566 20.07 49.70 9.24
CA GLN B 566 19.28 50.86 9.63
C GLN B 566 18.55 50.52 10.90
N ILE B 567 19.05 51.03 12.00
CA ILE B 567 18.50 50.74 13.32
C ILE B 567 18.10 52.04 13.94
N GLU B 568 16.86 52.12 14.38
CA GLU B 568 16.35 53.27 15.07
C GLU B 568 16.18 52.96 16.55
N TRP B 569 16.48 53.93 17.37
CA TRP B 569 16.47 53.74 18.81
C TRP B 569 15.35 54.54 19.45
N ALA B 570 14.93 54.05 20.60
CA ALA B 570 13.88 54.69 21.38
C ALA B 570 14.29 54.63 22.84
N GLU B 571 13.77 55.56 23.61
CA GLU B 571 14.08 55.68 25.03
C GLU B 571 12.79 55.66 25.82
N PHE B 572 12.66 54.70 26.72
CA PHE B 572 11.51 54.55 27.60
C PHE B 572 12.00 54.21 28.99
N ARG B 573 11.82 55.17 29.91
CA ARG B 573 12.27 55.07 31.30
C ARG B 573 13.75 54.74 31.35
N LYS B 574 14.52 55.60 30.66
CA LYS B 574 15.96 55.50 30.47
C LYS B 574 16.34 54.24 29.69
N ASN B 575 15.37 53.58 29.07
CA ASN B 575 15.61 52.37 28.32
C ASN B 575 15.85 52.72 26.86
N ARG B 576 17.06 52.53 26.41
CA ARG B 576 17.44 52.78 25.04
C ARG B 576 17.36 51.45 24.30
N PHE B 577 16.27 51.26 23.61
CA PHE B 577 16.01 50.04 22.88
C PHE B 577 15.60 50.38 21.47
N ALA B 578 16.08 49.59 20.53
CA ALA B 578 15.78 49.82 19.12
C ALA B 578 14.35 49.44 18.81
N LYS B 579 13.83 50.04 17.75
CA LYS B 579 12.47 49.75 17.32
C LYS B 579 12.43 48.81 16.13
N LYS B 580 13.35 48.98 15.20
CA LYS B 580 13.40 48.15 14.02
C LYS B 580 14.81 48.18 13.46
N VAL B 581 15.15 47.12 12.76
CA VAL B 581 16.46 46.95 12.14
C VAL B 581 16.21 46.65 10.68
N VAL B 582 16.84 47.40 9.80
CA VAL B 582 16.70 47.20 8.36
C VAL B 582 18.04 46.74 7.83
N LEU B 583 18.14 45.47 7.51
CA LEU B 583 19.38 44.87 7.05
C LEU B 583 19.20 44.02 5.82
N GLU B 584 20.26 43.92 5.02
CA GLU B 584 20.26 43.15 3.80
C GLU B 584 20.92 41.80 4.02
N ASN B 585 20.42 40.79 3.32
CA ASN B 585 20.98 39.45 3.40
C ASN B 585 22.18 39.25 2.49
N ASP B 586 22.46 40.21 1.61
CA ASP B 586 23.60 40.09 0.71
C ASP B 586 24.93 40.15 1.44
N LYS B 587 25.01 40.92 2.54
CA LYS B 587 26.25 41.02 3.29
C LYS B 587 26.56 39.73 4.07
N ASN B 588 25.58 39.20 4.79
CA ASN B 588 25.74 37.99 5.60
C ASN B 588 24.47 37.16 5.50
N ILE B 589 24.63 35.83 5.52
CA ILE B 589 23.48 34.95 5.43
C ILE B 589 22.68 35.07 6.73
N LYS B 590 21.38 34.82 6.64
CA LYS B 590 20.51 34.91 7.79
C LYS B 590 20.20 33.55 8.34
N ARG B 591 21.04 32.58 8.04
CA ARG B 591 20.86 31.23 8.54
C ARG B 591 20.95 31.18 10.06
N TYR B 592 21.90 31.91 10.64
CA TYR B 592 22.00 31.95 12.10
C TYR B 592 20.75 32.59 12.71
N LEU B 593 20.23 33.63 12.06
CA LEU B 593 19.00 34.26 12.50
C LEU B 593 17.82 33.33 12.39
N GLU B 594 17.84 32.47 11.38
CA GLU B 594 16.79 31.48 11.26
C GLU B 594 16.93 30.44 12.34
N LEU B 595 18.17 30.11 12.72
CA LEU B 595 18.39 29.17 13.82
C LEU B 595 18.03 29.78 15.16
N LEU B 596 17.97 31.10 15.25
CA LEU B 596 17.57 31.72 16.51
C LEU B 596 16.07 31.72 16.68
N GLY B 597 15.32 31.43 15.62
CA GLY B 597 13.86 31.45 15.69
C GLY B 597 13.29 32.85 15.78
N LEU B 598 13.87 33.80 15.06
CA LEU B 598 13.44 35.17 15.13
C LEU B 598 12.45 35.46 14.01
N PRO B 599 11.20 35.81 14.31
CA PRO B 599 10.24 36.14 13.25
C PRO B 599 10.69 37.38 12.51
N HIS B 600 10.78 37.26 11.19
CA HIS B 600 11.18 38.38 10.36
C HIS B 600 10.31 38.39 9.12
N ARG B 601 10.57 39.36 8.26
CA ARG B 601 9.80 39.52 7.04
C ARG B 601 10.77 39.79 5.91
N LEU B 602 10.50 39.16 4.78
CA LEU B 602 11.28 39.29 3.58
C LEU B 602 10.60 40.26 2.63
N GLU B 603 11.39 41.04 1.89
CA GLU B 603 10.84 42.03 0.98
C GLU B 603 11.78 42.18 -0.20
N ARG B 604 11.27 41.97 -1.42
CA ARG B 604 12.08 42.08 -2.62
C ARG B 604 11.36 42.87 -3.70
N VAL B 605 10.40 43.71 -3.31
CA VAL B 605 9.67 44.50 -4.29
C VAL B 605 10.34 45.85 -4.45
N GLU B 606 11.33 46.14 -3.64
CA GLU B 606 12.04 47.39 -3.72
C GLU B 606 13.28 47.27 -4.57
N LYS B 607 13.25 46.36 -5.55
CA LYS B 607 14.30 46.09 -6.52
C LYS B 607 15.56 45.55 -5.85
N LYS B 608 15.51 45.31 -4.55
CA LYS B 608 16.64 44.76 -3.84
C LYS B 608 16.40 43.31 -3.62
N ARG B 609 17.51 42.61 -3.44
CA ARG B 609 17.49 41.18 -3.30
C ARG B 609 16.74 40.76 -2.05
N LYS B 610 17.26 41.13 -0.90
CA LYS B 610 16.66 40.71 0.36
C LYS B 610 16.88 41.79 1.39
N VAL B 611 15.84 42.50 1.75
CA VAL B 611 15.93 43.49 2.79
C VAL B 611 15.01 43.03 3.90
N ILE B 612 15.56 42.34 4.86
CA ILE B 612 14.77 41.85 5.98
C ILE B 612 14.81 42.91 7.06
N VAL B 613 13.70 43.00 7.79
CA VAL B 613 13.51 44.00 8.84
C VAL B 613 13.01 43.31 10.10
N VAL B 614 13.64 43.59 11.23
CA VAL B 614 13.22 43.09 12.52
C VAL B 614 12.59 44.21 13.32
N GLU B 615 11.29 44.12 13.51
CA GLU B 615 10.53 45.15 14.19
C GLU B 615 10.36 44.79 15.65
N TYR B 616 9.79 45.73 16.37
CA TYR B 616 9.53 45.57 17.78
C TYR B 616 8.43 44.52 18.00
N PRO B 617 8.45 43.80 19.13
CA PRO B 617 9.44 43.90 20.19
C PRO B 617 10.64 43.00 19.95
N TRP B 618 10.74 42.49 18.73
CA TRP B 618 11.84 41.59 18.42
C TRP B 618 13.15 42.33 18.16
N SER B 619 13.08 43.62 17.83
CA SER B 619 14.30 44.39 17.59
C SER B 619 15.03 44.65 18.90
N ALA B 620 14.31 45.09 19.93
CA ALA B 620 14.89 45.33 21.24
C ALA B 620 15.41 44.04 21.87
N ALA B 621 14.64 42.95 21.74
CA ALA B 621 15.08 41.65 22.24
C ALA B 621 16.26 41.11 21.46
N LEU B 622 16.44 41.56 20.22
CA LEU B 622 17.58 41.14 19.43
C LEU B 622 18.85 41.90 19.79
N LEU B 623 18.77 43.22 19.96
CA LEU B 623 19.95 44.01 20.29
C LEU B 623 20.24 44.07 21.78
N THR B 624 19.39 43.45 22.61
CA THR B 624 19.65 43.44 24.04
C THR B 624 20.87 42.59 24.42
N PRO B 625 21.07 41.34 23.93
CA PRO B 625 22.30 40.62 24.30
C PRO B 625 23.57 41.27 23.77
N LEU B 626 23.49 42.02 22.67
CA LEU B 626 24.68 42.67 22.13
C LEU B 626 25.06 43.89 22.93
N GLY B 627 24.30 44.20 23.98
CA GLY B 627 24.59 45.34 24.80
C GLY B 627 24.31 46.59 24.03
N ASN B 628 23.31 46.56 23.13
CA ASN B 628 22.92 47.68 22.27
C ASN B 628 24.10 48.11 21.41
N LEU B 629 24.89 47.13 20.96
CA LEU B 629 26.05 47.30 20.08
C LEU B 629 27.10 48.21 20.73
N GLU B 630 27.23 48.12 22.04
CA GLU B 630 28.20 48.91 22.77
C GLU B 630 29.50 48.14 22.94
N TRP B 631 29.41 46.91 23.35
CA TRP B 631 30.61 46.12 23.53
C TRP B 631 30.71 45.21 22.32
N GLU B 632 31.95 44.99 21.90
CA GLU B 632 32.21 44.20 20.72
C GLU B 632 32.41 42.76 21.12
N PHE B 633 31.65 41.88 20.50
CA PHE B 633 31.74 40.46 20.76
C PHE B 633 32.93 39.87 20.00
N LYS B 634 33.65 38.95 20.63
CA LYS B 634 34.83 38.32 20.05
C LYS B 634 34.79 36.81 20.32
N ALA B 635 35.21 36.03 19.34
CA ALA B 635 35.23 34.57 19.48
C ALA B 635 36.38 34.17 20.38
N LYS B 636 36.06 33.63 21.53
CA LYS B 636 37.06 33.22 22.49
C LYS B 636 37.04 31.72 22.69
N PRO B 637 38.20 31.11 22.92
CA PRO B 637 38.22 29.66 23.16
C PRO B 637 37.62 29.31 24.50
N PHE B 638 36.90 28.19 24.52
CA PHE B 638 36.22 27.60 25.69
C PHE B 638 35.19 28.53 26.30
N TYR B 639 34.79 29.53 25.54
CA TYR B 639 33.81 30.51 25.94
C TYR B 639 32.71 30.51 24.93
N THR B 640 31.49 30.33 25.41
CA THR B 640 30.36 30.34 24.50
C THR B 640 29.93 31.77 24.26
N VAL B 641 28.82 31.95 23.56
CA VAL B 641 28.37 33.27 23.21
C VAL B 641 27.76 33.95 24.43
N ILE B 642 26.87 33.25 25.11
CA ILE B 642 26.16 33.78 26.28
C ILE B 642 27.15 34.04 27.41
N ASP B 643 28.23 33.27 27.48
CA ASP B 643 29.24 33.49 28.49
C ASP B 643 29.94 34.82 28.23
N ILE B 644 30.35 35.07 26.99
CA ILE B 644 30.98 36.33 26.63
C ILE B 644 30.01 37.50 26.74
N ILE B 645 28.73 37.29 26.42
CA ILE B 645 27.73 38.33 26.60
C ILE B 645 27.58 38.69 28.04
N ASN B 646 27.36 37.69 28.89
CA ASN B 646 27.21 37.92 30.31
C ASN B 646 28.50 38.37 30.97
N GLU B 647 29.61 38.28 30.25
CA GLU B 647 30.89 38.73 30.77
C GLU B 647 30.87 40.24 30.96
N ASN B 648 30.44 40.96 29.94
CA ASN B 648 30.37 42.42 29.99
C ASN B 648 29.02 42.87 29.43
N ASN B 649 28.03 42.96 30.31
CA ASN B 649 26.68 43.40 29.97
C ASN B 649 25.96 43.71 31.28
N ARG B 650 24.97 44.60 31.20
CA ARG B 650 24.17 44.99 32.37
C ARG B 650 23.02 44.03 32.64
N ILE B 651 22.55 43.33 31.62
CA ILE B 651 21.45 42.39 31.73
C ILE B 651 22.01 41.01 31.56
N LYS B 652 21.68 40.14 32.48
CA LYS B 652 22.17 38.79 32.45
C LYS B 652 21.34 37.96 31.50
N LEU B 653 21.82 36.75 31.25
CA LEU B 653 21.13 35.85 30.36
C LEU B 653 21.23 34.43 30.91
N ARG B 654 20.26 33.61 30.53
CA ARG B 654 20.20 32.22 30.92
C ARG B 654 19.94 31.36 29.70
N ASP B 655 20.68 30.26 29.59
CA ASP B 655 20.52 29.34 28.46
C ASP B 655 19.17 28.62 28.61
N ARG B 656 18.24 28.91 27.72
CA ARG B 656 16.93 28.29 27.77
C ARG B 656 16.94 26.87 27.21
N GLY B 657 17.27 26.72 25.94
CA GLY B 657 17.30 25.41 25.31
C GLY B 657 18.66 24.79 25.38
N ILE B 658 18.83 23.91 26.35
CA ILE B 658 20.07 23.19 26.58
C ILE B 658 19.66 21.73 26.66
N SER B 659 18.38 21.47 26.40
CA SER B 659 17.86 20.11 26.49
C SER B 659 16.71 19.93 25.52
N TRP B 660 16.74 18.80 24.82
CA TRP B 660 15.76 18.40 23.82
C TRP B 660 15.52 16.91 23.90
N ILE B 661 14.25 16.48 23.91
CA ILE B 661 13.95 15.06 24.04
C ILE B 661 12.91 14.62 23.01
N GLY B 662 13.03 13.37 22.57
CA GLY B 662 12.13 12.77 21.59
C GLY B 662 12.68 12.67 20.19
N LYS B 677 -11.97 -6.99 12.87
CA LYS B 677 -11.28 -8.27 13.00
C LYS B 677 -11.08 -8.64 14.46
N PRO B 678 -11.43 -9.89 14.83
CA PRO B 678 -12.02 -10.92 13.97
C PRO B 678 -13.53 -10.75 13.84
N PRO B 679 -14.04 -11.01 12.66
CA PRO B 679 -15.49 -10.88 12.44
C PRO B 679 -16.26 -12.01 13.11
N VAL B 680 -16.45 -11.92 14.42
CA VAL B 680 -17.16 -12.93 15.19
C VAL B 680 -18.45 -12.31 15.71
N GLN B 681 -19.57 -13.02 15.50
CA GLN B 681 -20.88 -12.58 15.94
C GLN B 681 -21.62 -13.56 16.85
N VAL B 682 -21.26 -14.84 16.84
CA VAL B 682 -21.89 -15.84 17.69
C VAL B 682 -20.90 -16.99 17.86
N LEU B 683 -20.94 -17.63 19.02
CA LEU B 683 -20.04 -18.75 19.32
C LEU B 683 -20.66 -20.03 18.78
N PHE B 684 -20.75 -20.06 17.47
CA PHE B 684 -21.32 -21.22 16.81
C PHE B 684 -20.28 -21.78 15.84
N PRO B 685 -19.74 -22.95 16.11
CA PRO B 685 -18.73 -23.53 15.21
C PRO B 685 -19.34 -24.03 13.91
N ILE B 686 -19.05 -23.34 12.81
CA ILE B 686 -19.59 -23.74 11.51
C ILE B 686 -18.55 -24.39 10.62
N GLY B 687 -17.25 -24.12 10.81
CA GLY B 687 -16.25 -24.74 9.98
C GLY B 687 -16.34 -24.23 8.55
N LEU B 688 -16.02 -25.11 7.62
CA LEU B 688 -16.06 -24.77 6.21
C LEU B 688 -17.43 -24.94 5.60
N ALA B 689 -18.44 -25.28 6.41
CA ALA B 689 -19.77 -25.47 5.87
C ALA B 689 -20.39 -24.15 5.42
N GLY B 690 -19.91 -23.03 5.92
CA GLY B 690 -20.43 -21.74 5.52
C GLY B 690 -19.98 -21.27 4.16
N GLY B 691 -19.17 -22.06 3.46
CA GLY B 691 -18.68 -21.70 2.15
C GLY B 691 -17.31 -21.08 2.19
N GLN B 692 -17.24 -19.80 1.84
CA GLN B 692 -15.97 -19.09 1.83
C GLN B 692 -15.89 -18.04 2.93
N SER B 693 -17.04 -17.60 3.44
CA SER B 693 -17.06 -16.60 4.49
C SER B 693 -17.68 -17.12 5.77
N ARG B 694 -17.89 -18.44 5.84
CA ARG B 694 -18.48 -19.12 7.01
C ARG B 694 -19.85 -18.56 7.36
N ASP B 695 -20.64 -18.25 6.35
CA ASP B 695 -21.96 -17.68 6.58
C ASP B 695 -22.91 -18.76 7.07
N ILE B 696 -23.51 -18.49 8.23
CA ILE B 696 -24.44 -19.45 8.82
C ILE B 696 -25.76 -19.42 8.07
N LYS B 697 -26.16 -18.24 7.58
CA LYS B 697 -27.42 -18.11 6.86
C LYS B 697 -27.40 -18.92 5.58
N LYS B 698 -26.25 -19.00 4.93
CA LYS B 698 -26.13 -19.79 3.71
C LYS B 698 -26.20 -21.27 4.01
N ALA B 699 -25.60 -21.71 5.13
CA ALA B 699 -25.64 -23.11 5.50
C ALA B 699 -27.04 -23.54 5.95
N ALA B 700 -27.73 -22.68 6.68
CA ALA B 700 -29.09 -23.00 7.10
C ALA B 700 -30.04 -22.93 5.94
N GLU B 701 -29.76 -22.05 4.98
CA GLU B 701 -30.63 -21.92 3.81
C GLU B 701 -30.40 -23.04 2.81
N GLU B 702 -29.15 -23.35 2.53
CA GLU B 702 -28.87 -24.40 1.56
C GLU B 702 -29.07 -25.77 2.18
N GLY B 703 -28.55 -25.98 3.38
CA GLY B 703 -28.72 -27.26 4.04
C GLY B 703 -27.40 -27.96 4.25
N LYS B 704 -26.34 -27.18 4.44
CA LYS B 704 -25.03 -27.76 4.66
C LYS B 704 -24.88 -28.12 6.13
N THR B 705 -24.35 -29.31 6.36
CA THR B 705 -24.12 -29.80 7.70
C THR B 705 -22.67 -29.57 8.08
N ALA B 706 -22.42 -29.49 9.39
CA ALA B 706 -21.09 -29.24 9.93
C ALA B 706 -20.71 -30.40 10.84
N ARG B 707 -19.74 -31.21 10.41
CA ARG B 707 -19.26 -32.34 11.20
C ARG B 707 -18.12 -31.84 12.06
N VAL B 708 -18.48 -31.31 13.23
CA VAL B 708 -17.55 -30.71 14.17
C VAL B 708 -17.84 -31.25 15.56
N GLU B 709 -17.05 -30.81 16.52
CA GLU B 709 -17.19 -31.22 17.91
C GLU B 709 -18.08 -30.21 18.64
N ILE B 710 -19.26 -30.65 19.08
CA ILE B 710 -20.21 -29.79 19.76
C ILE B 710 -20.91 -30.61 20.84
N ALA B 711 -21.58 -29.92 21.76
CA ALA B 711 -22.32 -30.51 22.84
C ALA B 711 -23.78 -30.10 22.75
N PHE B 712 -24.61 -30.91 23.35
CA PHE B 712 -26.02 -30.63 23.36
C PHE B 712 -26.52 -30.76 24.78
N PHE B 713 -27.76 -30.37 24.96
CA PHE B 713 -28.41 -30.41 26.25
C PHE B 713 -29.57 -31.38 26.20
N LYS B 714 -30.17 -31.59 27.36
CA LYS B 714 -31.28 -32.51 27.41
C LYS B 714 -32.33 -31.97 28.35
N CYS B 715 -33.60 -32.21 28.00
CA CYS B 715 -34.72 -31.77 28.82
C CYS B 715 -35.35 -32.99 29.44
N PRO B 716 -35.27 -33.14 30.76
CA PRO B 716 -35.85 -34.34 31.39
C PRO B 716 -37.36 -34.35 31.37
N LYS B 717 -37.98 -33.20 31.62
CA LYS B 717 -39.42 -33.15 31.71
C LYS B 717 -40.06 -33.23 30.35
N CYS B 718 -39.66 -32.34 29.47
CA CYS B 718 -40.24 -32.27 28.14
C CYS B 718 -39.61 -33.30 27.20
N GLY B 719 -38.30 -33.22 27.02
CA GLY B 719 -37.64 -34.15 26.14
C GLY B 719 -36.98 -33.47 24.97
N HIS B 720 -36.84 -32.15 25.02
CA HIS B 720 -36.19 -31.44 23.93
C HIS B 720 -34.68 -31.57 24.06
N VAL B 721 -34.04 -31.84 22.93
CA VAL B 721 -32.59 -31.98 22.85
C VAL B 721 -32.11 -30.94 21.87
N GLY B 722 -31.23 -30.07 22.33
CA GLY B 722 -30.71 -29.03 21.47
C GLY B 722 -29.71 -28.17 22.20
N PRO B 723 -29.02 -27.31 21.45
CA PRO B 723 -28.03 -26.43 22.06
C PRO B 723 -28.64 -25.23 22.76
N GLU B 724 -29.97 -25.18 22.84
CA GLU B 724 -30.66 -24.08 23.48
C GLU B 724 -30.61 -24.29 24.99
N HIS B 725 -30.69 -23.19 25.72
CA HIS B 725 -30.63 -23.27 27.17
C HIS B 725 -32.00 -23.56 27.75
N LEU B 726 -33.02 -22.90 27.22
CA LEU B 726 -34.40 -23.06 27.65
C LEU B 726 -35.16 -23.83 26.57
N CYS B 727 -36.08 -24.69 27.01
CA CYS B 727 -36.86 -25.55 26.10
C CYS B 727 -37.76 -24.69 25.22
N PRO B 728 -37.61 -24.72 23.90
CA PRO B 728 -38.47 -23.88 23.02
C PRO B 728 -39.93 -24.28 23.00
N VAL B 729 -40.23 -25.54 23.21
CA VAL B 729 -41.60 -26.04 23.16
C VAL B 729 -42.24 -25.86 24.53
N CYS B 730 -41.64 -26.47 25.54
CA CYS B 730 -42.17 -26.42 26.89
C CYS B 730 -41.73 -25.14 27.60
N GLY B 731 -42.02 -25.06 28.89
CA GLY B 731 -41.66 -23.89 29.65
C GLY B 731 -40.72 -24.25 30.79
N THR B 732 -40.17 -25.45 30.75
CA THR B 732 -39.27 -25.91 31.80
C THR B 732 -37.84 -25.76 31.30
N ARG B 733 -36.94 -25.51 32.24
CA ARG B 733 -35.54 -25.34 31.90
C ARG B 733 -34.89 -26.70 31.77
N LYS B 734 -34.06 -26.86 30.75
CA LYS B 734 -33.38 -28.12 30.57
C LYS B 734 -31.98 -28.04 31.13
N GLU B 735 -31.38 -29.20 31.32
CA GLU B 735 -30.04 -29.31 31.86
C GLU B 735 -29.09 -29.80 30.80
N LEU B 736 -27.85 -29.97 31.24
CA LEU B 736 -26.79 -30.40 30.37
C LEU B 736 -26.88 -31.88 30.06
N LEU B 737 -26.15 -32.24 29.03
CA LEU B 737 -26.05 -33.61 28.63
C LEU B 737 -24.58 -33.97 28.59
N TRP B 738 -24.29 -35.17 29.05
CA TRP B 738 -22.96 -35.73 29.15
C TRP B 738 -22.92 -36.99 28.36
N HIS B 739 -22.06 -37.02 27.39
CA HIS B 739 -21.95 -38.21 26.58
C HIS B 739 -20.71 -38.97 27.00
N CYS B 740 -20.85 -40.27 27.17
CA CYS B 740 -19.68 -41.04 27.53
C CYS B 740 -18.87 -41.24 26.25
N PRO B 741 -17.58 -40.92 26.23
CA PRO B 741 -16.78 -41.07 24.99
C PRO B 741 -16.55 -42.50 24.57
N LYS B 742 -16.29 -43.39 25.52
CA LYS B 742 -16.03 -44.79 25.20
C LYS B 742 -17.29 -45.44 24.70
N CYS B 743 -18.34 -45.40 25.49
CA CYS B 743 -19.60 -46.01 25.10
C CYS B 743 -20.33 -45.04 24.17
N GLY B 744 -21.57 -45.33 23.85
CA GLY B 744 -22.32 -44.47 22.96
C GLY B 744 -23.61 -44.03 23.61
N ALA B 745 -23.54 -43.82 24.91
CA ALA B 745 -24.70 -43.41 25.67
C ALA B 745 -24.59 -41.99 26.16
N ASP B 746 -25.76 -41.40 26.37
CA ASP B 746 -25.89 -40.05 26.86
C ASP B 746 -26.47 -40.13 28.24
N TYR B 747 -25.97 -39.28 29.10
CA TYR B 747 -26.39 -39.23 30.47
C TYR B 747 -26.70 -37.78 30.73
N PRO B 748 -27.88 -37.47 31.25
CA PRO B 748 -28.21 -36.09 31.57
C PRO B 748 -27.31 -35.64 32.69
N GLU B 749 -27.37 -34.35 32.95
CA GLU B 749 -26.54 -33.78 33.99
C GLU B 749 -26.92 -34.37 35.34
N SER B 750 -28.22 -34.59 35.55
CA SER B 750 -28.69 -35.19 36.80
C SER B 750 -28.18 -36.61 36.96
N ASP B 751 -28.15 -37.38 35.87
CA ASP B 751 -27.61 -38.72 35.96
C ASP B 751 -26.09 -38.76 35.95
N ALA B 752 -25.45 -37.76 35.37
CA ALA B 752 -24.00 -37.77 35.34
C ALA B 752 -23.44 -37.43 36.72
N LYS B 753 -24.04 -36.43 37.39
CA LYS B 753 -23.55 -36.04 38.71
C LYS B 753 -23.81 -37.11 39.75
N ASP B 754 -24.76 -38.01 39.49
CA ASP B 754 -25.02 -39.09 40.44
C ASP B 754 -23.91 -40.11 40.38
N PHE B 755 -23.43 -40.40 39.18
CA PHE B 755 -22.34 -41.35 39.02
C PHE B 755 -21.00 -40.68 39.04
N ASN B 756 -20.97 -39.45 39.55
CA ASN B 756 -19.77 -38.64 39.69
C ASN B 756 -19.11 -38.45 38.32
N TYR B 757 -19.95 -38.28 37.29
CA TYR B 757 -19.53 -38.07 35.90
C TYR B 757 -18.66 -39.20 35.41
N ARG B 758 -18.97 -40.40 35.88
CA ARG B 758 -18.22 -41.57 35.51
C ARG B 758 -19.19 -42.57 34.95
N CYS B 759 -18.83 -43.10 33.87
CA CYS B 759 -19.69 -44.09 33.30
C CYS B 759 -19.50 -45.37 34.07
N PRO B 760 -20.58 -46.06 34.40
CA PRO B 760 -20.42 -47.33 35.15
C PRO B 760 -19.73 -48.39 34.32
N LYS B 761 -20.00 -48.45 33.02
CA LYS B 761 -19.40 -49.46 32.16
C LYS B 761 -17.98 -49.08 31.80
N CYS B 762 -17.82 -47.94 31.18
CA CYS B 762 -16.52 -47.53 30.76
C CYS B 762 -15.93 -46.64 31.84
N ASP B 763 -14.67 -46.88 32.16
CA ASP B 763 -14.02 -46.11 33.19
C ASP B 763 -13.25 -44.98 32.54
N VAL B 764 -14.02 -44.08 31.93
CA VAL B 764 -13.50 -42.92 31.27
C VAL B 764 -14.33 -41.72 31.69
N GLU B 765 -13.76 -40.54 31.49
CA GLU B 765 -14.42 -39.31 31.82
C GLU B 765 -15.43 -38.94 30.76
N LEU B 766 -16.64 -38.58 31.18
CA LEU B 766 -17.70 -38.24 30.24
C LEU B 766 -17.43 -36.85 29.71
N LYS B 767 -17.18 -36.77 28.45
CA LYS B 767 -16.92 -35.50 27.82
C LYS B 767 -18.25 -34.84 27.46
N PRO B 768 -18.34 -33.52 27.60
CA PRO B 768 -19.62 -32.87 27.29
C PRO B 768 -19.89 -32.82 25.80
N TYR B 769 -18.87 -32.52 24.99
CA TYR B 769 -18.99 -32.39 23.56
C TYR B 769 -18.47 -33.63 22.84
N ALA B 770 -18.84 -33.73 21.56
CA ALA B 770 -18.43 -34.83 20.70
C ALA B 770 -18.59 -34.40 19.25
N GLU B 771 -17.83 -35.07 18.37
CA GLU B 771 -17.90 -34.76 16.95
C GLU B 771 -19.11 -35.43 16.33
N ARG B 772 -19.87 -34.67 15.56
CA ARG B 772 -21.08 -35.15 14.91
C ARG B 772 -21.48 -34.13 13.84
N GLU B 773 -22.66 -34.32 13.27
CA GLU B 773 -23.18 -33.43 12.25
C GLU B 773 -24.02 -32.32 12.87
N ILE B 774 -24.14 -31.22 12.11
CA ILE B 774 -24.89 -30.04 12.52
C ILE B 774 -25.73 -29.55 11.35
N LYS B 775 -27.04 -29.43 11.54
CA LYS B 775 -27.94 -28.94 10.51
C LYS B 775 -28.53 -27.61 10.93
N PRO B 776 -27.96 -26.49 10.50
CA PRO B 776 -28.47 -25.16 10.89
C PRO B 776 -29.84 -24.85 10.33
N ALA B 777 -30.33 -25.64 9.39
CA ALA B 777 -31.64 -25.37 8.83
C ALA B 777 -32.72 -25.60 9.88
N ASP B 778 -32.50 -26.56 10.75
CA ASP B 778 -33.46 -26.87 11.80
C ASP B 778 -33.09 -26.26 13.12
N LEU B 779 -31.91 -25.66 13.22
CA LEU B 779 -31.50 -25.05 14.46
C LEU B 779 -31.74 -23.55 14.45
N LEU B 780 -31.46 -22.90 13.33
CA LEU B 780 -31.66 -21.46 13.24
C LEU B 780 -33.12 -21.10 13.25
N ARG B 781 -33.96 -21.96 12.68
CA ARG B 781 -35.38 -21.67 12.65
C ARG B 781 -35.99 -21.71 14.05
N GLN B 782 -35.48 -22.58 14.92
CA GLN B 782 -36.02 -22.70 16.27
C GLN B 782 -35.63 -21.54 17.17
N ALA B 783 -34.76 -20.65 16.73
CA ALA B 783 -34.35 -19.52 17.54
C ALA B 783 -34.97 -18.19 17.10
N MET B 784 -35.41 -18.09 15.85
CA MET B 784 -35.97 -16.83 15.38
C MET B 784 -37.34 -16.57 15.98
N ASP B 785 -38.09 -17.61 16.26
CA ASP B 785 -39.42 -17.45 16.82
C ASP B 785 -39.42 -17.14 18.32
N ASN B 786 -38.28 -17.30 18.98
CA ASN B 786 -38.21 -17.01 20.40
C ASN B 786 -38.31 -15.52 20.65
N VAL B 787 -37.37 -14.76 20.08
CA VAL B 787 -37.39 -13.32 20.21
C VAL B 787 -38.22 -12.67 19.13
N LYS B 788 -38.79 -13.47 18.22
CA LYS B 788 -39.68 -13.03 17.15
C LYS B 788 -38.99 -11.99 16.26
N VAL B 789 -37.91 -12.43 15.59
CA VAL B 789 -37.20 -11.58 14.66
C VAL B 789 -37.13 -12.26 13.31
N TYR B 790 -37.15 -11.43 12.27
CA TYR B 790 -37.08 -11.91 10.90
C TYR B 790 -36.12 -11.11 10.05
N GLY B 791 -35.69 -9.94 10.49
CA GLY B 791 -34.78 -9.16 9.67
C GLY B 791 -33.35 -9.41 10.07
N ILE B 792 -32.70 -10.27 9.30
CA ILE B 792 -31.31 -10.64 9.48
C ILE B 792 -30.60 -10.48 8.15
N ASP B 793 -29.39 -9.96 8.17
CA ASP B 793 -28.60 -9.75 6.95
C ASP B 793 -27.62 -10.88 6.65
N ARG B 794 -26.70 -11.16 7.58
CA ARG B 794 -25.68 -12.18 7.42
C ARG B 794 -25.09 -12.47 8.77
N LEU B 795 -24.97 -13.75 9.08
CA LEU B 795 -24.40 -14.16 10.36
C LEU B 795 -23.36 -15.23 10.11
N LYS B 796 -22.23 -15.11 10.79
CA LYS B 796 -21.17 -16.07 10.64
C LYS B 796 -20.68 -16.46 12.01
N GLY B 797 -20.09 -17.64 12.08
CA GLY B 797 -19.58 -18.15 13.34
C GLY B 797 -18.08 -18.29 13.32
N VAL B 798 -17.57 -19.27 14.05
CA VAL B 798 -16.14 -19.50 14.11
C VAL B 798 -15.85 -20.85 13.50
N LYS B 799 -14.58 -21.06 13.18
CA LYS B 799 -14.17 -22.34 12.60
C LYS B 799 -14.16 -23.43 13.66
N GLY B 800 -13.86 -23.07 14.91
CA GLY B 800 -13.82 -24.01 16.00
C GLY B 800 -13.85 -23.35 17.37
N MET B 801 -14.59 -23.96 18.30
CA MET B 801 -14.71 -23.44 19.65
C MET B 801 -13.41 -23.65 20.43
N THR B 802 -12.78 -22.55 20.83
CA THR B 802 -11.52 -22.60 21.57
C THR B 802 -11.70 -22.70 23.09
N SER B 803 -12.93 -22.73 23.58
CA SER B 803 -13.13 -22.85 25.01
C SER B 803 -12.90 -24.27 25.48
N GLY B 804 -12.94 -24.44 26.79
CA GLY B 804 -12.71 -25.75 27.37
C GLY B 804 -13.91 -26.66 27.19
N TYR B 805 -15.09 -26.15 27.51
CA TYR B 805 -16.29 -26.98 27.40
C TYR B 805 -16.94 -26.97 26.04
N LYS B 806 -16.63 -25.97 25.22
CA LYS B 806 -17.16 -25.83 23.86
C LYS B 806 -18.70 -25.79 23.87
N MET B 807 -19.25 -24.93 24.73
CA MET B 807 -20.70 -24.80 24.87
C MET B 807 -21.27 -23.80 23.86
N ALA B 808 -22.44 -24.12 23.32
CA ALA B 808 -23.06 -23.28 22.31
C ALA B 808 -23.66 -22.04 22.94
N GLU B 809 -23.74 -21.02 22.15
CA GLU B 809 -24.27 -19.72 22.46
C GLU B 809 -25.67 -19.61 21.90
N PRO B 810 -26.60 -19.04 22.67
CA PRO B 810 -27.94 -18.82 22.14
C PRO B 810 -27.88 -17.95 20.91
N LEU B 811 -28.63 -18.37 19.89
CA LEU B 811 -28.59 -17.71 18.58
C LEU B 811 -29.36 -16.39 18.57
N GLU B 812 -30.26 -16.17 19.53
CA GLU B 812 -31.03 -14.93 19.58
C GLU B 812 -30.12 -13.73 19.81
N LYS B 813 -29.06 -13.93 20.61
CA LYS B 813 -28.08 -12.89 20.85
C LYS B 813 -27.47 -12.42 19.54
N GLY B 814 -27.09 -13.37 18.68
CA GLY B 814 -26.62 -13.03 17.36
C GLY B 814 -27.70 -12.44 16.47
N LEU B 815 -28.95 -12.88 16.65
CA LEU B 815 -30.08 -12.34 15.90
C LEU B 815 -30.30 -10.87 16.22
N LEU B 816 -29.94 -10.46 17.43
CA LEU B 816 -29.95 -9.06 17.78
C LEU B 816 -28.65 -8.35 17.43
N ARG B 817 -27.54 -9.07 17.35
CA ARG B 817 -26.27 -8.43 17.00
C ARG B 817 -26.22 -8.10 15.53
N VAL B 818 -26.89 -8.91 14.69
CA VAL B 818 -26.90 -8.62 13.26
C VAL B 818 -27.78 -7.43 12.96
N LYS B 819 -28.76 -7.15 13.79
CA LYS B 819 -29.61 -5.99 13.57
C LYS B 819 -29.16 -4.78 14.38
N ASN B 820 -28.33 -4.98 15.40
CA ASN B 820 -27.80 -3.90 16.23
C ASN B 820 -26.43 -3.41 15.77
N ASP B 821 -25.85 -4.08 14.78
CA ASP B 821 -24.56 -3.71 14.17
C ASP B 821 -23.46 -3.67 15.22
N VAL B 822 -23.27 -4.80 15.88
CA VAL B 822 -22.24 -4.94 16.88
C VAL B 822 -21.51 -6.24 16.61
N TYR B 823 -20.37 -6.39 17.27
CA TYR B 823 -19.52 -7.56 17.14
C TYR B 823 -19.17 -8.05 18.51
N VAL B 824 -18.73 -9.31 18.57
CA VAL B 824 -18.39 -9.95 19.81
C VAL B 824 -17.07 -10.70 19.63
N PHE B 825 -16.44 -11.01 20.74
CA PHE B 825 -15.20 -11.77 20.77
C PHE B 825 -15.48 -13.16 21.36
N LYS B 826 -14.44 -13.97 21.50
CA LYS B 826 -14.55 -15.32 22.05
C LYS B 826 -14.98 -15.32 23.52
N ASP B 827 -14.68 -14.25 24.26
CA ASP B 827 -15.04 -14.16 25.67
C ASP B 827 -16.51 -13.82 25.92
N GLY B 828 -17.32 -13.68 24.88
CA GLY B 828 -18.73 -13.37 25.04
C GLY B 828 -19.04 -11.96 25.46
N THR B 829 -18.04 -11.09 25.53
CA THR B 829 -18.25 -9.70 25.90
C THR B 829 -17.86 -8.80 24.73
N ILE B 830 -18.58 -7.69 24.59
CA ILE B 830 -18.32 -6.72 23.52
C ILE B 830 -17.28 -5.75 24.06
N ARG B 831 -16.02 -6.08 23.82
CA ARG B 831 -14.90 -5.27 24.28
C ARG B 831 -14.32 -4.48 23.11
N PHE B 832 -14.37 -3.17 23.23
CA PHE B 832 -13.86 -2.26 22.21
C PHE B 832 -12.46 -1.80 22.58
N ASP B 833 -11.53 -2.02 21.66
CA ASP B 833 -10.15 -1.62 21.88
C ASP B 833 -9.96 -0.12 21.70
N ALA B 834 -9.41 0.53 22.71
CA ALA B 834 -9.18 1.96 22.67
C ALA B 834 -7.82 2.26 23.26
N THR B 835 -7.44 3.55 23.17
CA THR B 835 -6.16 4.02 23.69
C THR B 835 -6.43 5.23 24.58
N ASP B 836 -5.87 5.22 25.81
CA ASP B 836 -6.00 6.27 26.83
C ASP B 836 -4.65 6.91 27.17
N ALA B 837 -4.70 7.90 28.09
CA ALA B 837 -3.51 8.64 28.54
C ALA B 837 -3.71 9.25 29.91
N PRO B 838 -2.67 9.31 30.75
CA PRO B 838 -2.82 9.89 32.09
C PRO B 838 -2.79 11.41 32.01
N ILE B 839 -3.73 12.06 32.68
CA ILE B 839 -3.79 13.51 32.69
C ILE B 839 -3.64 14.00 34.13
N THR B 840 -3.44 15.31 34.28
CA THR B 840 -3.28 15.92 35.60
C THR B 840 -4.40 16.87 35.96
N HIS B 841 -4.70 17.82 35.09
CA HIS B 841 -5.74 18.79 35.31
C HIS B 841 -6.18 19.29 33.96
N PHE B 842 -7.37 19.87 33.93
CA PHE B 842 -7.94 20.39 32.70
C PHE B 842 -9.00 21.40 33.06
N LYS B 843 -9.64 21.93 32.02
CA LYS B 843 -10.70 22.90 32.18
C LYS B 843 -11.94 22.42 31.43
N PRO B 844 -13.13 22.85 31.87
CA PRO B 844 -14.37 22.45 31.16
C PRO B 844 -14.44 22.93 29.74
N LYS B 845 -13.68 23.95 29.39
CA LYS B 845 -13.70 24.46 28.04
C LYS B 845 -13.05 23.50 27.04
N GLU B 846 -11.99 22.81 27.47
CA GLU B 846 -11.32 21.88 26.57
C GLU B 846 -12.16 20.64 26.33
N ILE B 847 -13.02 20.30 27.27
CA ILE B 847 -13.87 19.12 27.14
C ILE B 847 -15.28 19.50 26.70
N GLY B 848 -15.68 20.76 26.84
CA GLY B 848 -16.99 21.19 26.42
C GLY B 848 -18.08 20.71 27.35
N THR B 849 -17.94 21.03 28.64
CA THR B 849 -18.93 20.63 29.62
C THR B 849 -19.36 21.86 30.39
N SER B 850 -20.67 22.01 30.58
CA SER B 850 -21.23 23.16 31.27
C SER B 850 -21.01 23.04 32.77
N VAL B 851 -21.25 24.14 33.48
CA VAL B 851 -21.09 24.18 34.92
C VAL B 851 -22.19 23.38 35.59
N GLU B 852 -23.42 23.50 35.07
CA GLU B 852 -24.55 22.76 35.64
C GLU B 852 -24.37 21.26 35.49
N LYS B 853 -23.79 20.83 34.36
CA LYS B 853 -23.53 19.41 34.16
C LYS B 853 -22.53 18.89 35.17
N LEU B 854 -21.43 19.63 35.37
CA LEU B 854 -20.43 19.25 36.35
C LEU B 854 -20.99 19.27 37.75
N ARG B 855 -21.93 20.19 38.01
CA ARG B 855 -22.59 20.22 39.30
C ARG B 855 -23.46 18.99 39.48
N GLU B 856 -24.12 18.56 38.41
CA GLU B 856 -24.94 17.37 38.46
C GLU B 856 -24.10 16.10 38.51
N LEU B 857 -22.86 16.16 38.05
CA LEU B 857 -21.99 14.99 38.12
C LEU B 857 -21.63 14.66 39.55
N GLY B 858 -21.60 15.68 40.41
CA GLY B 858 -21.29 15.46 41.80
C GLY B 858 -20.18 16.38 42.23
N TYR B 859 -19.74 17.26 41.33
CA TYR B 859 -18.68 18.18 41.67
C TYR B 859 -19.23 19.33 42.49
N THR B 860 -18.56 19.64 43.59
CA THR B 860 -18.95 20.68 44.52
C THR B 860 -17.97 21.84 44.60
N HIS B 861 -16.68 21.55 44.64
CA HIS B 861 -15.68 22.59 44.75
C HIS B 861 -14.42 22.14 44.03
N ASP B 862 -13.55 23.10 43.71
CA ASP B 862 -12.32 22.79 43.02
C ASP B 862 -11.20 22.52 44.02
N PHE B 863 -9.96 22.45 43.53
CA PHE B 863 -8.81 22.21 44.39
C PHE B 863 -8.46 23.45 45.20
N GLU B 864 -9.09 24.58 44.90
CA GLU B 864 -8.86 25.83 45.61
C GLU B 864 -9.92 26.05 46.68
N GLY B 865 -10.88 25.14 46.82
CA GLY B 865 -11.92 25.27 47.80
C GLY B 865 -13.06 26.14 47.38
N LYS B 866 -12.96 26.76 46.24
CA LYS B 866 -14.03 27.60 45.81
C LYS B 866 -15.10 26.74 45.19
N PRO B 867 -16.37 27.12 45.35
CA PRO B 867 -17.45 26.35 44.73
C PRO B 867 -17.32 26.35 43.23
N LEU B 868 -17.76 25.26 42.63
CA LEU B 868 -17.67 25.09 41.19
C LEU B 868 -18.74 25.95 40.54
N GLU B 869 -18.39 27.17 40.25
CA GLU B 869 -19.28 28.11 39.60
C GLU B 869 -18.66 28.69 38.36
N ARG B 870 -17.35 28.91 38.37
CA ARG B 870 -16.68 29.45 37.21
C ARG B 870 -16.50 28.35 36.19
N ASP B 871 -16.80 28.67 34.93
CA ASP B 871 -16.64 27.68 33.88
C ASP B 871 -15.17 27.50 33.56
N ASP B 872 -14.51 28.57 33.15
CA ASP B 872 -13.09 28.51 32.83
C ASP B 872 -12.33 28.52 34.13
N GLN B 873 -12.18 27.33 34.69
CA GLN B 873 -11.48 27.18 35.95
C GLN B 873 -10.84 25.81 35.91
N ILE B 874 -9.63 25.71 36.46
CA ILE B 874 -8.91 24.44 36.47
C ILE B 874 -9.57 23.51 37.46
N LEU B 875 -10.00 22.38 36.97
CA LEU B 875 -10.65 21.42 37.83
C LEU B 875 -9.84 20.14 37.76
N GLU B 876 -9.86 19.42 38.86
CA GLU B 876 -9.18 18.16 38.96
C GLU B 876 -10.14 17.06 38.53
N LEU B 877 -9.58 15.91 38.25
CA LEU B 877 -10.36 14.77 37.80
C LEU B 877 -10.43 13.72 38.91
N LYS B 878 -11.60 13.08 39.02
CA LYS B 878 -11.83 12.04 40.03
C LYS B 878 -11.26 10.72 39.53
N VAL B 879 -11.60 9.64 40.24
CA VAL B 879 -11.04 8.34 39.92
C VAL B 879 -11.81 7.67 38.78
N GLN B 880 -13.10 7.42 38.99
CA GLN B 880 -13.91 6.67 38.03
C GLN B 880 -14.54 7.61 37.00
N ASP B 881 -13.67 8.23 36.20
CA ASP B 881 -14.10 9.13 35.14
C ASP B 881 -13.35 8.84 33.85
N VAL B 882 -14.08 8.62 32.75
CA VAL B 882 -13.47 8.35 31.45
C VAL B 882 -14.11 9.24 30.38
N ILE B 883 -13.31 9.59 29.39
CA ILE B 883 -13.72 10.44 28.28
C ILE B 883 -13.41 9.66 27.00
N LEU B 884 -14.45 9.04 26.45
CA LEU B 884 -14.30 8.23 25.25
C LEU B 884 -14.61 9.03 24.00
N PRO B 885 -14.04 8.62 22.87
CA PRO B 885 -14.29 9.32 21.62
C PRO B 885 -15.68 9.05 21.07
N TYR B 886 -15.94 9.60 19.90
CA TYR B 886 -17.24 9.45 19.24
C TYR B 886 -17.51 8.02 18.82
N GLU B 887 -16.46 7.30 18.43
CA GLU B 887 -16.59 5.91 18.00
C GLU B 887 -17.11 5.01 19.10
N ALA B 888 -16.57 5.15 20.30
CA ALA B 888 -17.06 4.37 21.42
C ALA B 888 -18.45 4.83 21.87
N GLY B 889 -18.76 6.11 21.68
CA GLY B 889 -20.08 6.58 22.06
C GLY B 889 -21.16 6.00 21.19
N ARG B 890 -20.96 6.04 19.88
CA ARG B 890 -21.97 5.50 18.99
C ARG B 890 -21.96 3.99 19.03
N TYR B 891 -20.78 3.36 19.03
CA TYR B 891 -20.70 1.91 19.05
C TYR B 891 -21.25 1.34 20.33
N LEU B 892 -20.72 1.79 21.45
CA LEU B 892 -21.20 1.35 22.74
C LEU B 892 -22.60 1.83 23.00
N LEU B 893 -23.02 2.88 22.29
CA LEU B 893 -24.41 3.25 22.33
C LEU B 893 -25.25 2.18 21.67
N LYS B 894 -24.77 1.66 20.53
CA LYS B 894 -25.43 0.53 19.87
C LYS B 894 -25.35 -0.73 20.71
N VAL B 895 -24.30 -0.87 21.50
CA VAL B 895 -24.21 -1.99 22.42
C VAL B 895 -25.22 -1.86 23.56
N ALA B 896 -25.42 -0.63 24.05
CA ALA B 896 -26.44 -0.38 25.08
C ALA B 896 -27.83 -0.67 24.55
N ARG B 897 -28.08 -0.32 23.29
CA ARG B 897 -29.33 -0.68 22.64
C ARG B 897 -29.45 -2.19 22.46
N PHE B 898 -28.33 -2.89 22.28
CA PHE B 898 -28.37 -4.34 22.20
C PHE B 898 -28.76 -4.95 23.54
N ILE B 899 -28.30 -4.34 24.63
CA ILE B 899 -28.67 -4.84 25.95
C ILE B 899 -30.12 -4.52 26.26
N ASP B 900 -30.56 -3.32 25.88
CA ASP B 900 -31.95 -2.93 26.09
C ASP B 900 -32.87 -3.82 25.28
N ASP B 901 -32.54 -4.04 24.02
CA ASP B 901 -33.30 -4.94 23.20
C ASP B 901 -33.21 -6.37 23.70
N LEU B 902 -32.08 -6.72 24.31
CA LEU B 902 -31.93 -8.04 24.90
C LEU B 902 -32.80 -8.20 26.14
N LEU B 903 -33.02 -7.12 26.86
CA LEU B 903 -33.82 -7.20 28.06
C LEU B 903 -35.31 -7.10 27.77
N GLU B 904 -35.68 -6.41 26.70
CA GLU B 904 -37.09 -6.14 26.45
C GLU B 904 -37.84 -7.33 25.86
N LYS B 905 -37.17 -8.28 25.21
CA LYS B 905 -37.89 -9.36 24.55
C LYS B 905 -37.34 -10.74 24.93
N PHE B 906 -36.06 -10.79 25.25
CA PHE B 906 -35.45 -12.08 25.56
C PHE B 906 -35.47 -12.37 27.05
N TYR B 907 -35.32 -11.34 27.89
CA TYR B 907 -35.40 -11.54 29.33
C TYR B 907 -36.70 -11.07 29.97
N GLY B 908 -37.42 -10.15 29.35
CA GLY B 908 -38.66 -9.66 29.93
C GLY B 908 -38.49 -8.70 31.07
N LEU B 909 -37.34 -8.12 31.21
CA LEU B 909 -37.08 -7.15 32.26
C LEU B 909 -37.06 -5.75 31.65
N PRO B 910 -37.43 -4.72 32.42
CA PRO B 910 -37.39 -3.37 31.88
C PRO B 910 -35.96 -2.92 31.59
N ARG B 911 -35.85 -1.90 30.73
CA ARG B 911 -34.55 -1.39 30.32
C ARG B 911 -33.86 -0.67 31.47
N PHE B 912 -32.55 -0.80 31.52
CA PHE B 912 -31.72 -0.17 32.54
C PHE B 912 -30.92 1.00 32.02
N TYR B 913 -30.43 0.93 30.78
CA TYR B 913 -29.64 2.04 30.25
C TYR B 913 -30.53 3.23 29.93
N ASN B 914 -31.51 3.02 29.05
CA ASN B 914 -32.45 4.04 28.58
C ASN B 914 -31.67 5.22 28.00
N ALA B 915 -30.74 4.89 27.11
CA ALA B 915 -29.90 5.88 26.47
C ALA B 915 -30.31 5.95 25.02
N GLU B 916 -30.65 7.14 24.57
CA GLU B 916 -31.05 7.39 23.20
C GLU B 916 -30.02 8.19 22.44
N LYS B 917 -29.28 9.06 23.12
CA LYS B 917 -28.28 9.87 22.45
C LYS B 917 -26.90 9.52 23.01
N MET B 918 -25.86 10.15 22.44
CA MET B 918 -24.51 9.89 22.91
C MET B 918 -24.31 10.50 24.28
N GLU B 919 -24.79 11.73 24.48
CA GLU B 919 -24.65 12.40 25.77
C GLU B 919 -25.49 11.72 26.84
N ASP B 920 -26.49 10.93 26.44
CA ASP B 920 -27.32 10.23 27.41
C ASP B 920 -26.54 9.10 28.07
N LEU B 921 -25.43 8.68 27.45
CA LEU B 921 -24.60 7.63 28.01
C LEU B 921 -23.83 8.10 29.24
N VAL B 922 -23.75 9.42 29.45
CA VAL B 922 -23.07 9.95 30.63
C VAL B 922 -23.85 9.58 31.87
N GLY B 923 -23.17 8.99 32.83
CA GLY B 923 -23.79 8.55 34.05
C GLY B 923 -23.79 7.05 34.19
N HIS B 924 -23.68 6.32 33.08
CA HIS B 924 -23.66 4.88 33.16
C HIS B 924 -22.27 4.40 33.59
N LEU B 925 -22.15 3.11 33.81
CA LEU B 925 -20.92 2.49 34.26
C LEU B 925 -20.34 1.60 33.18
N VAL B 926 -19.02 1.59 33.09
CA VAL B 926 -18.30 0.76 32.14
C VAL B 926 -17.28 -0.07 32.89
N ILE B 927 -16.60 -0.95 32.17
CA ILE B 927 -15.57 -1.82 32.73
C ILE B 927 -14.39 -1.83 31.78
N GLY B 928 -13.19 -1.56 32.30
CA GLY B 928 -11.97 -1.58 31.52
C GLY B 928 -11.10 -2.78 31.89
N LEU B 929 -10.76 -3.56 30.87
CA LEU B 929 -9.94 -4.75 31.06
C LEU B 929 -8.66 -4.57 30.26
N ALA B 930 -7.56 -4.93 30.87
CA ALA B 930 -6.22 -4.83 30.31
C ALA B 930 -5.69 -6.20 29.91
N PRO B 931 -4.72 -6.27 28.98
CA PRO B 931 -4.14 -7.56 28.61
C PRO B 931 -3.44 -8.22 29.79
N HIS B 932 -3.63 -9.54 29.88
CA HIS B 932 -3.10 -10.37 30.96
C HIS B 932 -3.55 -9.87 32.31
N THR B 933 -4.83 -9.52 32.40
CA THR B 933 -5.45 -9.10 33.66
C THR B 933 -6.76 -9.83 33.85
N SER B 934 -7.00 -10.28 35.08
CA SER B 934 -8.21 -10.98 35.48
C SER B 934 -9.23 -10.07 36.13
N ALA B 935 -8.98 -8.76 36.17
CA ALA B 935 -9.89 -7.83 36.80
C ALA B 935 -10.05 -6.61 35.92
N GLY B 936 -11.25 -6.06 35.94
CA GLY B 936 -11.51 -4.87 35.17
C GLY B 936 -11.99 -3.75 36.04
N ILE B 937 -11.42 -2.58 35.86
CA ILE B 937 -11.73 -1.42 36.70
C ILE B 937 -12.99 -0.76 36.15
N ILE B 938 -14.01 -0.63 37.01
CA ILE B 938 -15.26 -0.01 36.61
C ILE B 938 -15.07 1.50 36.48
N GLY B 939 -15.53 2.07 35.36
CA GLY B 939 -15.42 3.49 35.12
C GLY B 939 -16.79 4.10 34.86
N ARG B 940 -16.76 5.40 34.55
CA ARG B 940 -17.98 6.12 34.31
C ARG B 940 -17.72 7.16 33.25
N ILE B 941 -18.52 7.13 32.20
CA ILE B 941 -18.35 8.06 31.09
C ILE B 941 -18.79 9.44 31.52
N ILE B 942 -17.96 10.44 31.25
CA ILE B 942 -18.28 11.82 31.59
C ILE B 942 -18.31 12.74 30.38
N GLY B 943 -17.72 12.36 29.26
CA GLY B 943 -17.71 13.25 28.12
C GLY B 943 -17.25 12.55 26.86
N PHE B 944 -17.01 13.37 25.84
CA PHE B 944 -16.58 12.86 24.56
C PHE B 944 -15.49 13.72 23.97
N SER B 945 -14.56 13.09 23.29
CA SER B 945 -13.45 13.79 22.68
C SER B 945 -13.48 13.57 21.18
N ASP B 946 -12.97 14.57 20.45
CA ASP B 946 -12.93 14.49 19.00
C ASP B 946 -11.83 13.55 18.52
N VAL B 947 -10.73 13.50 19.25
CA VAL B 947 -9.61 12.65 18.90
C VAL B 947 -10.02 11.19 19.14
N LEU B 948 -9.52 10.30 18.28
CA LEU B 948 -9.88 8.88 18.33
C LEU B 948 -9.43 8.18 19.59
N VAL B 949 -8.49 8.75 20.32
CA VAL B 949 -8.03 8.16 21.57
C VAL B 949 -8.80 8.79 22.72
N GLY B 950 -8.84 8.09 23.84
CA GLY B 950 -9.56 8.53 25.01
C GLY B 950 -8.64 9.11 26.07
N TYR B 951 -9.23 9.57 27.17
CA TYR B 951 -8.48 10.14 28.26
C TYR B 951 -8.70 9.35 29.55
N ALA B 952 -7.64 9.20 30.33
CA ALA B 952 -7.75 8.45 31.57
C ALA B 952 -7.23 9.24 32.76
N HIS B 953 -7.19 8.56 33.88
CA HIS B 953 -6.73 9.18 35.08
C HIS B 953 -5.67 8.29 35.69
N PRO B 954 -4.64 8.87 36.30
CA PRO B 954 -3.60 8.07 36.95
C PRO B 954 -4.15 7.16 38.04
N TYR B 955 -5.21 7.57 38.75
CA TYR B 955 -5.83 6.67 39.70
C TYR B 955 -6.65 5.62 38.99
N TYR B 956 -7.30 6.02 37.90
CA TYR B 956 -8.05 5.06 37.11
C TYR B 956 -7.11 4.11 36.39
N HIS B 957 -5.98 4.63 35.93
CA HIS B 957 -4.97 3.84 35.23
C HIS B 957 -3.67 4.04 35.99
N ALA B 958 -3.35 3.08 36.85
CA ALA B 958 -2.21 3.18 37.74
C ALA B 958 -0.89 3.15 36.96
N ALA B 959 0.18 3.47 37.66
CA ALA B 959 1.50 3.48 37.04
C ALA B 959 2.11 2.09 36.98
N LYS B 960 1.65 1.16 37.82
CA LYS B 960 2.21 -0.18 37.81
C LYS B 960 1.83 -0.93 36.53
N ARG B 961 0.58 -0.81 36.09
CA ARG B 961 0.10 -1.43 34.86
C ARG B 961 0.64 -0.82 33.56
N ARG B 962 1.25 0.36 33.62
CA ARG B 962 1.80 0.98 32.41
C ARG B 962 3.17 0.46 32.05
N ASN B 963 3.92 -0.06 33.03
CA ASN B 963 5.27 -0.57 32.83
C ASN B 963 5.31 -1.91 32.09
N CYS B 964 4.18 -2.60 31.93
CA CYS B 964 4.17 -3.88 31.24
C CYS B 964 3.87 -3.72 29.76
N ASP B 965 4.18 -2.55 29.20
CA ASP B 965 3.98 -2.21 27.80
C ASP B 965 2.51 -2.35 27.42
N GLY B 966 1.65 -1.85 28.29
CA GLY B 966 0.24 -1.95 28.02
C GLY B 966 -0.35 -0.57 27.85
N ASP B 967 -0.77 -0.28 26.62
CA ASP B 967 -1.36 1.00 26.29
C ASP B 967 -2.83 0.86 25.91
N GLU B 968 -3.14 0.00 24.94
CA GLU B 968 -4.51 -0.24 24.49
C GLU B 968 -5.28 -1.10 25.47
N ASP B 969 -6.55 -0.76 25.70
CA ASP B 969 -7.40 -1.50 26.63
C ASP B 969 -8.75 -1.84 26.01
N ALA B 970 -9.38 -2.88 26.57
CA ALA B 970 -10.68 -3.35 26.12
C ALA B 970 -11.75 -2.75 27.01
N VAL B 971 -12.71 -2.07 26.39
CA VAL B 971 -13.80 -1.41 27.09
C VAL B 971 -15.09 -2.19 26.88
N MET B 972 -15.78 -2.50 27.96
CA MET B 972 -17.04 -3.23 27.88
C MET B 972 -18.04 -2.55 28.82
N LEU B 973 -19.28 -3.03 28.81
CA LEU B 973 -20.33 -2.52 29.67
C LEU B 973 -20.51 -3.41 30.89
N LEU B 974 -21.06 -2.82 31.94
CA LEU B 974 -21.27 -3.52 33.20
C LEU B 974 -22.35 -4.59 33.06
N LEU B 975 -23.55 -4.18 32.66
CA LEU B 975 -24.66 -5.11 32.54
C LEU B 975 -24.43 -6.12 31.42
N ASP B 976 -23.65 -5.73 30.40
CA ASP B 976 -23.30 -6.65 29.31
C ASP B 976 -22.48 -7.81 29.83
N ALA B 977 -21.47 -7.53 30.64
CA ALA B 977 -20.70 -8.61 31.23
C ALA B 977 -21.50 -9.35 32.29
N LEU B 978 -22.38 -8.64 33.00
CA LEU B 978 -23.18 -9.30 34.02
C LEU B 978 -24.24 -10.22 33.44
N LEU B 979 -24.63 -10.02 32.19
CA LEU B 979 -25.65 -10.85 31.57
C LEU B 979 -25.18 -11.64 30.36
N ASN B 980 -23.91 -11.56 29.99
CA ASN B 980 -23.43 -12.28 28.81
C ASN B 980 -22.17 -13.06 29.07
N PHE B 981 -21.41 -12.72 30.09
CA PHE B 981 -20.21 -13.47 30.35
C PHE B 981 -20.58 -14.73 31.10
N SER B 982 -19.85 -15.80 30.80
CA SER B 982 -20.07 -17.08 31.45
C SER B 982 -18.68 -17.69 31.59
N LYS B 983 -18.45 -18.31 32.74
CA LYS B 983 -17.16 -18.91 33.05
C LYS B 983 -16.87 -20.14 32.21
N TYR B 984 -17.91 -20.78 31.66
CA TYR B 984 -17.74 -22.00 30.89
C TYR B 984 -17.06 -21.78 29.55
N TYR B 985 -16.90 -20.52 29.15
CA TYR B 985 -16.30 -20.19 27.88
C TYR B 985 -14.79 -19.94 28.02
N LEU B 986 -14.15 -20.45 29.08
CA LEU B 986 -12.72 -20.24 29.22
C LEU B 986 -11.95 -21.18 28.31
N PRO B 987 -10.91 -20.68 27.65
CA PRO B 987 -10.09 -21.54 26.80
C PRO B 987 -9.25 -22.49 27.65
N GLU B 988 -8.90 -23.60 27.03
CA GLU B 988 -8.15 -24.65 27.70
C GLU B 988 -6.67 -24.71 27.33
N LYS B 989 -6.30 -24.39 26.09
CA LYS B 989 -4.89 -24.45 25.67
C LYS B 989 -4.40 -23.13 25.07
N ARG B 990 -5.25 -22.43 24.31
CA ARG B 990 -4.85 -21.20 23.67
C ARG B 990 -5.31 -20.01 24.52
N GLY B 991 -5.01 -18.82 24.04
CA GLY B 991 -5.38 -17.62 24.76
C GLY B 991 -4.67 -16.41 24.21
N GLY B 992 -5.37 -15.29 24.11
CA GLY B 992 -4.78 -14.07 23.58
C GLY B 992 -4.02 -13.23 24.61
N LYS B 993 -4.16 -11.92 24.53
CA LYS B 993 -3.47 -11.04 25.47
C LYS B 993 -4.20 -10.96 26.80
N MET B 994 -5.52 -11.13 26.82
CA MET B 994 -6.35 -11.17 28.02
C MET B 994 -7.22 -12.43 27.98
N ASP B 995 -7.52 -12.99 29.15
CA ASP B 995 -8.26 -14.24 29.21
C ASP B 995 -9.77 -14.04 29.31
N ALA B 996 -10.22 -13.37 30.35
CA ALA B 996 -11.64 -13.16 30.63
C ALA B 996 -11.82 -12.15 31.75
N PRO B 997 -12.86 -11.35 31.71
CA PRO B 997 -13.16 -10.45 32.83
C PRO B 997 -13.68 -11.23 34.04
N LEU B 998 -12.77 -11.89 34.76
CA LEU B 998 -13.18 -12.78 35.84
C LEU B 998 -13.64 -12.02 37.08
N VAL B 999 -12.98 -10.92 37.43
CA VAL B 999 -13.30 -10.15 38.64
C VAL B 999 -13.35 -8.67 38.27
N VAL B 1000 -14.37 -7.96 38.75
CA VAL B 1000 -14.49 -6.53 38.55
C VAL B 1000 -14.04 -5.84 39.81
N THR B 1001 -13.48 -4.64 39.67
CA THR B 1001 -13.01 -3.85 40.79
C THR B 1001 -13.65 -2.47 40.74
N THR B 1002 -14.16 -2.02 41.89
CA THR B 1002 -14.79 -0.71 42.00
C THR B 1002 -14.31 0.13 43.16
N ARG B 1003 -13.77 -0.46 44.22
CA ARG B 1003 -13.33 0.31 45.37
C ARG B 1003 -11.86 0.67 45.21
N LEU B 1004 -11.59 1.95 44.96
CA LEU B 1004 -10.25 2.46 44.75
C LEU B 1004 -10.01 3.73 45.55
N ASP B 1005 -10.34 3.70 46.87
CA ASP B 1005 -10.21 4.81 47.81
C ASP B 1005 -8.76 5.29 47.84
N PRO B 1006 -8.47 6.48 47.35
CA PRO B 1006 -7.07 6.92 47.22
C PRO B 1006 -6.53 7.61 48.46
N ARG B 1007 -6.56 6.88 49.58
CA ARG B 1007 -5.99 7.30 50.85
C ARG B 1007 -6.57 8.65 51.25
N GLU B 1008 -7.89 8.65 51.47
CA GLU B 1008 -8.62 9.85 51.88
C GLU B 1008 -7.94 10.56 53.03
N VAL B 1009 -7.29 9.83 53.91
CA VAL B 1009 -6.60 10.46 54.99
C VAL B 1009 -5.15 10.77 54.60
N ASP B 1010 -4.54 10.02 53.66
CA ASP B 1010 -3.13 10.25 53.35
C ASP B 1010 -2.88 10.97 52.03
N SER B 1011 -3.35 10.40 50.93
CA SER B 1011 -3.00 10.89 49.61
C SER B 1011 -4.03 11.85 49.04
N GLU B 1012 -5.18 11.99 49.69
CA GLU B 1012 -6.21 12.89 49.20
C GLU B 1012 -5.74 14.33 49.26
N VAL B 1013 -4.83 14.62 50.20
CA VAL B 1013 -4.25 15.95 50.36
C VAL B 1013 -3.06 16.14 49.42
N HIS B 1014 -2.29 15.07 49.18
CA HIS B 1014 -1.12 15.16 48.30
C HIS B 1014 -1.56 15.41 46.87
N ASN B 1015 -2.71 14.87 46.48
CA ASN B 1015 -3.25 15.04 45.14
C ASN B 1015 -3.73 16.46 44.86
N MET B 1016 -4.06 17.24 45.88
CA MET B 1016 -4.56 18.59 45.65
C MET B 1016 -3.48 19.52 45.10
N ASP B 1017 -2.26 19.44 45.65
CA ASP B 1017 -1.17 20.32 45.21
C ASP B 1017 -0.30 19.62 44.18
N VAL B 1018 -0.85 19.51 42.98
CA VAL B 1018 -0.11 18.87 41.91
C VAL B 1018 -0.21 19.75 40.67
N VAL B 1019 -1.03 20.80 40.77
CA VAL B 1019 -1.28 21.66 39.63
C VAL B 1019 -0.11 22.63 39.53
N ARG B 1020 0.86 22.30 38.68
CA ARG B 1020 2.04 23.11 38.36
C ARG B 1020 2.86 23.44 39.61
N TYR B 1021 3.36 22.39 40.20
CA TYR B 1021 4.21 22.47 41.37
C TYR B 1021 5.65 22.33 40.94
N TYR B 1022 6.23 23.47 40.59
CA TYR B 1022 7.62 23.50 40.14
C TYR B 1022 8.52 24.14 41.20
N PRO B 1023 9.29 23.35 41.95
CA PRO B 1023 10.16 23.93 42.97
C PRO B 1023 11.46 24.44 42.39
N LEU B 1024 12.22 25.11 43.24
CA LEU B 1024 13.52 25.64 42.85
C LEU B 1024 14.64 24.63 43.02
N GLU B 1025 14.49 23.67 43.95
CA GLU B 1025 15.55 22.69 44.22
C GLU B 1025 15.82 21.83 43.02
N PHE B 1026 14.82 21.70 42.19
CA PHE B 1026 15.01 20.90 41.02
C PHE B 1026 15.76 21.72 39.97
N TYR B 1027 15.36 22.97 39.76
CA TYR B 1027 16.01 23.80 38.74
C TYR B 1027 17.41 24.23 39.15
N LYS B 1028 17.63 24.41 40.42
CA LYS B 1028 18.96 24.77 40.89
C LYS B 1028 19.82 23.55 41.17
N ALA B 1029 19.20 22.45 41.56
CA ALA B 1029 19.95 21.24 41.86
C ALA B 1029 20.13 20.34 40.66
N THR B 1030 19.54 20.70 39.52
CA THR B 1030 19.71 19.90 38.32
C THR B 1030 21.05 20.10 37.61
N TYR B 1031 21.87 21.06 38.03
CA TYR B 1031 23.14 21.31 37.36
C TYR B 1031 24.26 20.41 37.84
N GLU B 1032 23.95 19.49 38.74
CA GLU B 1032 24.95 18.59 39.28
C GLU B 1032 24.87 17.20 38.72
N LEU B 1033 24.14 17.03 37.61
CA LEU B 1033 24.00 15.78 36.87
C LEU B 1033 23.45 14.66 37.76
N LYS B 1034 22.24 14.90 38.25
CA LYS B 1034 21.55 13.95 39.12
C LYS B 1034 20.85 12.90 38.25
N SER B 1035 20.01 12.10 38.89
CA SER B 1035 19.28 11.03 38.23
C SER B 1035 17.80 11.18 38.52
N PRO B 1036 16.92 10.81 37.58
CA PRO B 1036 15.46 10.90 37.84
C PRO B 1036 15.03 10.04 38.99
N LYS B 1037 15.78 8.99 39.28
CA LYS B 1037 15.51 8.13 40.40
C LYS B 1037 15.78 8.80 41.75
N GLU B 1038 16.62 9.85 41.78
CA GLU B 1038 16.90 10.55 43.04
C GLU B 1038 15.69 11.41 43.36
N VAL B 1039 14.70 10.82 44.03
CA VAL B 1039 13.47 11.52 44.41
C VAL B 1039 13.67 12.41 45.59
N LYS B 1040 14.87 12.38 46.18
CA LYS B 1040 15.14 13.23 47.32
C LYS B 1040 15.09 14.69 46.93
N VAL B 1041 15.48 15.06 45.71
CA VAL B 1041 15.43 16.46 45.28
C VAL B 1041 13.99 16.96 45.29
N ILE B 1042 13.03 16.07 45.03
CA ILE B 1042 11.64 16.45 45.10
C ILE B 1042 11.09 16.22 46.49
N GLU B 1043 11.56 15.20 47.20
CA GLU B 1043 11.05 15.00 48.55
C GLU B 1043 11.55 16.05 49.54
N ARG B 1044 12.65 16.74 49.23
CA ARG B 1044 13.14 17.80 50.11
C ARG B 1044 12.19 18.97 50.08
N VAL B 1045 11.45 19.11 48.99
CA VAL B 1045 10.52 20.20 48.86
C VAL B 1045 9.09 19.70 49.07
N GLU B 1046 8.83 18.41 48.85
CA GLU B 1046 7.53 17.80 49.07
C GLU B 1046 7.31 17.37 50.52
N ASP B 1047 8.35 16.80 51.15
CA ASP B 1047 8.32 16.31 52.54
C ASP B 1047 7.20 15.31 52.81
N GLY B 1080 0.70 1.80 8.43
CA GLY B 1080 0.33 3.11 7.93
C GLY B 1080 0.70 3.34 6.48
N ASP B 1081 0.00 2.65 5.58
CA ASP B 1081 0.27 2.79 4.15
C ASP B 1081 -0.32 4.06 3.61
N MET B 1082 -1.14 4.75 4.38
CA MET B 1082 -1.76 5.97 3.93
C MET B 1082 -1.26 7.18 4.67
N GLU B 1083 -1.33 7.17 6.00
CA GLU B 1083 -0.89 8.36 6.70
C GLU B 1083 0.59 8.29 7.02
N GLU B 1084 1.02 7.15 7.55
CA GLU B 1084 2.41 7.01 7.94
C GLU B 1084 3.32 6.97 6.71
N LYS B 1085 2.83 6.46 5.57
CA LYS B 1085 3.64 6.46 4.36
C LYS B 1085 3.90 7.87 3.87
N VAL B 1086 2.86 8.69 3.80
CA VAL B 1086 3.01 10.09 3.43
C VAL B 1086 3.81 10.84 4.48
N ALA B 1087 3.67 10.43 5.74
CA ALA B 1087 4.47 11.01 6.82
C ALA B 1087 5.96 10.72 6.60
N ARG B 1088 6.28 9.52 6.07
CA ARG B 1088 7.68 9.24 5.75
C ARG B 1088 8.13 10.03 4.53
N GLN B 1089 7.22 10.24 3.58
CA GLN B 1089 7.56 10.98 2.37
C GLN B 1089 7.79 12.46 2.66
N LEU B 1090 7.11 13.01 3.66
CA LEU B 1090 7.28 14.41 4.03
C LEU B 1090 8.42 14.63 5.01
N ALA B 1091 8.50 13.78 6.04
CA ALA B 1091 9.58 13.89 7.01
C ALA B 1091 10.93 13.57 6.37
N LEU B 1092 10.95 12.63 5.43
CA LEU B 1092 12.19 12.31 4.73
C LEU B 1092 12.66 13.49 3.91
N ALA B 1093 11.72 14.16 3.23
CA ALA B 1093 12.06 15.37 2.50
C ALA B 1093 12.51 16.46 3.44
N GLU B 1094 11.91 16.54 4.63
CA GLU B 1094 12.36 17.48 5.64
C GLU B 1094 13.78 17.17 6.08
N ARG B 1095 14.11 15.88 6.19
CA ARG B 1095 15.48 15.49 6.51
C ARG B 1095 16.42 15.81 5.37
N ILE B 1096 15.94 15.70 4.14
CA ILE B 1096 16.74 16.07 2.98
C ILE B 1096 17.00 17.58 3.01
N ARG B 1097 15.99 18.36 3.37
CA ARG B 1097 16.17 19.80 3.52
C ARG B 1097 17.05 20.11 4.74
N ALA B 1098 17.05 19.22 5.71
CA ALA B 1098 17.85 19.41 6.92
C ALA B 1098 19.32 19.10 6.67
N VAL B 1099 19.62 18.07 5.87
CA VAL B 1099 21.01 17.70 5.60
C VAL B 1099 21.67 18.56 4.53
N ASP B 1100 20.95 19.53 3.95
CA ASP B 1100 21.44 20.47 2.92
C ASP B 1100 21.96 19.72 1.69
N GLU B 1101 21.08 18.88 1.13
CA GLU B 1101 21.31 18.11 -0.10
C GLU B 1101 22.51 17.18 0.03
N HIS B 1102 22.83 16.78 1.26
CA HIS B 1102 23.93 15.88 1.52
C HIS B 1102 23.34 14.59 2.05
N HIS B 1103 23.15 13.65 1.15
CA HIS B 1103 22.52 12.41 1.49
C HIS B 1103 23.57 11.37 1.77
N VAL B 1104 23.33 10.60 2.82
CA VAL B 1104 24.22 9.53 3.22
C VAL B 1104 23.38 8.27 3.19
N ALA B 1105 24.04 7.16 2.84
CA ALA B 1105 23.37 5.88 2.71
C ALA B 1105 22.66 5.49 4.01
N GLU B 1106 21.48 4.90 3.88
CA GLU B 1106 20.70 4.58 5.06
C GLU B 1106 19.83 3.38 4.73
N THR B 1107 19.18 2.86 5.76
CA THR B 1107 18.25 1.73 5.67
C THR B 1107 16.95 2.10 6.38
N ILE B 1108 16.04 2.75 5.68
CA ILE B 1108 14.73 3.01 6.25
C ILE B 1108 13.70 2.45 5.29
N ILE B 1109 13.85 2.81 4.04
CA ILE B 1109 13.02 2.29 2.99
C ILE B 1109 13.63 0.99 2.51
N ASN B 1110 14.96 0.86 2.63
CA ASN B 1110 15.64 -0.37 2.27
C ASN B 1110 15.16 -1.49 3.17
N SER B 1111 14.69 -1.11 4.37
CA SER B 1111 14.10 -2.04 5.30
C SER B 1111 12.86 -2.67 4.71
N HIS B 1112 12.25 -2.00 3.75
CA HIS B 1112 11.17 -2.56 2.97
C HIS B 1112 11.61 -3.05 1.59
N LEU B 1113 12.76 -2.58 1.10
CA LEU B 1113 13.21 -3.03 -0.21
C LEU B 1113 13.87 -4.39 -0.23
N VAL B 1114 14.45 -4.79 0.88
CA VAL B 1114 15.05 -6.12 0.95
C VAL B 1114 14.00 -7.24 0.83
N PRO B 1115 12.85 -7.22 1.54
CA PRO B 1115 11.82 -8.26 1.29
C PRO B 1115 11.27 -8.28 -0.12
N ASP B 1116 11.32 -7.15 -0.81
CA ASP B 1116 10.89 -7.13 -2.20
C ASP B 1116 11.92 -7.79 -3.09
N LEU B 1117 13.19 -7.65 -2.73
CA LEU B 1117 14.25 -8.29 -3.51
C LEU B 1117 14.24 -9.79 -3.31
N ARG B 1118 14.23 -10.24 -2.05
CA ARG B 1118 14.17 -11.66 -1.77
C ARG B 1118 12.82 -12.26 -2.11
N GLY B 1119 11.77 -11.47 -2.21
CA GLY B 1119 10.48 -12.00 -2.59
C GLY B 1119 10.37 -12.16 -4.09
N ASN B 1120 10.96 -11.23 -4.83
CA ASN B 1120 10.95 -11.35 -6.28
C ASN B 1120 11.90 -12.45 -6.74
N LEU B 1121 13.06 -12.53 -6.10
CA LEU B 1121 13.99 -13.58 -6.46
C LEU B 1121 13.55 -14.94 -5.93
N ARG B 1122 12.93 -14.96 -4.75
CA ARG B 1122 12.44 -16.21 -4.18
C ARG B 1122 11.26 -16.77 -4.95
N SER B 1123 10.17 -15.99 -5.06
CA SER B 1123 9.01 -16.44 -5.80
C SER B 1123 9.26 -16.49 -7.30
N PHE B 1124 10.37 -15.93 -7.75
CA PHE B 1124 10.71 -15.97 -9.16
C PHE B 1124 10.97 -17.40 -9.60
N THR B 1125 11.72 -18.16 -8.82
CA THR B 1125 12.03 -19.53 -9.19
C THR B 1125 10.96 -20.50 -8.71
N ARG B 1126 9.92 -19.99 -8.06
CA ARG B 1126 8.86 -20.87 -7.58
C ARG B 1126 7.88 -21.22 -8.68
N GLN B 1127 7.25 -20.19 -9.26
CA GLN B 1127 6.29 -20.29 -10.35
C GLN B 1127 5.13 -21.22 -9.97
N GLU B 1128 4.39 -20.80 -8.96
CA GLU B 1128 3.26 -21.59 -8.49
C GLU B 1128 2.14 -21.62 -9.51
N PHE B 1129 1.79 -22.83 -9.92
CA PHE B 1129 0.74 -23.07 -10.90
C PHE B 1129 -0.56 -23.37 -10.16
N ARG B 1130 -1.57 -22.57 -10.45
CA ARG B 1130 -2.90 -22.72 -9.86
C ARG B 1130 -3.89 -22.62 -10.99
N CYS B 1131 -4.69 -23.65 -11.15
CA CYS B 1131 -5.66 -23.62 -12.22
C CYS B 1131 -6.82 -22.70 -11.82
N VAL B 1132 -7.75 -22.53 -12.73
CA VAL B 1132 -8.87 -21.63 -12.46
C VAL B 1132 -9.85 -22.27 -11.51
N LYS B 1133 -10.22 -23.53 -11.76
CA LYS B 1133 -11.22 -24.22 -10.95
C LYS B 1133 -10.67 -24.50 -9.56
N CYS B 1134 -9.50 -25.09 -9.49
CA CYS B 1134 -8.91 -25.44 -8.21
C CYS B 1134 -7.98 -24.33 -7.78
N ASN B 1135 -8.11 -23.92 -6.52
CA ASN B 1135 -7.29 -22.87 -5.97
C ASN B 1135 -6.35 -23.38 -4.91
N THR B 1136 -6.82 -24.28 -4.05
CA THR B 1136 -6.00 -24.83 -3.00
C THR B 1136 -5.16 -25.98 -3.50
N LYS B 1137 -5.28 -26.33 -4.77
CA LYS B 1137 -4.53 -27.42 -5.36
C LYS B 1137 -3.41 -26.80 -6.17
N TYR B 1138 -2.24 -26.74 -5.58
CA TYR B 1138 -1.08 -26.18 -6.23
C TYR B 1138 -0.40 -27.26 -7.05
N ARG B 1139 0.18 -26.85 -8.17
CA ARG B 1139 0.86 -27.76 -9.06
C ARG B 1139 2.36 -27.62 -8.87
N ARG B 1140 3.09 -28.69 -9.23
CA ARG B 1140 4.53 -28.73 -9.06
C ARG B 1140 5.20 -27.63 -9.89
N PRO B 1141 6.38 -27.18 -9.46
CA PRO B 1141 7.12 -26.16 -10.23
C PRO B 1141 7.42 -26.59 -11.67
N PRO B 1142 7.73 -27.87 -11.98
CA PRO B 1142 7.85 -28.23 -13.41
C PRO B 1142 6.55 -27.99 -14.17
N LEU B 1143 6.70 -27.81 -15.48
CA LEU B 1143 5.57 -27.50 -16.35
C LEU B 1143 4.85 -28.78 -16.73
N THR B 1144 3.52 -28.73 -16.70
CA THR B 1144 2.68 -29.88 -17.01
C THR B 1144 1.80 -29.64 -18.21
N GLY B 1145 1.77 -28.42 -18.74
CA GLY B 1145 0.95 -28.11 -19.89
C GLY B 1145 -0.41 -27.63 -19.41
N LYS B 1146 -1.18 -28.53 -18.83
CA LYS B 1146 -2.50 -28.19 -18.32
C LYS B 1146 -2.71 -28.92 -17.01
N CYS B 1147 -3.71 -28.48 -16.27
CA CYS B 1147 -4.02 -29.08 -14.99
C CYS B 1147 -4.66 -30.44 -15.23
N PRO B 1148 -4.09 -31.54 -14.71
CA PRO B 1148 -4.71 -32.84 -14.90
C PRO B 1148 -6.04 -33.02 -14.17
N LYS B 1149 -6.29 -32.26 -13.10
CA LYS B 1149 -7.53 -32.41 -12.34
C LYS B 1149 -8.65 -31.64 -12.99
N CYS B 1150 -8.42 -30.36 -13.26
CA CYS B 1150 -9.44 -29.51 -13.83
C CYS B 1150 -9.04 -29.06 -15.22
N GLY B 1151 -10.05 -28.80 -16.06
CA GLY B 1151 -9.81 -28.39 -17.43
C GLY B 1151 -9.67 -26.89 -17.54
N GLY B 1152 -8.71 -26.35 -16.79
CA GLY B 1152 -8.46 -24.95 -16.82
C GLY B 1152 -6.98 -24.70 -17.00
N LYS B 1153 -6.69 -23.52 -17.53
CA LYS B 1153 -5.31 -23.14 -17.73
C LYS B 1153 -4.67 -22.92 -16.37
N ILE B 1154 -3.43 -23.12 -16.32
CA ILE B 1154 -2.69 -22.96 -15.07
C ILE B 1154 -2.15 -21.56 -15.04
N VAL B 1155 -2.29 -20.92 -13.87
CA VAL B 1155 -1.84 -19.56 -13.67
C VAL B 1155 -0.64 -19.63 -12.75
N LEU B 1156 0.41 -18.92 -13.12
CA LEU B 1156 1.65 -18.91 -12.38
C LEU B 1156 1.86 -17.59 -11.65
N THR B 1157 2.56 -17.67 -10.51
CA THR B 1157 2.89 -16.49 -9.73
C THR B 1157 4.42 -16.44 -9.58
N VAL B 1158 5.08 -15.76 -10.52
CA VAL B 1158 6.51 -15.50 -10.51
C VAL B 1158 6.84 -14.18 -9.81
N SER B 1159 5.81 -13.53 -9.24
CA SER B 1159 5.93 -12.24 -8.53
C SER B 1159 6.50 -11.12 -9.42
N LYS B 1160 6.19 -11.12 -10.72
CA LYS B 1160 6.67 -10.07 -11.61
C LYS B 1160 5.71 -8.88 -11.73
N GLY B 1161 4.39 -9.13 -11.72
CA GLY B 1161 3.39 -8.08 -11.81
C GLY B 1161 2.82 -7.51 -10.53
N ALA B 1162 3.07 -8.13 -9.38
CA ALA B 1162 2.55 -7.61 -8.12
C ALA B 1162 3.52 -6.64 -7.44
N ILE B 1163 4.82 -6.83 -7.61
CA ILE B 1163 5.84 -5.98 -6.97
C ILE B 1163 6.18 -4.74 -7.77
N GLU B 1164 5.77 -4.68 -9.03
CA GLU B 1164 6.05 -3.56 -9.90
C GLU B 1164 5.31 -2.30 -9.50
N LYS B 1165 4.46 -2.36 -8.48
CA LYS B 1165 3.71 -1.22 -7.98
C LYS B 1165 4.46 -0.49 -6.87
N TYR B 1166 5.18 -1.22 -6.04
CA TYR B 1166 5.93 -0.59 -4.97
C TYR B 1166 7.28 -0.09 -5.43
N LEU B 1167 7.72 -0.52 -6.61
CA LEU B 1167 9.03 -0.08 -7.11
C LEU B 1167 9.08 1.39 -7.49
N PRO B 1168 8.13 1.98 -8.23
CA PRO B 1168 8.24 3.43 -8.51
C PRO B 1168 8.07 4.31 -7.30
N THR B 1169 7.58 3.76 -6.18
CA THR B 1169 7.40 4.55 -4.98
C THR B 1169 8.73 5.04 -4.48
N ALA B 1170 9.62 4.13 -4.18
CA ALA B 1170 10.94 4.56 -3.77
C ALA B 1170 11.88 4.79 -4.93
N LYS B 1171 11.57 4.24 -6.12
CA LYS B 1171 12.44 4.42 -7.26
C LYS B 1171 12.48 5.87 -7.70
N MET B 1172 11.35 6.58 -7.56
CA MET B 1172 11.39 7.99 -7.91
C MET B 1172 12.21 8.79 -6.92
N LEU B 1173 12.23 8.39 -5.65
CA LEU B 1173 13.01 9.10 -4.65
C LEU B 1173 14.49 8.81 -4.81
N VAL B 1174 14.83 7.56 -5.10
CA VAL B 1174 16.22 7.18 -5.30
C VAL B 1174 16.73 7.77 -6.59
N THR B 1175 15.87 7.81 -7.59
CA THR B 1175 16.24 8.36 -8.86
C THR B 1175 16.40 9.86 -8.74
N LYS B 1176 15.75 10.49 -7.74
CA LYS B 1176 15.81 11.93 -7.55
C LYS B 1176 17.13 12.38 -6.88
N TYR B 1177 18.12 11.49 -6.73
CA TYR B 1177 19.39 11.90 -6.13
C TYR B 1177 20.49 10.96 -6.60
N ARG B 1178 21.71 11.49 -6.72
CA ARG B 1178 22.87 10.71 -7.15
C ARG B 1178 23.62 10.28 -5.89
N VAL B 1179 23.49 9.01 -5.50
CA VAL B 1179 24.17 8.50 -4.32
C VAL B 1179 24.82 7.19 -4.75
N LYS B 1180 25.84 6.79 -4.02
CA LYS B 1180 26.56 5.56 -4.33
C LYS B 1180 26.19 4.48 -3.34
N ASP B 1181 26.76 3.30 -3.63
CA ASP B 1181 26.64 2.04 -2.90
C ASP B 1181 25.25 1.47 -2.98
N TYR B 1182 24.32 2.15 -3.64
CA TYR B 1182 22.97 1.72 -3.76
C TYR B 1182 22.49 1.64 -5.19
N THR B 1183 23.30 2.07 -6.16
CA THR B 1183 22.83 2.07 -7.55
C THR B 1183 22.72 0.66 -8.09
N ARG B 1184 23.57 -0.22 -7.57
CA ARG B 1184 23.60 -1.60 -8.02
C ARG B 1184 22.32 -2.33 -7.61
N GLN B 1185 21.80 -2.03 -6.42
CA GLN B 1185 20.56 -2.66 -5.97
C GLN B 1185 19.36 -2.08 -6.70
N ARG B 1186 19.41 -0.79 -7.05
CA ARG B 1186 18.27 -0.19 -7.75
C ARG B 1186 18.22 -0.64 -9.20
N ILE B 1187 19.35 -0.57 -9.89
CA ILE B 1187 19.34 -0.91 -11.30
C ILE B 1187 19.46 -2.41 -11.57
N CYS B 1188 19.91 -3.20 -10.61
CA CYS B 1188 20.07 -4.64 -10.86
C CYS B 1188 18.73 -5.34 -11.00
N ILE B 1189 17.73 -4.90 -10.24
CA ILE B 1189 16.42 -5.55 -10.26
C ILE B 1189 15.62 -5.14 -11.50
N THR B 1190 15.69 -3.89 -11.90
CA THR B 1190 14.94 -3.46 -13.06
C THR B 1190 15.60 -3.97 -14.32
N GLU B 1191 16.94 -4.01 -14.36
CA GLU B 1191 17.63 -4.60 -15.49
C GLU B 1191 17.44 -6.10 -15.50
N LYS B 1192 17.26 -6.71 -14.33
CA LYS B 1192 16.90 -8.11 -14.27
C LYS B 1192 15.50 -8.35 -14.85
N ASP B 1193 14.56 -7.44 -14.61
CA ASP B 1193 13.23 -7.57 -15.21
C ASP B 1193 13.29 -7.37 -16.71
N ILE B 1194 14.21 -6.52 -17.15
CA ILE B 1194 14.41 -6.28 -18.57
C ILE B 1194 14.98 -7.52 -19.25
N LYS B 1195 16.00 -8.12 -18.64
CA LYS B 1195 16.58 -9.33 -19.20
C LYS B 1195 15.61 -10.49 -19.16
N THR B 1196 14.74 -10.53 -18.15
CA THR B 1196 13.74 -11.58 -18.05
C THR B 1196 12.62 -11.45 -19.07
N LEU B 1197 12.12 -10.22 -19.28
CA LEU B 1197 11.06 -10.03 -20.24
C LEU B 1197 11.56 -10.16 -21.67
N PHE B 1198 12.68 -9.53 -21.99
CA PHE B 1198 13.24 -9.57 -23.33
C PHE B 1198 14.04 -10.86 -23.53
N GLN B 1206 14.32 0.19 -25.48
CA GLN B 1206 14.29 1.54 -26.04
C GLN B 1206 15.58 2.27 -25.72
N ARG B 1207 16.62 2.02 -26.53
CA ARG B 1207 17.90 2.68 -26.33
C ARG B 1207 17.67 4.17 -26.16
N THR B 1208 17.95 4.70 -24.97
CA THR B 1208 17.74 6.11 -24.68
C THR B 1208 18.86 6.95 -25.30
N LEU B 1209 18.48 8.05 -25.95
CA LEU B 1209 19.47 8.91 -26.58
C LEU B 1209 20.51 9.40 -25.58
N MET B 1210 20.11 9.57 -24.32
CA MET B 1210 20.97 10.12 -23.29
C MET B 1210 20.30 9.87 -21.94
N GLY B 1211 21.07 10.07 -20.88
CA GLY B 1211 20.59 9.88 -19.52
C GLY B 1211 19.96 11.11 -18.92
N PHE B 1212 18.74 11.44 -19.33
CA PHE B 1212 18.04 12.61 -18.83
C PHE B 1212 16.99 12.27 -17.78
N SER B 1213 16.69 11.00 -17.58
CA SER B 1213 15.75 10.57 -16.55
C SER B 1213 16.42 10.41 -15.20
N ALA B 1214 17.54 11.11 -14.99
CA ALA B 1214 18.34 10.98 -13.77
C ALA B 1214 19.12 9.67 -13.74
N ASP B 1215 19.53 9.18 -14.92
CA ASP B 1215 20.20 7.88 -15.04
C ASP B 1215 21.70 7.98 -14.72
N ILE B 1216 22.02 7.48 -13.54
CA ILE B 1216 23.37 7.60 -13.03
C ILE B 1216 24.27 6.62 -13.77
N CYS B 1217 23.70 5.80 -14.64
CA CYS B 1217 24.46 4.77 -15.33
C CYS B 1217 25.39 5.38 -16.36
N GLU B 1218 24.80 5.97 -17.40
CA GLU B 1218 25.60 6.61 -18.42
C GLU B 1218 26.30 7.84 -17.85
N LYS B 1219 25.60 8.66 -17.04
CA LYS B 1219 26.30 9.86 -16.59
C LYS B 1219 27.53 9.49 -15.75
N MET B 1220 27.40 8.50 -14.85
CA MET B 1220 28.48 8.13 -13.95
C MET B 1220 29.64 7.48 -14.70
N VAL B 1221 29.35 6.42 -15.45
CA VAL B 1221 30.42 5.75 -16.17
C VAL B 1221 31.12 6.72 -17.10
N LYS B 1222 30.39 7.68 -17.66
CA LYS B 1222 31.02 8.68 -18.50
C LYS B 1222 32.01 9.52 -17.71
N GLU B 1223 31.66 9.84 -16.46
CA GLU B 1223 32.60 10.57 -15.62
C GLU B 1223 33.89 9.77 -15.43
N ARG B 1224 33.75 8.49 -15.06
CA ARG B 1224 34.95 7.70 -14.78
C ARG B 1224 35.78 7.47 -16.04
N THR B 1225 35.11 7.18 -17.16
CA THR B 1225 35.82 6.93 -18.42
C THR B 1225 36.57 8.18 -18.87
N GLY B 1226 35.88 9.34 -18.87
CA GLY B 1226 36.55 10.57 -19.26
C GLY B 1226 37.65 10.97 -18.31
N HIS B 1227 37.57 10.52 -17.05
CA HIS B 1227 38.65 10.80 -16.10
C HIS B 1227 39.86 9.90 -16.34
N SER B 1228 39.64 8.69 -16.82
CA SER B 1228 40.74 7.78 -17.11
C SER B 1228 41.46 8.17 -18.41
N MET C 1 -6.76 -15.65 -57.71
CA MET C 1 -6.53 -14.97 -58.97
C MET C 1 -6.41 -13.48 -58.79
N PRO C 2 -5.43 -12.89 -59.47
CA PRO C 2 -5.23 -11.44 -59.36
C PRO C 2 -6.41 -10.69 -59.95
N PHE C 3 -6.78 -9.61 -59.30
CA PHE C 3 -7.83 -8.73 -59.80
C PHE C 3 -7.65 -7.35 -59.19
N GLU C 4 -8.27 -6.37 -59.84
CA GLU C 4 -8.21 -4.99 -59.42
C GLU C 4 -9.62 -4.48 -59.22
N VAL C 5 -9.85 -3.81 -58.09
CA VAL C 5 -11.15 -3.26 -57.75
C VAL C 5 -10.93 -1.84 -57.29
N VAL C 6 -11.75 -0.90 -57.78
CA VAL C 6 -11.66 0.50 -57.39
C VAL C 6 -13.06 0.99 -57.08
N PHE C 7 -13.24 1.45 -55.86
CA PHE C 7 -14.54 1.94 -55.42
C PHE C 7 -14.32 3.28 -54.74
N ASP C 8 -15.13 4.26 -55.12
CA ASP C 8 -15.07 5.58 -54.55
C ASP C 8 -16.06 5.75 -53.42
N GLY C 9 -15.69 6.58 -52.45
CA GLY C 9 -16.61 6.82 -51.36
C GLY C 9 -16.60 5.67 -50.38
N ALA C 10 -15.46 5.46 -49.73
CA ALA C 10 -15.36 4.38 -48.76
C ALA C 10 -16.20 4.64 -47.53
N LYS C 11 -16.59 5.89 -47.30
CA LYS C 11 -17.40 6.26 -46.13
C LYS C 11 -18.79 5.64 -46.20
N GLU C 12 -19.41 5.61 -47.37
CA GLU C 12 -20.72 4.98 -47.51
C GLU C 12 -20.65 3.48 -47.37
N PHE C 13 -19.55 2.90 -47.84
CA PHE C 13 -19.36 1.47 -47.76
C PHE C 13 -19.01 1.00 -46.35
N ALA C 14 -18.50 1.90 -45.51
CA ALA C 14 -18.22 1.54 -44.12
C ALA C 14 -19.48 1.17 -43.35
N ASP C 15 -20.62 1.78 -43.69
CA ASP C 15 -21.89 1.41 -43.07
C ASP C 15 -22.25 -0.01 -43.43
N LEU C 16 -21.97 -0.39 -44.66
CA LEU C 16 -22.17 -1.75 -45.07
C LEU C 16 -21.20 -2.68 -44.37
N ILE C 17 -20.00 -2.18 -44.03
CA ILE C 17 -19.03 -2.99 -43.30
C ILE C 17 -19.48 -3.23 -41.87
N ALA C 18 -19.96 -2.19 -41.23
CA ALA C 18 -20.47 -2.31 -39.87
C ALA C 18 -21.72 -3.16 -39.81
N THR C 19 -22.59 -3.01 -40.81
CA THR C 19 -23.81 -3.79 -40.85
C THR C 19 -23.49 -5.26 -41.09
N ALA C 20 -22.53 -5.52 -41.97
CA ALA C 20 -22.17 -6.90 -42.30
C ALA C 20 -21.35 -7.58 -41.23
N SER C 21 -20.51 -6.83 -40.52
CA SER C 21 -19.67 -7.47 -39.54
C SER C 21 -20.31 -7.49 -38.18
N ASN C 22 -21.40 -6.74 -38.03
CA ASN C 22 -22.08 -6.70 -36.74
C ASN C 22 -22.71 -8.04 -36.40
N LEU C 23 -23.11 -8.81 -37.40
CA LEU C 23 -23.71 -10.10 -37.11
C LEU C 23 -22.68 -11.22 -37.15
N ILE C 24 -22.02 -11.36 -38.29
CA ILE C 24 -21.02 -12.38 -38.48
C ILE C 24 -19.67 -11.69 -38.50
N ASP C 25 -18.69 -12.32 -37.87
CA ASP C 25 -17.38 -11.71 -37.78
C ASP C 25 -16.55 -11.89 -39.05
N GLU C 26 -16.89 -12.85 -39.91
CA GLU C 26 -16.15 -13.14 -41.12
C GLU C 26 -17.09 -13.12 -42.32
N ALA C 27 -16.55 -12.82 -43.50
CA ALA C 27 -17.33 -12.72 -44.72
C ALA C 27 -16.71 -13.52 -45.85
N ALA C 28 -17.58 -14.07 -46.69
CA ALA C 28 -17.17 -14.83 -47.87
C ALA C 28 -17.64 -14.08 -49.10
N PHE C 29 -16.70 -13.46 -49.79
CA PHE C 29 -16.97 -12.67 -50.97
C PHE C 29 -16.94 -13.52 -52.21
N LYS C 30 -18.05 -13.51 -52.92
CA LYS C 30 -18.11 -14.19 -54.17
C LYS C 30 -17.69 -13.16 -55.21
N PHE C 31 -16.51 -13.34 -55.75
CA PHE C 31 -15.95 -12.41 -56.70
C PHE C 31 -16.27 -12.93 -58.08
N THR C 32 -17.15 -12.24 -58.75
CA THR C 32 -17.54 -12.67 -60.08
C THR C 32 -17.27 -11.53 -61.04
N GLU C 33 -17.05 -11.91 -62.31
CA GLU C 33 -16.77 -10.92 -63.35
C GLU C 33 -17.93 -9.95 -63.50
N GLU C 34 -19.16 -10.43 -63.31
CA GLU C 34 -20.31 -9.55 -63.39
C GLU C 34 -20.49 -8.71 -62.13
N GLY C 35 -19.81 -9.05 -61.05
CA GLY C 35 -19.93 -8.26 -59.85
C GLY C 35 -19.50 -9.06 -58.66
N ILE C 36 -19.52 -8.39 -57.53
CA ILE C 36 -19.10 -8.99 -56.27
C ILE C 36 -20.34 -9.20 -55.43
N SER C 37 -20.59 -10.44 -55.07
CA SER C 37 -21.71 -10.75 -54.21
C SER C 37 -21.14 -11.27 -52.89
N MET C 38 -22.02 -11.52 -51.94
CA MET C 38 -21.60 -11.99 -50.61
C MET C 38 -22.74 -12.67 -49.92
N ARG C 39 -22.57 -13.95 -49.62
CA ARG C 39 -23.58 -14.71 -48.91
C ARG C 39 -22.99 -15.21 -47.59
N ALA C 40 -23.37 -14.57 -46.49
CA ALA C 40 -22.89 -14.99 -45.18
C ALA C 40 -24.09 -15.26 -44.29
N MET C 41 -23.97 -16.26 -43.44
CA MET C 41 -25.05 -16.71 -42.59
C MET C 41 -24.68 -16.53 -41.14
N ASP C 42 -25.65 -16.13 -40.34
CA ASP C 42 -25.40 -16.01 -38.92
C ASP C 42 -25.22 -17.39 -38.32
N PRO C 43 -24.31 -17.55 -37.36
CA PRO C 43 -24.12 -18.87 -36.70
C PRO C 43 -25.35 -19.39 -36.01
N SER C 44 -26.23 -18.51 -35.54
CA SER C 44 -27.45 -18.94 -34.91
C SER C 44 -28.55 -19.19 -35.93
N ARG C 45 -28.22 -19.10 -37.22
CA ARG C 45 -29.12 -19.38 -38.33
C ARG C 45 -30.37 -18.50 -38.29
N VAL C 46 -30.18 -17.19 -38.20
CA VAL C 46 -31.31 -16.30 -38.02
C VAL C 46 -31.43 -15.35 -39.20
N VAL C 47 -30.31 -15.06 -39.85
CA VAL C 47 -30.29 -14.06 -40.91
C VAL C 47 -29.25 -14.48 -41.94
N LEU C 48 -29.58 -14.23 -43.20
CA LEU C 48 -28.70 -14.45 -44.33
C LEU C 48 -28.50 -13.13 -45.05
N ILE C 49 -27.25 -12.73 -45.20
CA ILE C 49 -26.90 -11.48 -45.85
C ILE C 49 -26.31 -11.80 -47.22
N ASP C 50 -26.74 -11.02 -48.21
CA ASP C 50 -26.29 -11.19 -49.59
C ASP C 50 -26.10 -9.82 -50.20
N LEU C 51 -24.87 -9.50 -50.52
CA LEU C 51 -24.53 -8.24 -51.14
C LEU C 51 -24.31 -8.44 -52.63
N ASN C 52 -25.00 -7.63 -53.45
CA ASN C 52 -24.92 -7.73 -54.90
C ASN C 52 -24.41 -6.40 -55.44
N LEU C 53 -23.20 -6.43 -55.97
CA LEU C 53 -22.58 -5.24 -56.53
C LEU C 53 -22.21 -5.46 -57.98
N PRO C 54 -22.88 -4.81 -58.89
CA PRO C 54 -22.54 -5.01 -60.30
C PRO C 54 -21.20 -4.39 -60.66
N GLU C 55 -20.84 -4.53 -61.92
CA GLU C 55 -19.59 -3.98 -62.40
C GLU C 55 -19.70 -2.48 -62.55
N SER C 56 -20.90 -2.00 -62.84
CA SER C 56 -21.15 -0.58 -63.07
C SER C 56 -21.03 0.26 -61.81
N ILE C 57 -20.87 -0.35 -60.65
CA ILE C 57 -20.67 0.41 -59.43
C ILE C 57 -19.23 0.84 -59.36
N PHE C 58 -18.34 -0.05 -59.77
CA PHE C 58 -16.93 0.21 -59.69
C PHE C 58 -16.49 0.88 -60.97
N SER C 59 -15.74 1.96 -60.81
CA SER C 59 -15.22 2.67 -61.96
C SER C 59 -14.16 1.83 -62.66
N LYS C 60 -13.10 1.49 -61.94
CA LYS C 60 -12.04 0.64 -62.44
C LYS C 60 -12.22 -0.74 -61.81
N TYR C 61 -12.53 -1.74 -62.63
CA TYR C 61 -12.86 -3.07 -62.14
C TYR C 61 -12.33 -4.07 -63.16
N GLU C 62 -11.23 -4.70 -62.82
CA GLU C 62 -10.55 -5.67 -63.67
C GLU C 62 -10.64 -7.03 -63.02
N VAL C 63 -11.15 -8.00 -63.78
CA VAL C 63 -11.35 -9.36 -63.33
C VAL C 63 -10.56 -10.24 -64.26
N GLU C 64 -9.74 -11.13 -63.68
CA GLU C 64 -9.02 -12.11 -64.48
C GLU C 64 -9.84 -13.39 -64.51
N GLU C 65 -10.16 -13.92 -63.35
CA GLU C 65 -10.97 -15.10 -63.24
C GLU C 65 -11.84 -14.93 -61.99
N PRO C 66 -13.12 -15.25 -62.08
CA PRO C 66 -13.98 -15.14 -60.92
C PRO C 66 -13.68 -16.28 -59.96
N GLU C 67 -13.80 -15.99 -58.68
CA GLU C 67 -13.49 -16.94 -57.64
C GLU C 67 -14.19 -16.48 -56.36
N THR C 68 -13.86 -17.13 -55.26
CA THR C 68 -14.42 -16.80 -53.96
C THR C 68 -13.26 -16.48 -53.03
N ILE C 69 -13.34 -15.35 -52.32
CA ILE C 69 -12.27 -14.96 -51.42
C ILE C 69 -12.85 -14.85 -50.02
N GLY C 70 -11.96 -15.02 -49.04
CA GLY C 70 -12.35 -14.94 -47.66
C GLY C 70 -11.73 -13.75 -46.99
N ILE C 71 -12.59 -12.92 -46.41
CA ILE C 71 -12.20 -11.67 -45.80
C ILE C 71 -12.57 -11.68 -44.32
N ASN C 72 -11.57 -11.47 -43.48
CA ASN C 72 -11.80 -11.31 -42.05
C ASN C 72 -12.16 -9.85 -41.79
N MET C 73 -13.46 -9.57 -41.70
CA MET C 73 -13.93 -8.18 -41.58
C MET C 73 -13.68 -7.63 -40.20
N ASP C 74 -13.27 -8.47 -39.25
CA ASP C 74 -12.94 -8.01 -37.92
C ASP C 74 -11.80 -7.01 -37.94
N GLN C 75 -10.89 -7.16 -38.90
CA GLN C 75 -9.83 -6.20 -39.08
C GLN C 75 -10.12 -5.25 -40.23
N PHE C 76 -10.93 -5.67 -41.20
CA PHE C 76 -11.33 -4.77 -42.27
C PHE C 76 -12.20 -3.62 -41.77
N LYS C 77 -12.95 -3.84 -40.68
CA LYS C 77 -13.63 -2.74 -40.02
C LYS C 77 -12.63 -1.69 -39.60
N LYS C 78 -11.53 -2.13 -38.98
CA LYS C 78 -10.43 -1.22 -38.64
C LYS C 78 -9.76 -0.63 -39.87
N ILE C 79 -9.86 -1.30 -41.02
CA ILE C 79 -9.30 -0.73 -42.25
C ILE C 79 -10.15 0.44 -42.69
N LEU C 80 -11.46 0.24 -42.77
CA LEU C 80 -12.35 1.30 -43.22
C LEU C 80 -13.00 2.06 -42.08
N LYS C 81 -12.42 2.04 -40.89
CA LYS C 81 -13.01 2.84 -39.82
C LYS C 81 -12.68 4.31 -40.03
N ARG C 82 -11.47 4.60 -40.50
CA ARG C 82 -11.02 5.97 -40.70
C ARG C 82 -11.00 6.37 -42.17
N GLY C 83 -11.67 5.59 -43.03
CA GLY C 83 -11.70 5.93 -44.44
C GLY C 83 -12.59 7.14 -44.69
N LYS C 84 -12.19 7.96 -45.63
CA LYS C 84 -12.96 9.15 -45.94
C LYS C 84 -13.94 8.88 -47.06
N ALA C 85 -14.61 9.93 -47.51
CA ALA C 85 -15.58 9.85 -48.58
C ALA C 85 -15.01 10.37 -49.88
N LYS C 86 -14.23 11.45 -49.82
CA LYS C 86 -13.66 12.03 -51.02
C LYS C 86 -12.40 11.31 -51.46
N ASP C 87 -12.08 10.20 -50.82
CA ASP C 87 -10.92 9.43 -51.20
C ASP C 87 -11.37 8.31 -52.11
N THR C 88 -10.45 7.42 -52.39
CA THR C 88 -10.70 6.31 -53.27
C THR C 88 -10.15 5.06 -52.62
N LEU C 89 -11.02 4.07 -52.46
CA LEU C 89 -10.62 2.81 -51.91
C LEU C 89 -10.30 1.87 -53.07
N ILE C 90 -9.25 1.06 -52.92
CA ILE C 90 -8.79 0.15 -53.96
C ILE C 90 -8.49 -1.20 -53.33
N LEU C 91 -9.05 -2.26 -53.89
CA LEU C 91 -8.81 -3.63 -53.45
C LEU C 91 -8.23 -4.45 -54.59
N ARG C 92 -6.96 -4.80 -54.47
CA ARG C 92 -6.26 -5.55 -55.49
C ARG C 92 -5.75 -6.85 -54.88
N LYS C 93 -5.78 -7.91 -55.66
CA LYS C 93 -5.26 -9.19 -55.25
C LYS C 93 -4.28 -9.64 -56.31
N GLY C 94 -3.17 -10.21 -55.88
CA GLY C 94 -2.14 -10.69 -56.75
C GLY C 94 -2.21 -12.20 -56.88
N ASP C 95 -1.05 -12.82 -56.98
CA ASP C 95 -0.98 -14.26 -57.15
C ASP C 95 -1.23 -14.98 -55.84
N GLU C 96 -0.60 -14.50 -54.77
CA GLU C 96 -0.75 -15.12 -53.46
C GLU C 96 -2.14 -14.87 -52.89
N ASN C 97 -2.45 -15.58 -51.81
CA ASN C 97 -3.73 -15.44 -51.13
C ASN C 97 -3.71 -14.28 -50.17
N PHE C 98 -3.31 -13.12 -50.67
CA PHE C 98 -3.25 -11.89 -49.92
C PHE C 98 -4.07 -10.85 -50.65
N LEU C 99 -4.52 -9.89 -49.86
CA LEU C 99 -5.30 -8.79 -50.36
C LEU C 99 -4.51 -7.52 -50.07
N GLU C 100 -4.29 -6.72 -51.09
CA GLU C 100 -3.59 -5.45 -50.98
C GLU C 100 -4.59 -4.33 -51.20
N ILE C 101 -4.75 -3.47 -50.20
CA ILE C 101 -5.73 -2.39 -50.22
C ILE C 101 -5.00 -1.09 -50.49
N THR C 102 -5.02 -0.66 -51.73
CA THR C 102 -4.40 0.61 -52.09
C THR C 102 -5.40 1.73 -51.78
N PHE C 103 -5.02 2.62 -50.87
CA PHE C 103 -5.89 3.71 -50.46
C PHE C 103 -5.22 4.98 -50.95
N GLU C 104 -5.74 5.54 -52.03
CA GLU C 104 -5.24 6.75 -52.65
C GLU C 104 -6.14 7.94 -52.37
N GLY C 105 -5.55 9.12 -52.56
CA GLY C 105 -6.21 10.37 -52.30
C GLY C 105 -5.24 11.36 -51.70
N THR C 106 -5.62 11.92 -50.55
CA THR C 106 -4.71 12.81 -49.85
C THR C 106 -3.51 12.08 -49.26
N ALA C 107 -3.57 10.76 -49.12
CA ALA C 107 -2.46 9.97 -48.60
C ALA C 107 -2.59 8.55 -49.13
N LYS C 108 -1.44 7.92 -49.33
CA LYS C 108 -1.38 6.58 -49.86
C LYS C 108 -1.15 5.57 -48.76
N ARG C 109 -2.14 4.71 -48.53
CA ARG C 109 -2.07 3.68 -47.50
C ARG C 109 -2.53 2.36 -48.08
N THR C 110 -1.60 1.43 -48.23
CA THR C 110 -1.88 0.11 -48.75
C THR C 110 -1.87 -0.91 -47.62
N PHE C 111 -2.76 -1.88 -47.69
CA PHE C 111 -2.88 -2.92 -46.68
C PHE C 111 -2.56 -4.27 -47.31
N ARG C 112 -2.29 -5.26 -46.46
CA ARG C 112 -1.98 -6.60 -46.93
C ARG C 112 -2.52 -7.59 -45.90
N LEU C 113 -3.66 -8.22 -46.22
CA LEU C 113 -4.31 -9.13 -45.29
C LEU C 113 -4.41 -10.52 -45.90
N PRO C 114 -4.30 -11.56 -45.08
CA PRO C 114 -4.40 -12.91 -45.61
C PRO C 114 -5.82 -13.26 -46.00
N LEU C 115 -5.93 -14.25 -46.85
CA LEU C 115 -7.23 -14.68 -47.35
C LEU C 115 -7.39 -16.09 -46.84
N ILE C 116 -8.33 -16.25 -45.91
CA ILE C 116 -8.60 -17.53 -45.30
C ILE C 116 -10.00 -17.97 -45.70
N ASP C 117 -10.24 -19.26 -45.58
CA ASP C 117 -11.53 -19.82 -45.95
C ASP C 117 -12.63 -19.45 -44.96
N VAL C 118 -13.84 -19.26 -45.49
CA VAL C 118 -15.01 -18.89 -44.69
C VAL C 118 -15.99 -20.05 -44.73
N GLU C 119 -16.35 -20.55 -43.57
CA GLU C 119 -17.29 -21.67 -43.44
C GLU C 119 -18.69 -21.11 -43.23
N GLU C 120 -19.52 -21.24 -44.25
CA GLU C 120 -20.88 -20.77 -44.18
C GLU C 120 -21.79 -21.87 -44.71
N LEU C 121 -22.99 -21.96 -44.11
CA LEU C 121 -23.95 -22.96 -44.55
C LEU C 121 -24.53 -22.58 -45.90
N GLU C 122 -24.59 -23.56 -46.82
CA GLU C 122 -25.11 -23.31 -48.16
C GLU C 122 -26.62 -23.14 -48.07
N LEU C 123 -27.06 -21.89 -48.13
CA LEU C 123 -28.47 -21.54 -48.11
C LEU C 123 -28.70 -20.51 -49.19
N GLU C 124 -29.48 -20.87 -50.18
CA GLU C 124 -29.77 -19.96 -51.27
C GLU C 124 -31.00 -19.14 -50.92
N LEU C 125 -31.50 -18.39 -51.90
CA LEU C 125 -32.69 -17.55 -51.73
C LEU C 125 -33.77 -18.10 -52.64
N PRO C 126 -34.61 -19.00 -52.13
CA PRO C 126 -35.67 -19.57 -52.96
C PRO C 126 -36.72 -18.52 -53.30
N GLU C 127 -37.44 -18.79 -54.38
CA GLU C 127 -38.50 -17.90 -54.85
C GLU C 127 -39.71 -18.10 -53.96
N LEU C 128 -39.76 -17.32 -52.84
CA LEU C 128 -40.81 -17.39 -51.82
C LEU C 128 -41.88 -16.32 -52.03
N PRO C 129 -43.14 -16.59 -51.64
CA PRO C 129 -44.19 -15.58 -51.78
C PRO C 129 -44.03 -14.43 -50.80
N PHE C 130 -43.69 -13.26 -51.31
CA PHE C 130 -43.56 -12.05 -50.51
C PHE C 130 -44.74 -11.15 -50.87
N THR C 131 -45.74 -11.11 -50.01
CA THR C 131 -46.95 -10.36 -50.27
C THR C 131 -46.98 -9.03 -49.53
N ALA C 132 -45.89 -8.66 -48.88
CA ALA C 132 -45.82 -7.43 -48.14
C ALA C 132 -44.49 -6.76 -48.46
N LYS C 133 -44.57 -5.58 -49.07
CA LYS C 133 -43.40 -4.77 -49.39
C LYS C 133 -43.64 -3.37 -48.88
N VAL C 134 -42.68 -2.86 -48.11
CA VAL C 134 -42.76 -1.52 -47.56
C VAL C 134 -41.40 -0.86 -47.67
N VAL C 135 -41.42 0.46 -47.84
CA VAL C 135 -40.21 1.27 -47.97
C VAL C 135 -40.10 2.09 -46.71
N LEU C 136 -39.01 1.92 -46.00
CA LEU C 136 -38.77 2.63 -44.75
C LEU C 136 -37.47 3.40 -44.84
N LEU C 137 -37.16 4.11 -43.77
CA LEU C 137 -35.96 4.90 -43.70
C LEU C 137 -35.14 4.38 -42.53
N GLY C 138 -33.95 4.94 -42.38
CA GLY C 138 -33.09 4.50 -41.29
C GLY C 138 -33.59 4.94 -39.94
N GLU C 139 -34.04 6.20 -39.83
CA GLU C 139 -34.53 6.71 -38.57
C GLU C 139 -35.82 6.01 -38.14
N VAL C 140 -36.66 5.69 -39.10
CA VAL C 140 -37.90 4.99 -38.79
C VAL C 140 -37.58 3.62 -38.23
N LEU C 141 -36.58 2.96 -38.80
CA LEU C 141 -36.15 1.66 -38.31
C LEU C 141 -35.46 1.75 -36.97
N LYS C 142 -34.62 2.78 -36.78
CA LYS C 142 -33.92 2.94 -35.52
C LYS C 142 -34.90 3.19 -34.39
N GLU C 143 -35.76 4.19 -34.55
CA GLU C 143 -36.75 4.51 -33.53
C GLU C 143 -37.74 3.37 -33.34
N GLY C 144 -38.06 2.65 -34.42
CA GLY C 144 -39.01 1.56 -34.30
C GLY C 144 -38.46 0.37 -33.53
N ILE C 145 -37.22 -0.04 -33.84
CA ILE C 145 -36.63 -1.21 -33.18
C ILE C 145 -36.18 -0.87 -31.77
N LYS C 146 -35.69 0.36 -31.55
CA LYS C 146 -35.27 0.74 -30.21
C LYS C 146 -36.47 0.97 -29.29
N ASP C 147 -37.45 1.76 -29.75
CA ASP C 147 -38.68 1.95 -28.97
C ASP C 147 -39.44 0.65 -28.78
N ALA C 148 -39.39 -0.25 -29.76
CA ALA C 148 -39.95 -1.58 -29.60
C ALA C 148 -39.10 -2.46 -28.69
N SER C 149 -37.83 -2.10 -28.49
CA SER C 149 -36.96 -2.84 -27.58
C SER C 149 -37.19 -2.41 -26.15
N LEU C 150 -37.50 -1.13 -25.92
CA LEU C 150 -37.77 -0.67 -24.57
C LEU C 150 -39.08 -1.21 -24.03
N VAL C 151 -39.96 -1.74 -24.88
CA VAL C 151 -41.25 -2.25 -24.43
C VAL C 151 -41.31 -3.78 -24.42
N SER C 152 -40.60 -4.47 -25.32
CA SER C 152 -40.65 -5.92 -25.41
C SER C 152 -39.41 -6.42 -26.16
N ASP C 153 -39.38 -7.72 -26.45
CA ASP C 153 -38.26 -8.33 -27.15
C ASP C 153 -38.62 -8.92 -28.51
N ALA C 154 -39.89 -8.90 -28.86
CA ALA C 154 -40.36 -9.38 -30.15
C ALA C 154 -41.09 -8.25 -30.84
N ILE C 155 -41.54 -8.52 -32.07
CA ILE C 155 -42.29 -7.52 -32.83
C ILE C 155 -43.27 -8.25 -33.74
N LYS C 156 -44.43 -7.61 -33.94
CA LYS C 156 -45.51 -8.14 -34.75
C LYS C 156 -45.70 -7.21 -35.95
N PHE C 157 -45.52 -7.75 -37.15
CA PHE C 157 -45.67 -7.02 -38.39
C PHE C 157 -47.07 -7.21 -38.93
N ILE C 158 -47.77 -6.10 -39.12
CA ILE C 158 -49.10 -6.12 -39.67
C ILE C 158 -49.14 -5.10 -40.79
N ALA C 159 -49.34 -5.57 -42.02
CA ALA C 159 -49.34 -4.70 -43.17
C ALA C 159 -50.63 -4.96 -43.92
N LYS C 160 -51.36 -3.90 -44.18
CA LYS C 160 -52.58 -3.96 -44.96
C LYS C 160 -52.42 -3.07 -46.17
N GLU C 161 -53.41 -3.13 -47.06
CA GLU C 161 -53.46 -2.54 -48.39
C GLU C 161 -52.89 -1.13 -48.46
N ASN C 162 -53.14 -0.31 -47.45
CA ASN C 162 -52.65 1.05 -47.42
C ASN C 162 -52.12 1.40 -46.02
N GLU C 163 -51.46 0.44 -45.35
CA GLU C 163 -50.89 0.75 -44.04
C GLU C 163 -49.83 -0.29 -43.68
N PHE C 164 -48.91 0.13 -42.83
CA PHE C 164 -47.87 -0.75 -42.32
C PHE C 164 -47.63 -0.39 -40.87
N THR C 165 -48.12 -1.24 -39.97
CA THR C 165 -47.98 -0.99 -38.56
C THR C 165 -47.25 -2.15 -37.90
N MET C 166 -46.60 -1.85 -36.77
CA MET C 166 -45.82 -2.81 -36.03
C MET C 166 -46.27 -2.75 -34.58
N LYS C 167 -46.96 -3.79 -34.15
CA LYS C 167 -47.45 -3.86 -32.79
C LYS C 167 -46.62 -4.88 -32.05
N ALA C 168 -46.20 -4.52 -30.82
CA ALA C 168 -45.39 -5.41 -30.02
C ALA C 168 -45.63 -5.07 -28.56
N GLU C 169 -45.83 -6.09 -27.74
CA GLU C 169 -46.06 -5.88 -26.31
C GLU C 169 -45.58 -7.09 -25.52
N GLY C 170 -44.76 -6.86 -24.50
CA GLY C 170 -44.33 -7.95 -23.66
C GLY C 170 -45.34 -8.36 -22.62
N GLU C 171 -45.59 -7.51 -21.61
CA GLU C 171 -46.68 -7.77 -20.66
C GLU C 171 -47.59 -6.58 -20.40
N THR C 172 -47.03 -5.38 -20.29
CA THR C 172 -47.79 -4.16 -20.00
C THR C 172 -47.61 -3.13 -21.10
N ASN C 173 -46.38 -2.81 -21.45
CA ASN C 173 -46.07 -1.76 -22.40
C ASN C 173 -46.42 -2.20 -23.82
N GLU C 174 -47.18 -1.38 -24.54
CA GLU C 174 -47.62 -1.67 -25.90
C GLU C 174 -47.05 -0.65 -26.88
N VAL C 175 -46.53 -1.13 -28.02
CA VAL C 175 -46.01 -0.25 -29.06
C VAL C 175 -46.74 -0.59 -30.35
N GLU C 176 -46.99 0.43 -31.15
CA GLU C 176 -47.71 0.27 -32.40
C GLU C 176 -47.21 1.39 -33.31
N ILE C 177 -46.35 1.03 -34.24
CA ILE C 177 -45.78 1.99 -35.16
C ILE C 177 -46.63 1.99 -36.42
N ARG C 178 -47.26 3.12 -36.71
CA ARG C 178 -48.12 3.23 -37.87
C ARG C 178 -47.44 4.06 -38.95
N LEU C 179 -47.54 3.60 -40.19
CA LEU C 179 -46.95 4.29 -41.33
C LEU C 179 -48.06 4.59 -42.31
N THR C 180 -48.13 5.85 -42.71
CA THR C 180 -49.14 6.31 -43.63
C THR C 180 -48.45 6.98 -44.81
N LEU C 181 -49.26 7.59 -45.66
CA LEU C 181 -48.73 8.28 -46.82
C LEU C 181 -48.60 9.78 -46.61
N GLU C 182 -49.19 10.30 -45.53
CA GLU C 182 -49.12 11.74 -45.28
C GLU C 182 -47.75 12.15 -44.77
N ASP C 183 -47.06 11.27 -44.07
CA ASP C 183 -45.75 11.58 -43.53
C ASP C 183 -44.68 11.16 -44.54
N GLU C 184 -43.43 11.22 -44.13
CA GLU C 184 -42.32 10.85 -44.98
C GLU C 184 -41.70 9.52 -44.62
N GLY C 185 -42.19 8.85 -43.58
CA GLY C 185 -41.60 7.59 -43.20
C GLY C 185 -41.90 6.49 -44.19
N LEU C 186 -43.08 6.54 -44.82
CA LEU C 186 -43.51 5.56 -45.80
C LEU C 186 -43.68 6.24 -47.14
N LEU C 187 -42.81 5.88 -48.08
CA LEU C 187 -42.86 6.47 -49.41
C LEU C 187 -43.68 5.61 -50.36
N ASP C 188 -43.28 4.36 -50.51
CA ASP C 188 -43.96 3.42 -51.38
C ASP C 188 -44.35 2.20 -50.58
N LEU C 189 -45.41 1.54 -51.02
CA LEU C 189 -45.91 0.37 -50.34
C LEU C 189 -46.54 -0.53 -51.39
N GLU C 190 -46.38 -1.84 -51.22
CA GLU C 190 -46.98 -2.84 -52.09
C GLU C 190 -47.43 -3.96 -51.17
N VAL C 191 -48.69 -3.89 -50.76
CA VAL C 191 -49.30 -4.90 -49.90
C VAL C 191 -50.64 -5.16 -50.53
N GLU C 192 -50.81 -6.36 -51.08
CA GLU C 192 -52.08 -6.70 -51.73
C GLU C 192 -53.12 -7.11 -50.71
N GLU C 193 -52.81 -8.14 -49.95
CA GLU C 193 -53.70 -8.65 -48.93
C GLU C 193 -53.02 -8.40 -47.59
N GLU C 194 -53.83 -8.32 -46.53
CA GLU C 194 -53.32 -8.11 -45.19
C GLU C 194 -52.36 -9.23 -44.81
N THR C 195 -51.26 -8.86 -44.19
CA THR C 195 -50.21 -9.79 -43.90
C THR C 195 -49.71 -9.52 -42.49
N LYS C 196 -49.42 -10.58 -41.77
CA LYS C 196 -48.92 -10.47 -40.43
C LYS C 196 -47.85 -11.52 -40.23
N SER C 197 -46.87 -11.20 -39.40
CA SER C 197 -45.78 -12.10 -39.10
C SER C 197 -45.17 -11.65 -37.79
N ALA C 198 -44.18 -12.39 -37.32
CA ALA C 198 -43.51 -12.04 -36.09
C ALA C 198 -42.02 -12.23 -36.25
N TYR C 199 -41.24 -11.34 -35.63
CA TYR C 199 -39.79 -11.40 -35.74
C TYR C 199 -39.20 -10.90 -34.43
N GLY C 200 -37.88 -10.99 -34.34
CA GLY C 200 -37.17 -10.58 -33.15
C GLY C 200 -36.88 -9.10 -33.13
N ILE C 201 -36.13 -8.67 -32.12
CA ILE C 201 -35.77 -7.28 -31.92
C ILE C 201 -34.26 -7.10 -31.87
N ARG C 202 -33.58 -7.96 -31.11
CA ARG C 202 -32.14 -7.84 -30.91
C ARG C 202 -31.39 -7.95 -32.22
N TYR C 203 -31.85 -8.84 -33.11
CA TYR C 203 -31.19 -9.00 -34.39
C TYR C 203 -31.42 -7.79 -35.27
N LEU C 204 -32.66 -7.29 -35.28
CA LEU C 204 -32.98 -6.07 -36.01
C LEU C 204 -32.28 -4.87 -35.42
N SER C 205 -32.01 -4.90 -34.13
CA SER C 205 -31.25 -3.82 -33.53
C SER C 205 -29.78 -3.93 -33.90
N ASP C 206 -29.32 -5.14 -34.19
CA ASP C 206 -27.94 -5.32 -34.61
C ASP C 206 -27.74 -5.03 -36.09
N MET C 207 -28.76 -5.23 -36.89
CA MET C 207 -28.66 -4.90 -38.31
C MET C 207 -28.85 -3.42 -38.59
N VAL C 208 -29.68 -2.75 -37.80
CA VAL C 208 -29.91 -1.33 -38.04
C VAL C 208 -28.79 -0.51 -37.45
N LYS C 209 -27.94 -1.15 -36.66
CA LYS C 209 -26.84 -0.45 -36.03
C LYS C 209 -25.79 0.02 -37.03
N GLY C 210 -25.61 -0.70 -38.14
CA GLY C 210 -24.63 -0.27 -39.12
C GLY C 210 -25.22 0.65 -40.16
N ILE C 211 -26.50 0.43 -40.44
CA ILE C 211 -27.22 1.24 -41.42
C ILE C 211 -27.49 2.63 -40.86
N GLY C 212 -27.32 3.65 -41.70
CA GLY C 212 -27.54 5.02 -41.26
C GLY C 212 -29.01 5.38 -41.09
N LYS C 213 -29.30 6.67 -41.16
CA LYS C 213 -30.65 7.20 -40.98
C LYS C 213 -31.31 7.59 -42.29
N ALA C 214 -30.54 8.16 -43.21
CA ALA C 214 -31.06 8.59 -44.49
C ALA C 214 -30.97 7.50 -45.54
N ASP C 215 -30.93 6.24 -45.10
CA ASP C 215 -30.82 5.13 -46.02
C ASP C 215 -32.19 4.48 -46.14
N GLU C 216 -32.76 4.52 -47.35
CA GLU C 216 -34.03 3.88 -47.60
C GLU C 216 -33.84 2.37 -47.57
N VAL C 217 -34.75 1.69 -46.91
CA VAL C 217 -34.67 0.25 -46.74
C VAL C 217 -35.93 -0.40 -47.28
N ILE C 218 -35.76 -1.43 -48.09
CA ILE C 218 -36.89 -2.15 -48.64
C ILE C 218 -37.10 -3.37 -47.76
N LEU C 219 -38.33 -3.56 -47.33
CA LEU C 219 -38.66 -4.66 -46.44
C LEU C 219 -39.77 -5.45 -47.10
N ARG C 220 -39.65 -6.76 -46.99
CA ARG C 220 -40.60 -7.68 -47.55
C ARG C 220 -40.83 -8.80 -46.57
N PHE C 221 -42.07 -9.24 -46.48
CA PHE C 221 -42.41 -10.38 -45.65
C PHE C 221 -43.75 -10.89 -46.15
N GLY C 222 -44.04 -12.11 -45.77
CA GLY C 222 -45.30 -12.65 -46.17
C GLY C 222 -45.88 -13.32 -44.96
N ASN C 223 -47.00 -13.98 -45.16
CA ASN C 223 -47.69 -14.68 -44.10
C ASN C 223 -46.80 -15.82 -43.66
N GLU C 224 -46.30 -15.74 -42.42
CA GLU C 224 -45.34 -16.63 -41.77
C GLU C 224 -44.22 -17.03 -42.72
N MET C 225 -43.73 -16.05 -43.46
CA MET C 225 -42.66 -16.29 -44.39
C MET C 225 -41.43 -15.56 -43.88
N PRO C 226 -40.23 -16.01 -44.29
CA PRO C 226 -39.00 -15.30 -43.90
C PRO C 226 -38.99 -13.88 -44.42
N LEU C 227 -38.26 -13.03 -43.72
CA LEU C 227 -38.25 -11.65 -44.11
C LEU C 227 -37.15 -11.42 -45.13
N GLN C 228 -37.41 -10.53 -46.06
CA GLN C 228 -36.46 -10.17 -47.09
C GLN C 228 -36.24 -8.68 -47.01
N MET C 229 -35.13 -8.31 -46.43
CA MET C 229 -34.78 -6.91 -46.30
C MET C 229 -33.70 -6.58 -47.31
N GLU C 230 -34.07 -5.96 -48.41
CA GLU C 230 -33.12 -5.61 -49.46
C GLU C 230 -33.24 -4.13 -49.79
N TYR C 231 -32.13 -3.56 -50.23
CA TYR C 231 -32.12 -2.18 -50.69
C TYR C 231 -30.96 -1.96 -51.65
N MET C 232 -31.13 -1.01 -52.54
CA MET C 232 -30.16 -0.76 -53.59
C MET C 232 -29.07 0.16 -53.07
N ILE C 233 -27.89 0.03 -53.65
CA ILE C 233 -26.76 0.87 -53.35
C ILE C 233 -26.35 1.55 -54.63
N ARG C 234 -26.40 2.89 -54.64
CA ARG C 234 -26.16 3.71 -55.82
C ARG C 234 -27.11 3.34 -56.93
N ASP C 235 -28.31 2.90 -56.54
CA ASP C 235 -29.44 2.50 -57.37
C ASP C 235 -29.14 1.25 -58.20
N GLU C 236 -27.97 0.63 -58.06
CA GLU C 236 -27.62 -0.56 -58.81
C GLU C 236 -27.34 -1.75 -57.92
N GLY C 237 -26.52 -1.57 -56.89
CA GLY C 237 -26.27 -2.63 -55.96
C GLY C 237 -27.50 -2.96 -55.15
N ARG C 238 -27.49 -4.11 -54.52
CA ARG C 238 -28.63 -4.55 -53.74
C ARG C 238 -28.15 -5.40 -52.60
N LEU C 239 -28.53 -5.03 -51.40
CA LEU C 239 -28.24 -5.80 -50.21
C LEU C 239 -29.51 -6.45 -49.73
N THR C 240 -29.50 -7.76 -49.64
CA THR C 240 -30.67 -8.53 -49.29
C THR C 240 -30.44 -9.28 -47.99
N PHE C 241 -31.44 -9.24 -47.12
CA PHE C 241 -31.41 -9.96 -45.87
C PHE C 241 -32.46 -11.05 -45.82
N LEU C 242 -32.27 -11.95 -44.88
CA LEU C 242 -33.18 -13.06 -44.70
C LEU C 242 -33.32 -13.28 -43.21
N LEU C 243 -34.52 -13.07 -42.69
CA LEU C 243 -34.75 -13.23 -41.26
C LEU C 243 -35.65 -14.41 -40.99
N ALA C 244 -35.51 -15.04 -39.84
CA ALA C 244 -36.34 -16.15 -39.56
C ALA C 244 -37.50 -15.68 -38.70
N PRO C 245 -38.70 -16.17 -38.99
CA PRO C 245 -39.85 -15.76 -38.19
C PRO C 245 -39.76 -16.41 -36.82
N ARG C 246 -40.44 -15.79 -35.89
CA ARG C 246 -40.50 -16.26 -34.52
C ARG C 246 -41.90 -16.74 -34.23
N VAL C 247 -41.98 -17.86 -33.49
CA VAL C 247 -43.27 -18.45 -33.15
C VAL C 247 -44.00 -17.55 -32.16
N GLU C 248 -43.26 -16.85 -31.31
CA GLU C 248 -43.86 -15.97 -30.32
C GLU C 248 -44.33 -14.69 -31.00
N GLU C 249 -44.83 -13.74 -30.21
CA GLU C 249 -45.30 -12.47 -30.76
C GLU C 249 -44.68 -11.27 -30.06
N MET D 1 -60.55 9.84 -15.04
CA MET D 1 -60.62 11.25 -15.38
C MET D 1 -59.72 11.53 -16.58
N PRO D 2 -60.22 11.28 -17.79
CA PRO D 2 -59.40 11.47 -18.99
C PRO D 2 -59.11 12.94 -19.23
N PHE D 3 -58.00 13.17 -19.91
CA PHE D 3 -57.54 14.49 -20.32
C PHE D 3 -56.42 14.28 -21.30
N GLU D 4 -56.28 15.22 -22.20
CA GLU D 4 -55.25 15.16 -23.22
C GLU D 4 -54.47 16.45 -23.17
N VAL D 5 -53.17 16.29 -23.24
CA VAL D 5 -52.24 17.40 -23.16
C VAL D 5 -51.26 17.20 -24.29
N VAL D 6 -51.22 18.14 -25.22
CA VAL D 6 -50.34 18.05 -26.36
C VAL D 6 -49.25 19.07 -26.19
N PHE D 7 -48.03 18.60 -26.14
CA PHE D 7 -46.89 19.48 -25.98
C PHE D 7 -46.03 19.34 -27.21
N ASP D 8 -45.54 20.46 -27.70
CA ASP D 8 -44.69 20.50 -28.87
C ASP D 8 -43.26 20.77 -28.44
N GLY D 9 -42.33 20.14 -29.15
CA GLY D 9 -40.94 20.30 -28.79
C GLY D 9 -40.60 19.44 -27.60
N ALA D 10 -40.72 18.12 -27.76
CA ALA D 10 -40.50 17.18 -26.66
C ALA D 10 -39.04 17.11 -26.22
N LYS D 11 -38.15 17.94 -26.78
CA LYS D 11 -36.76 17.97 -26.37
C LYS D 11 -36.61 18.71 -25.04
N GLU D 12 -37.23 19.90 -24.92
CA GLU D 12 -37.16 20.65 -23.66
C GLU D 12 -37.89 19.94 -22.56
N PHE D 13 -39.01 19.31 -22.90
CA PHE D 13 -39.69 18.48 -21.92
C PHE D 13 -38.93 17.20 -21.65
N ALA D 14 -38.17 16.73 -22.64
CA ALA D 14 -37.37 15.51 -22.49
C ALA D 14 -36.26 15.70 -21.47
N ASP D 15 -35.36 16.66 -21.71
CA ASP D 15 -34.32 16.95 -20.72
C ASP D 15 -34.85 17.69 -19.50
N LEU D 16 -36.11 18.15 -19.54
CA LEU D 16 -36.73 18.69 -18.34
C LEU D 16 -37.08 17.58 -17.37
N ILE D 17 -37.81 16.56 -17.85
CA ILE D 17 -38.10 15.39 -17.04
C ILE D 17 -36.82 14.64 -16.68
N ALA D 18 -35.85 14.60 -17.61
CA ALA D 18 -34.54 14.01 -17.33
C ALA D 18 -33.79 14.79 -16.27
N THR D 19 -33.96 16.12 -16.23
CA THR D 19 -33.33 16.92 -15.18
C THR D 19 -33.98 16.62 -13.83
N ALA D 20 -35.32 16.51 -13.82
CA ALA D 20 -36.04 16.20 -12.59
C ALA D 20 -35.89 14.74 -12.17
N SER D 21 -35.33 13.87 -13.01
CA SER D 21 -35.16 12.47 -12.67
C SER D 21 -33.91 12.20 -11.84
N ASN D 22 -32.94 13.12 -11.83
CA ASN D 22 -31.71 12.90 -11.07
C ASN D 22 -31.87 13.22 -9.58
N LEU D 23 -32.88 14.00 -9.21
CA LEU D 23 -33.10 14.35 -7.80
C LEU D 23 -34.08 13.40 -7.13
N ILE D 24 -35.11 12.95 -7.87
CA ILE D 24 -36.11 12.04 -7.31
C ILE D 24 -36.37 10.96 -8.35
N ASP D 25 -36.73 9.78 -7.88
CA ASP D 25 -37.01 8.66 -8.76
C ASP D 25 -38.40 8.75 -9.38
N GLU D 26 -39.42 8.76 -8.53
CA GLU D 26 -40.80 8.86 -8.96
C GLU D 26 -41.37 10.22 -8.60
N ALA D 27 -42.37 10.65 -9.37
CA ALA D 27 -43.00 11.94 -9.13
C ALA D 27 -44.50 11.80 -9.29
N ALA D 28 -45.23 12.61 -8.55
CA ALA D 28 -46.69 12.64 -8.58
C ALA D 28 -47.04 13.98 -9.19
N PHE D 29 -47.24 13.96 -10.49
CA PHE D 29 -47.62 15.14 -11.23
C PHE D 29 -49.02 15.55 -10.82
N LYS D 30 -49.13 16.75 -10.25
CA LYS D 30 -50.43 17.28 -9.86
C LYS D 30 -51.01 18.06 -11.03
N PHE D 31 -52.01 17.48 -11.68
CA PHE D 31 -52.57 18.06 -12.88
C PHE D 31 -53.76 18.93 -12.49
N THR D 32 -53.67 20.20 -12.84
CA THR D 32 -54.70 21.16 -12.52
C THR D 32 -55.19 21.81 -13.81
N GLU D 33 -56.43 22.33 -13.74
CA GLU D 33 -57.04 22.99 -14.89
C GLU D 33 -56.23 24.20 -15.35
N GLU D 34 -55.56 24.88 -14.42
CA GLU D 34 -54.72 26.01 -14.79
C GLU D 34 -53.40 25.56 -15.39
N GLY D 35 -52.99 24.33 -15.18
CA GLY D 35 -51.77 23.83 -15.73
C GLY D 35 -51.23 22.72 -14.86
N ILE D 36 -50.00 22.38 -15.13
CA ILE D 36 -49.33 21.31 -14.44
C ILE D 36 -48.57 21.87 -13.25
N SER D 37 -48.81 21.31 -12.07
CA SER D 37 -48.14 21.74 -10.84
C SER D 37 -47.47 20.52 -10.23
N MET D 38 -46.20 20.66 -9.89
CA MET D 38 -45.43 19.57 -9.29
C MET D 38 -44.61 20.10 -8.14
N ARG D 39 -44.65 19.39 -7.01
CA ARG D 39 -43.83 19.72 -5.86
C ARG D 39 -43.30 18.43 -5.28
N ALA D 40 -42.00 18.18 -5.44
CA ALA D 40 -41.40 16.94 -4.99
C ALA D 40 -40.12 17.26 -4.23
N MET D 41 -39.75 16.34 -3.35
CA MET D 41 -38.56 16.47 -2.51
C MET D 41 -37.73 15.21 -2.60
N ASP D 42 -36.42 15.40 -2.54
CA ASP D 42 -35.53 14.28 -2.54
C ASP D 42 -35.66 13.50 -1.22
N PRO D 43 -35.22 12.23 -1.19
CA PRO D 43 -35.24 11.49 0.08
C PRO D 43 -34.39 12.11 1.17
N SER D 44 -33.42 12.96 0.80
CA SER D 44 -32.65 13.69 1.77
C SER D 44 -33.45 14.82 2.39
N ARG D 45 -34.59 15.18 1.78
CA ARG D 45 -35.50 16.20 2.27
C ARG D 45 -34.79 17.55 2.42
N VAL D 46 -34.09 17.94 1.36
CA VAL D 46 -33.39 19.23 1.38
C VAL D 46 -33.75 20.10 0.20
N VAL D 47 -34.24 19.55 -0.90
CA VAL D 47 -34.55 20.34 -2.06
C VAL D 47 -36.02 20.10 -2.41
N LEU D 48 -36.66 21.13 -2.96
CA LEU D 48 -38.06 21.10 -3.37
C LEU D 48 -38.16 21.61 -4.79
N ILE D 49 -38.79 20.81 -5.65
CA ILE D 49 -39.01 21.17 -7.04
C ILE D 49 -40.49 21.47 -7.25
N ASP D 50 -40.76 22.53 -8.01
CA ASP D 50 -42.12 22.98 -8.24
C ASP D 50 -42.21 23.42 -9.70
N LEU D 51 -42.82 22.58 -10.53
CA LEU D 51 -43.03 22.87 -11.93
C LEU D 51 -44.43 23.43 -12.14
N ASN D 52 -44.51 24.53 -12.87
CA ASN D 52 -45.77 25.18 -13.15
C ASN D 52 -45.86 25.41 -14.65
N LEU D 53 -46.85 24.80 -15.27
CA LEU D 53 -47.03 24.94 -16.71
C LEU D 53 -48.44 25.44 -16.96
N PRO D 54 -48.60 26.66 -17.43
CA PRO D 54 -49.93 27.20 -17.68
C PRO D 54 -50.53 26.61 -18.95
N GLU D 55 -51.70 27.11 -19.30
CA GLU D 55 -52.41 26.62 -20.46
C GLU D 55 -51.87 27.22 -21.75
N SER D 56 -51.25 28.40 -21.68
CA SER D 56 -50.77 29.09 -22.86
C SER D 56 -49.66 28.35 -23.58
N ILE D 57 -49.02 27.38 -22.94
CA ILE D 57 -47.96 26.63 -23.60
C ILE D 57 -48.54 25.61 -24.55
N PHE D 58 -49.41 24.76 -24.03
CA PHE D 58 -49.94 23.65 -24.81
C PHE D 58 -50.96 24.15 -25.79
N SER D 59 -50.89 23.61 -27.00
CA SER D 59 -51.87 23.98 -28.00
C SER D 59 -53.16 23.19 -27.83
N LYS D 60 -53.10 21.86 -27.90
CA LYS D 60 -54.27 21.02 -27.70
C LYS D 60 -54.24 20.51 -26.26
N TYR D 61 -54.95 21.22 -25.39
CA TYR D 61 -54.92 20.96 -23.96
C TYR D 61 -56.38 20.88 -23.53
N GLU D 62 -56.90 19.67 -23.44
CA GLU D 62 -58.28 19.45 -23.05
C GLU D 62 -58.29 18.69 -21.74
N VAL D 63 -59.03 19.21 -20.77
CA VAL D 63 -59.09 18.65 -19.42
C VAL D 63 -60.55 18.41 -19.09
N GLU D 64 -60.89 17.17 -18.80
CA GLU D 64 -62.25 16.86 -18.37
C GLU D 64 -62.33 16.99 -16.84
N GLU D 65 -61.50 16.24 -16.13
CA GLU D 65 -61.46 16.30 -14.68
C GLU D 65 -60.02 16.21 -14.20
N PRO D 66 -59.54 17.20 -13.46
CA PRO D 66 -58.15 17.17 -12.97
C PRO D 66 -57.95 16.05 -11.96
N GLU D 67 -56.79 15.40 -12.06
CA GLU D 67 -56.45 14.31 -11.15
C GLU D 67 -54.94 14.16 -11.11
N THR D 68 -54.38 14.04 -9.91
CA THR D 68 -52.95 13.85 -9.75
C THR D 68 -52.55 12.46 -10.22
N ILE D 69 -51.53 12.38 -11.06
CA ILE D 69 -51.06 11.11 -11.59
C ILE D 69 -49.68 10.81 -11.03
N GLY D 70 -49.33 9.54 -11.04
CA GLY D 70 -48.04 9.14 -10.56
C GLY D 70 -47.25 8.53 -11.70
N ILE D 71 -46.05 9.05 -11.92
CA ILE D 71 -45.18 8.61 -12.99
C ILE D 71 -43.78 8.41 -12.44
N ASN D 72 -43.21 7.24 -12.70
CA ASN D 72 -41.85 6.94 -12.29
C ASN D 72 -40.89 7.37 -13.39
N MET D 73 -40.04 8.35 -13.08
CA MET D 73 -39.10 8.89 -14.05
C MET D 73 -37.93 7.95 -14.35
N ASP D 74 -37.80 6.86 -13.59
CA ASP D 74 -36.74 5.90 -13.83
C ASP D 74 -36.95 5.09 -15.10
N GLN D 75 -38.19 5.04 -15.60
CA GLN D 75 -38.49 4.32 -16.82
C GLN D 75 -39.32 5.18 -17.76
N PHE D 76 -39.24 6.49 -17.59
CA PHE D 76 -39.99 7.40 -18.43
C PHE D 76 -39.13 8.37 -19.22
N LYS D 77 -37.88 8.59 -18.81
CA LYS D 77 -37.02 9.51 -19.54
C LYS D 77 -36.43 8.87 -20.78
N LYS D 78 -36.31 7.54 -20.80
CA LYS D 78 -35.77 6.87 -21.98
C LYS D 78 -36.75 6.94 -23.14
N ILE D 79 -38.05 7.01 -22.84
CA ILE D 79 -39.05 7.10 -23.90
C ILE D 79 -39.00 8.47 -24.55
N LEU D 80 -39.02 9.53 -23.74
CA LEU D 80 -38.96 10.87 -24.31
C LEU D 80 -37.57 11.30 -24.73
N LYS D 81 -36.53 10.50 -24.41
CA LYS D 81 -35.16 10.83 -24.79
C LYS D 81 -35.03 10.95 -26.30
N ARG D 82 -35.66 10.05 -27.04
CA ARG D 82 -35.62 10.11 -28.49
C ARG D 82 -36.68 11.11 -28.97
N GLY D 83 -36.28 12.00 -29.86
CA GLY D 83 -37.16 13.03 -30.36
C GLY D 83 -36.52 14.39 -30.28
N LYS D 84 -36.48 15.08 -31.40
CA LYS D 84 -35.82 16.38 -31.51
C LYS D 84 -36.83 17.46 -31.14
N ALA D 85 -36.48 18.71 -31.38
CA ALA D 85 -37.38 19.80 -31.04
C ALA D 85 -38.50 19.94 -32.07
N LYS D 86 -38.34 19.39 -33.26
CA LYS D 86 -39.33 19.45 -34.33
C LYS D 86 -40.14 18.16 -34.27
N ASP D 87 -41.18 18.16 -33.45
CA ASP D 87 -42.02 16.98 -33.26
C ASP D 87 -43.38 17.41 -32.72
N THR D 88 -44.20 16.43 -32.40
CA THR D 88 -45.53 16.71 -31.85
C THR D 88 -45.77 15.67 -30.76
N LEU D 89 -45.52 16.08 -29.53
CA LEU D 89 -45.68 15.19 -28.40
C LEU D 89 -47.13 15.22 -27.97
N ILE D 90 -47.71 14.06 -27.77
CA ILE D 90 -49.08 13.96 -27.31
C ILE D 90 -49.10 13.10 -26.08
N LEU D 91 -49.75 13.58 -25.03
CA LEU D 91 -49.80 12.88 -23.77
C LEU D 91 -51.23 12.90 -23.27
N ARG D 92 -51.90 11.77 -23.39
CA ARG D 92 -53.28 11.65 -22.96
C ARG D 92 -53.36 10.58 -21.88
N LYS D 93 -54.24 10.80 -20.90
CA LYS D 93 -54.43 9.88 -19.81
C LYS D 93 -55.92 9.67 -19.62
N GLY D 94 -56.33 8.41 -19.68
CA GLY D 94 -57.74 8.04 -19.57
C GLY D 94 -58.13 7.74 -18.14
N ASP D 95 -59.34 7.19 -18.00
CA ASP D 95 -59.83 6.88 -16.66
C ASP D 95 -59.12 5.68 -16.06
N GLU D 96 -58.56 4.79 -16.89
CA GLU D 96 -57.81 3.68 -16.36
C GLU D 96 -56.43 4.14 -15.93
N ASN D 97 -55.68 3.23 -15.31
CA ASN D 97 -54.34 3.54 -14.84
C ASN D 97 -53.28 3.36 -15.92
N PHE D 98 -53.52 3.97 -17.07
CA PHE D 98 -52.62 3.93 -18.22
C PHE D 98 -52.37 5.35 -18.70
N LEU D 99 -51.30 5.48 -19.46
CA LEU D 99 -50.90 6.74 -20.04
C LEU D 99 -50.45 6.50 -21.46
N GLU D 100 -51.15 7.11 -22.41
CA GLU D 100 -50.80 6.96 -23.81
C GLU D 100 -50.12 8.22 -24.30
N ILE D 101 -49.11 8.03 -25.15
CA ILE D 101 -48.31 9.12 -25.67
C ILE D 101 -48.26 8.92 -27.17
N THR D 102 -48.97 9.76 -27.90
CA THR D 102 -48.94 9.70 -29.35
C THR D 102 -47.85 10.64 -29.81
N PHE D 103 -46.79 10.08 -30.35
CA PHE D 103 -45.66 10.84 -30.80
C PHE D 103 -45.58 10.65 -32.32
N GLU D 104 -45.56 11.76 -33.06
CA GLU D 104 -45.49 11.73 -34.53
C GLU D 104 -44.40 12.68 -35.08
N GLY D 105 -43.18 12.17 -35.15
CA GLY D 105 -42.09 12.90 -35.79
C GLY D 105 -41.80 12.49 -37.23
N THR D 106 -41.72 11.19 -37.48
CA THR D 106 -41.62 10.63 -38.84
C THR D 106 -42.68 9.59 -39.14
N ALA D 107 -43.33 9.03 -38.13
CA ALA D 107 -44.43 8.08 -38.28
C ALA D 107 -45.28 8.13 -37.02
N LYS D 108 -46.49 7.59 -37.12
CA LYS D 108 -47.41 7.58 -36.00
C LYS D 108 -47.03 6.49 -35.00
N ARG D 109 -46.59 6.88 -33.80
CA ARG D 109 -46.20 5.92 -32.77
C ARG D 109 -47.02 6.15 -31.51
N THR D 110 -47.60 5.08 -30.99
CA THR D 110 -48.41 5.11 -29.78
C THR D 110 -47.65 4.39 -28.68
N PHE D 111 -47.23 5.15 -27.67
CA PHE D 111 -46.48 4.62 -26.54
C PHE D 111 -47.38 4.61 -25.31
N ARG D 112 -47.88 3.43 -24.97
CA ARG D 112 -48.80 3.25 -23.85
C ARG D 112 -48.06 2.61 -22.69
N LEU D 113 -47.96 3.32 -21.58
CA LEU D 113 -47.26 2.84 -20.40
C LEU D 113 -48.18 2.88 -19.20
N PRO D 114 -48.10 1.90 -18.31
CA PRO D 114 -48.95 1.93 -17.12
C PRO D 114 -48.48 3.00 -16.16
N LEU D 115 -49.35 3.33 -15.24
CA LEU D 115 -49.09 4.36 -14.26
C LEU D 115 -49.08 3.75 -12.89
N ILE D 116 -48.34 4.39 -11.99
CA ILE D 116 -48.25 3.91 -10.62
C ILE D 116 -48.75 5.02 -9.71
N ASP D 117 -48.74 4.74 -8.41
CA ASP D 117 -49.21 5.69 -7.40
C ASP D 117 -48.01 6.29 -6.72
N VAL D 118 -47.89 7.60 -6.79
CA VAL D 118 -46.81 8.31 -6.14
C VAL D 118 -47.43 9.27 -5.15
N GLU D 119 -46.90 9.28 -3.93
CA GLU D 119 -47.40 10.10 -2.83
C GLU D 119 -46.42 11.25 -2.64
N GLU D 120 -46.72 12.40 -3.24
CA GLU D 120 -45.89 13.60 -3.11
C GLU D 120 -46.72 14.68 -2.43
N LEU D 121 -46.48 14.89 -1.13
CA LEU D 121 -47.24 15.89 -0.40
C LEU D 121 -46.82 17.27 -0.83
N GLU D 122 -47.80 18.16 -0.95
CA GLU D 122 -47.54 19.53 -1.36
C GLU D 122 -47.13 20.30 -0.12
N LEU D 123 -45.86 20.18 0.22
CA LEU D 123 -45.35 20.91 1.36
C LEU D 123 -45.26 22.40 1.04
N GLU D 124 -45.48 23.22 2.05
CA GLU D 124 -45.45 24.66 1.91
C GLU D 124 -44.08 25.16 2.31
N LEU D 125 -43.37 25.76 1.36
CA LEU D 125 -42.04 26.30 1.60
C LEU D 125 -42.09 27.53 2.50
N PRO D 126 -41.06 27.72 3.34
CA PRO D 126 -41.02 28.91 4.21
C PRO D 126 -40.80 30.18 3.40
N GLU D 127 -41.70 31.15 3.60
CA GLU D 127 -41.64 32.41 2.87
C GLU D 127 -40.55 33.30 3.48
N LEU D 128 -39.31 32.88 3.27
CA LEU D 128 -38.19 33.64 3.77
C LEU D 128 -37.84 34.75 2.80
N PRO D 129 -37.38 35.89 3.30
CA PRO D 129 -37.03 36.99 2.41
C PRO D 129 -35.79 36.69 1.59
N PHE D 130 -35.81 37.14 0.36
CA PHE D 130 -34.68 36.95 -0.52
C PHE D 130 -34.20 38.33 -0.91
N THR D 131 -32.98 38.68 -0.49
CA THR D 131 -32.45 40.00 -0.74
C THR D 131 -31.55 40.07 -1.95
N ALA D 132 -31.19 38.92 -2.54
CA ALA D 132 -30.31 38.84 -3.69
C ALA D 132 -31.03 38.18 -4.86
N LYS D 133 -30.91 38.79 -6.04
CA LYS D 133 -31.47 38.26 -7.28
C LYS D 133 -30.45 38.49 -8.39
N VAL D 134 -29.92 37.41 -8.94
CA VAL D 134 -28.96 37.50 -10.03
C VAL D 134 -29.46 36.59 -11.13
N VAL D 135 -29.33 37.05 -12.36
CA VAL D 135 -29.77 36.26 -13.49
C VAL D 135 -28.52 35.86 -14.24
N LEU D 136 -28.36 34.56 -14.38
CA LEU D 136 -27.19 34.01 -15.04
C LEU D 136 -27.63 32.82 -15.87
N LEU D 137 -26.82 32.52 -16.87
CA LEU D 137 -27.09 31.44 -17.79
C LEU D 137 -26.58 30.10 -17.26
N GLY D 138 -26.92 29.04 -18.01
CA GLY D 138 -26.52 27.70 -17.63
C GLY D 138 -25.04 27.45 -17.74
N GLU D 139 -24.35 28.24 -18.55
CA GLU D 139 -22.89 28.08 -18.68
C GLU D 139 -22.18 28.44 -17.40
N VAL D 140 -22.72 29.41 -16.66
CA VAL D 140 -22.15 29.79 -15.38
C VAL D 140 -22.29 28.66 -14.38
N LEU D 141 -23.41 27.94 -14.45
CA LEU D 141 -23.62 26.80 -13.58
C LEU D 141 -22.75 25.64 -14.00
N LYS D 142 -22.57 25.49 -15.31
CA LYS D 142 -21.74 24.42 -15.83
C LYS D 142 -20.28 24.61 -15.43
N GLU D 143 -19.78 25.81 -15.62
CA GLU D 143 -18.37 26.08 -15.32
C GLU D 143 -18.15 26.17 -13.82
N GLY D 144 -19.02 26.91 -13.13
CA GLY D 144 -18.85 27.10 -11.71
C GLY D 144 -19.10 25.84 -10.91
N ILE D 145 -20.15 25.10 -11.25
CA ILE D 145 -20.45 23.88 -10.51
C ILE D 145 -19.54 22.76 -10.94
N LYS D 146 -19.23 22.67 -12.24
CA LYS D 146 -18.35 21.61 -12.73
C LYS D 146 -16.91 21.78 -12.24
N ASP D 147 -16.45 23.02 -12.17
CA ASP D 147 -15.11 23.27 -11.65
C ASP D 147 -15.09 23.21 -10.13
N ALA D 148 -16.16 23.69 -9.48
CA ALA D 148 -16.23 23.68 -8.01
C ALA D 148 -16.45 22.28 -7.47
N SER D 149 -16.90 21.35 -8.29
CA SER D 149 -17.15 20.00 -7.86
C SER D 149 -15.85 19.23 -7.67
N LEU D 150 -14.79 19.68 -8.31
CA LEU D 150 -13.51 18.98 -8.26
C LEU D 150 -12.59 19.49 -7.15
N VAL D 151 -12.97 20.53 -6.41
CA VAL D 151 -12.16 21.08 -5.34
C VAL D 151 -12.79 20.86 -3.97
N SER D 152 -14.12 20.94 -3.89
CA SER D 152 -14.84 20.77 -2.63
C SER D 152 -16.30 20.44 -2.91
N ASP D 153 -17.01 20.12 -1.83
CA ASP D 153 -18.43 19.81 -1.90
C ASP D 153 -19.25 20.84 -1.13
N ALA D 154 -18.68 22.02 -0.93
CA ALA D 154 -19.36 23.09 -0.22
C ALA D 154 -18.88 24.40 -0.81
N ILE D 155 -19.79 25.08 -1.47
CA ILE D 155 -19.47 26.31 -2.12
C ILE D 155 -19.97 27.44 -1.24
N LYS D 156 -19.39 28.61 -1.42
CA LYS D 156 -19.74 29.79 -0.66
C LYS D 156 -20.12 30.90 -1.64
N PHE D 157 -21.36 31.35 -1.54
CA PHE D 157 -21.88 32.38 -2.42
C PHE D 157 -21.85 33.73 -1.76
N ILE D 158 -21.36 34.71 -2.48
CA ILE D 158 -21.33 36.08 -2.01
C ILE D 158 -21.97 36.93 -3.09
N ALA D 159 -23.03 37.63 -2.74
CA ALA D 159 -23.76 38.45 -3.69
C ALA D 159 -23.76 39.87 -3.16
N LYS D 160 -23.28 40.80 -3.97
CA LYS D 160 -23.25 42.20 -3.63
C LYS D 160 -23.72 42.97 -4.86
N GLU D 161 -23.97 44.25 -4.64
CA GLU D 161 -24.47 45.15 -5.68
C GLU D 161 -23.51 45.18 -6.85
N ASN D 162 -23.98 44.68 -7.99
CA ASN D 162 -23.21 44.58 -9.23
C ASN D 162 -21.93 43.77 -9.01
N GLU D 163 -22.03 42.71 -8.22
CA GLU D 163 -20.88 41.86 -7.98
C GLU D 163 -21.39 40.51 -7.54
N PHE D 164 -21.18 39.51 -8.36
CA PHE D 164 -21.59 38.16 -8.03
C PHE D 164 -20.30 37.33 -7.92
N THR D 165 -19.94 36.94 -6.70
CA THR D 165 -18.69 36.25 -6.44
C THR D 165 -19.01 34.87 -5.91
N MET D 166 -18.33 33.86 -6.44
CA MET D 166 -18.49 32.49 -6.01
C MET D 166 -17.15 31.93 -5.60
N LYS D 167 -17.06 31.48 -4.36
CA LYS D 167 -15.81 30.94 -3.85
C LYS D 167 -16.01 29.47 -3.54
N ALA D 168 -15.03 28.67 -3.91
CA ALA D 168 -15.03 27.26 -3.63
C ALA D 168 -13.75 27.00 -2.88
N GLU D 169 -13.90 26.74 -1.60
CA GLU D 169 -12.76 26.55 -0.73
C GLU D 169 -12.57 25.07 -0.48
N GLY D 170 -11.35 24.60 -0.66
CA GLY D 170 -11.02 23.19 -0.44
C GLY D 170 -9.84 23.06 0.49
N GLU D 171 -8.97 22.09 0.19
CA GLU D 171 -7.81 21.88 1.03
C GLU D 171 -6.78 22.98 0.82
N THR D 172 -6.28 23.09 -0.41
CA THR D 172 -5.29 24.11 -0.74
C THR D 172 -5.67 24.83 -2.02
N ASN D 173 -6.91 24.69 -2.44
CA ASN D 173 -7.33 25.30 -3.67
C ASN D 173 -8.65 25.99 -3.43
N GLU D 174 -8.72 27.23 -3.88
CA GLU D 174 -9.92 28.02 -3.78
C GLU D 174 -10.23 28.63 -5.13
N VAL D 175 -11.50 28.81 -5.39
CA VAL D 175 -11.98 29.31 -6.66
C VAL D 175 -12.77 30.57 -6.43
N GLU D 176 -12.54 31.56 -7.28
CA GLU D 176 -13.22 32.84 -7.20
C GLU D 176 -13.70 33.21 -8.58
N ILE D 177 -15.00 33.20 -8.75
CA ILE D 177 -15.63 33.56 -9.99
C ILE D 177 -16.28 34.90 -9.78
N ARG D 178 -15.98 35.85 -10.65
CA ARG D 178 -16.52 37.18 -10.54
C ARG D 178 -17.46 37.44 -11.72
N LEU D 179 -18.57 38.11 -11.43
CA LEU D 179 -19.55 38.46 -12.46
C LEU D 179 -20.07 39.87 -12.22
N THR D 180 -20.06 40.67 -13.28
CA THR D 180 -20.55 42.04 -13.25
C THR D 180 -21.51 42.25 -14.41
N LEU D 181 -22.04 43.47 -14.51
CA LEU D 181 -22.96 43.79 -15.58
C LEU D 181 -22.26 43.85 -16.92
N GLU D 182 -20.94 44.03 -16.91
CA GLU D 182 -20.19 44.09 -18.16
C GLU D 182 -20.17 42.74 -18.83
N ASP D 183 -20.34 41.68 -18.05
CA ASP D 183 -20.35 40.36 -18.61
C ASP D 183 -21.70 40.16 -19.27
N GLU D 184 -21.68 39.47 -20.40
CA GLU D 184 -22.90 39.20 -21.13
C GLU D 184 -23.72 38.10 -20.48
N GLY D 185 -23.10 37.25 -19.66
CA GLY D 185 -23.82 36.17 -19.00
C GLY D 185 -24.61 36.61 -17.79
N LEU D 186 -24.30 37.77 -17.26
CA LEU D 186 -25.01 38.25 -16.10
C LEU D 186 -25.98 39.31 -16.55
N LEU D 187 -27.00 39.49 -15.76
CA LEU D 187 -28.03 40.45 -16.01
C LEU D 187 -28.06 41.33 -14.78
N ASP D 188 -29.09 42.16 -14.69
CA ASP D 188 -29.25 43.08 -13.57
C ASP D 188 -29.33 42.32 -12.25
N LEU D 189 -28.78 42.96 -11.22
CA LEU D 189 -28.71 42.38 -9.89
C LEU D 189 -29.65 43.14 -8.99
N GLU D 190 -30.39 42.41 -8.16
CA GLU D 190 -31.24 43.01 -7.15
C GLU D 190 -30.67 42.53 -5.83
N VAL D 191 -29.69 43.27 -5.32
CA VAL D 191 -29.02 42.90 -4.10
C VAL D 191 -29.23 44.05 -3.13
N GLU D 192 -29.78 43.73 -1.96
CA GLU D 192 -30.03 44.71 -0.93
C GLU D 192 -29.12 44.55 0.26
N GLU D 193 -28.37 43.46 0.33
CA GLU D 193 -27.49 43.21 1.46
C GLU D 193 -26.43 42.23 1.00
N GLU D 194 -25.23 42.33 1.58
CA GLU D 194 -24.14 41.43 1.26
C GLU D 194 -24.52 40.01 1.64
N THR D 195 -24.51 39.12 0.67
CA THR D 195 -24.96 37.76 0.86
C THR D 195 -23.78 36.83 0.91
N LYS D 196 -23.76 35.99 1.94
CA LYS D 196 -22.74 34.97 2.09
C LYS D 196 -23.44 33.71 2.58
N SER D 197 -23.37 32.65 1.79
CA SER D 197 -24.04 31.42 2.16
C SER D 197 -23.14 30.27 1.73
N ALA D 198 -23.57 29.04 2.03
CA ALA D 198 -22.80 27.87 1.67
C ALA D 198 -23.77 26.78 1.28
N TYR D 199 -23.58 26.26 0.08
CA TYR D 199 -24.47 25.24 -0.46
C TYR D 199 -23.67 23.98 -0.74
N GLY D 200 -24.38 22.86 -0.85
CA GLY D 200 -23.75 21.59 -1.13
C GLY D 200 -23.62 21.38 -2.62
N ILE D 201 -22.42 20.98 -3.05
CA ILE D 201 -22.18 20.77 -4.49
C ILE D 201 -22.91 19.53 -4.99
N ARG D 202 -23.03 18.51 -4.13
CA ARG D 202 -23.70 17.28 -4.52
C ARG D 202 -25.16 17.51 -4.85
N TYR D 203 -25.82 18.43 -4.16
CA TYR D 203 -27.20 18.75 -4.43
C TYR D 203 -27.35 19.80 -5.51
N LEU D 204 -26.24 20.30 -6.03
CA LEU D 204 -26.27 21.29 -7.08
C LEU D 204 -25.83 20.76 -8.42
N SER D 205 -24.91 19.81 -8.42
CA SER D 205 -24.41 19.28 -9.66
C SER D 205 -25.36 18.29 -10.31
N ASP D 206 -26.43 17.89 -9.60
CA ASP D 206 -27.36 16.93 -10.16
C ASP D 206 -28.19 17.55 -11.27
N MET D 207 -28.65 18.77 -11.06
CA MET D 207 -29.47 19.43 -12.06
C MET D 207 -28.65 19.96 -13.23
N VAL D 208 -27.34 20.16 -13.06
CA VAL D 208 -26.49 20.71 -14.10
C VAL D 208 -26.42 19.76 -15.30
N LYS D 209 -26.65 18.46 -15.06
CA LYS D 209 -26.60 17.46 -16.13
C LYS D 209 -27.65 17.72 -17.19
N GLY D 210 -28.75 18.39 -16.83
CA GLY D 210 -29.81 18.63 -17.77
C GLY D 210 -30.11 20.10 -17.98
N ILE D 211 -29.13 20.97 -17.74
CA ILE D 211 -29.28 22.40 -17.96
C ILE D 211 -28.38 22.76 -19.14
N GLY D 212 -28.93 23.50 -20.09
CA GLY D 212 -28.19 23.93 -21.27
C GLY D 212 -27.24 25.07 -20.98
N LYS D 213 -27.08 25.92 -21.98
CA LYS D 213 -26.18 27.05 -21.86
C LYS D 213 -26.95 28.35 -21.94
N ALA D 214 -27.85 28.47 -22.91
CA ALA D 214 -28.64 29.69 -23.10
C ALA D 214 -29.97 29.57 -22.35
N ASP D 215 -29.88 29.54 -21.03
CA ASP D 215 -31.06 29.43 -20.16
C ASP D 215 -30.94 30.52 -19.13
N GLU D 216 -31.79 31.53 -19.24
CA GLU D 216 -31.79 32.61 -18.27
C GLU D 216 -32.35 32.08 -16.97
N VAL D 217 -31.49 31.97 -15.97
CA VAL D 217 -31.86 31.43 -14.68
C VAL D 217 -31.85 32.59 -13.70
N ILE D 218 -32.91 32.70 -12.92
CA ILE D 218 -33.08 33.72 -11.92
C ILE D 218 -32.81 33.10 -10.56
N LEU D 219 -32.00 33.78 -9.76
CA LEU D 219 -31.63 33.28 -8.45
C LEU D 219 -31.97 34.33 -7.41
N ARG D 220 -32.65 33.90 -6.36
CA ARG D 220 -33.00 34.76 -5.23
C ARG D 220 -32.59 34.04 -3.96
N PHE D 221 -31.72 34.66 -3.19
CA PHE D 221 -31.25 34.06 -1.96
C PHE D 221 -30.64 35.19 -1.15
N GLY D 222 -30.49 34.94 0.13
CA GLY D 222 -29.92 35.94 0.98
C GLY D 222 -29.05 35.26 1.99
N ASN D 223 -28.72 35.98 3.06
CA ASN D 223 -27.89 35.41 4.09
C ASN D 223 -28.72 34.39 4.85
N GLU D 224 -28.22 33.13 4.87
CA GLU D 224 -28.89 31.99 5.51
C GLU D 224 -30.29 31.80 4.95
N MET D 225 -30.43 32.05 3.67
CA MET D 225 -31.71 31.92 3.06
C MET D 225 -31.60 30.79 2.06
N PRO D 226 -32.70 30.10 1.79
CA PRO D 226 -32.65 29.01 0.82
C PRO D 226 -32.38 29.54 -0.57
N LEU D 227 -31.89 28.64 -1.40
CA LEU D 227 -31.55 29.02 -2.76
C LEU D 227 -32.82 29.00 -3.59
N GLN D 228 -33.18 30.16 -4.13
CA GLN D 228 -34.35 30.30 -4.98
C GLN D 228 -33.86 30.26 -6.42
N MET D 229 -33.68 29.04 -6.93
CA MET D 229 -33.15 28.82 -8.27
C MET D 229 -34.31 28.49 -9.19
N GLU D 230 -34.84 29.51 -9.82
CA GLU D 230 -35.97 29.34 -10.71
C GLU D 230 -35.54 29.70 -12.13
N TYR D 231 -36.28 29.15 -13.09
CA TYR D 231 -36.09 29.54 -14.48
C TYR D 231 -37.35 29.16 -15.22
N MET D 232 -37.74 30.00 -16.18
CA MET D 232 -38.98 29.84 -16.91
C MET D 232 -38.81 28.82 -18.03
N ILE D 233 -39.94 28.35 -18.53
CA ILE D 233 -39.97 27.40 -19.64
C ILE D 233 -40.90 28.02 -20.68
N ARG D 234 -40.33 28.37 -21.83
CA ARG D 234 -41.01 29.02 -22.96
C ARG D 234 -41.65 30.33 -22.53
N ASP D 235 -41.05 31.00 -21.52
CA ASP D 235 -41.44 32.30 -20.98
C ASP D 235 -42.82 32.29 -20.32
N GLU D 236 -43.46 31.13 -20.21
CA GLU D 236 -44.77 30.94 -19.59
C GLU D 236 -44.70 30.02 -18.39
N GLY D 237 -44.14 28.84 -18.59
CA GLY D 237 -43.95 27.93 -17.48
C GLY D 237 -42.85 28.44 -16.59
N ARG D 238 -42.75 27.81 -15.43
CA ARG D 238 -41.78 28.25 -14.46
C ARG D 238 -41.40 27.05 -13.61
N LEU D 239 -40.10 26.82 -13.48
CA LEU D 239 -39.60 25.74 -12.64
C LEU D 239 -38.86 26.34 -11.46
N THR D 240 -39.12 25.77 -10.28
CA THR D 240 -38.62 26.28 -9.02
C THR D 240 -37.80 25.22 -8.31
N PHE D 241 -36.57 25.57 -7.97
CA PHE D 241 -35.70 24.76 -7.14
C PHE D 241 -35.44 25.51 -5.85
N LEU D 242 -35.81 24.89 -4.73
CA LEU D 242 -35.66 25.51 -3.42
C LEU D 242 -34.91 24.53 -2.52
N LEU D 243 -33.60 24.71 -2.42
CA LEU D 243 -32.77 23.88 -1.56
C LEU D 243 -32.30 24.71 -0.36
N ALA D 244 -32.03 24.02 0.72
CA ALA D 244 -31.62 24.66 1.97
C ALA D 244 -30.10 24.72 2.06
N PRO D 245 -29.54 25.78 2.62
CA PRO D 245 -28.09 25.84 2.74
C PRO D 245 -27.61 24.87 3.78
N ARG D 246 -26.42 24.38 3.55
CA ARG D 246 -25.82 23.42 4.47
C ARG D 246 -24.64 24.17 5.08
N VAL D 247 -24.94 24.83 6.19
CA VAL D 247 -23.97 25.62 6.92
C VAL D 247 -23.89 25.09 8.34
N GLU D 248 -22.78 25.39 9.02
CA GLU D 248 -22.54 24.96 10.39
C GLU D 248 -23.04 26.00 11.40
N GLU D 249 -23.52 25.54 12.56
CA GLU D 249 -24.02 26.43 13.62
C GLU D 249 -23.44 26.05 14.99
N MET E 1 10.88 37.92 -9.14
CA MET E 1 9.97 36.78 -9.10
C MET E 1 8.48 37.05 -9.47
N PRO E 2 7.82 38.11 -8.96
CA PRO E 2 6.45 38.38 -9.42
C PRO E 2 6.44 38.75 -10.89
N PHE E 3 5.41 38.27 -11.60
CA PHE E 3 5.28 38.55 -13.01
C PHE E 3 3.82 38.34 -13.38
N GLU E 4 3.44 38.95 -14.48
CA GLU E 4 2.10 38.80 -14.97
C GLU E 4 2.19 38.76 -16.47
N VAL E 5 1.34 37.94 -17.06
CA VAL E 5 1.34 37.76 -18.50
C VAL E 5 -0.09 37.45 -18.88
N VAL E 6 -0.53 38.06 -19.96
CA VAL E 6 -1.89 37.90 -20.43
C VAL E 6 -1.82 37.35 -21.83
N PHE E 7 -2.34 36.15 -22.00
CA PHE E 7 -2.39 35.52 -23.29
C PHE E 7 -3.86 35.36 -23.66
N ASP E 8 -4.17 35.72 -24.89
CA ASP E 8 -5.53 35.64 -25.38
C ASP E 8 -5.83 34.25 -25.88
N GLY E 9 -6.98 33.74 -25.48
CA GLY E 9 -7.28 32.38 -25.86
C GLY E 9 -6.88 31.41 -24.78
N ALA E 10 -7.65 30.34 -24.69
CA ALA E 10 -7.39 29.37 -23.63
C ALA E 10 -7.29 27.98 -24.21
N LYS E 11 -8.00 27.74 -25.31
CA LYS E 11 -8.02 26.40 -25.90
C LYS E 11 -6.73 26.08 -26.63
N GLU E 12 -6.13 27.07 -27.33
CA GLU E 12 -4.88 26.85 -28.06
C GLU E 12 -3.76 26.45 -27.13
N PHE E 13 -3.71 27.06 -25.97
CA PHE E 13 -2.73 26.65 -25.00
C PHE E 13 -3.13 25.35 -24.31
N ALA E 14 -4.44 25.09 -24.19
CA ALA E 14 -4.90 23.83 -23.62
C ALA E 14 -4.53 22.64 -24.46
N ASP E 15 -4.30 22.84 -25.76
CA ASP E 15 -3.79 21.76 -26.60
C ASP E 15 -2.33 21.47 -26.27
N LEU E 16 -1.57 22.52 -25.95
CA LEU E 16 -0.18 22.33 -25.54
C LEU E 16 -0.12 21.64 -24.19
N ILE E 17 -0.99 22.03 -23.26
CA ILE E 17 -1.05 21.38 -21.95
C ILE E 17 -1.55 19.96 -22.10
N ALA E 18 -2.43 19.73 -23.07
CA ALA E 18 -2.92 18.38 -23.28
C ALA E 18 -1.83 17.49 -23.86
N THR E 19 -1.10 17.99 -24.87
CA THR E 19 -0.01 17.24 -25.46
C THR E 19 1.11 16.99 -24.44
N ALA E 20 1.45 18.01 -23.65
CA ALA E 20 2.46 17.87 -22.62
C ALA E 20 2.04 16.90 -21.53
N SER E 21 0.79 17.00 -21.07
CA SER E 21 0.29 16.10 -20.04
C SER E 21 0.22 14.66 -20.53
N ASN E 22 -0.07 14.47 -21.81
CA ASN E 22 -0.05 13.13 -22.38
C ASN E 22 1.36 12.64 -22.73
N LEU E 23 2.35 13.53 -22.76
CA LEU E 23 3.72 13.15 -23.06
C LEU E 23 4.66 13.28 -21.87
N ILE E 24 4.29 14.06 -20.86
CA ILE E 24 5.10 14.17 -19.66
C ILE E 24 4.11 14.24 -18.51
N ASP E 25 4.58 13.90 -17.34
CA ASP E 25 3.74 13.89 -16.17
C ASP E 25 4.16 14.93 -15.14
N GLU E 26 5.44 15.25 -15.08
CA GLU E 26 5.96 16.23 -14.15
C GLU E 26 6.91 17.15 -14.88
N ALA E 27 6.53 18.42 -14.95
CA ALA E 27 7.37 19.40 -15.62
C ALA E 27 7.23 20.71 -14.87
N ALA E 28 8.24 21.56 -15.04
CA ALA E 28 8.28 22.86 -14.40
C ALA E 28 8.60 23.86 -15.49
N PHE E 29 7.60 24.62 -15.89
CA PHE E 29 7.78 25.62 -16.93
C PHE E 29 8.70 26.70 -16.42
N LYS E 30 9.85 26.83 -17.07
CA LYS E 30 10.78 27.90 -16.72
C LYS E 30 10.42 29.17 -17.48
N PHE E 31 10.49 30.29 -16.76
CA PHE E 31 10.03 31.58 -17.24
C PHE E 31 11.21 32.50 -17.43
N THR E 32 11.43 32.91 -18.67
CA THR E 32 12.51 33.82 -19.00
C THR E 32 11.90 35.02 -19.69
N GLU E 33 12.69 36.09 -19.75
CA GLU E 33 12.23 37.33 -20.38
C GLU E 33 11.94 37.13 -21.86
N GLU E 34 12.57 36.13 -22.50
CA GLU E 34 12.24 35.85 -23.90
C GLU E 34 10.91 35.14 -24.02
N GLY E 35 10.50 34.39 -23.00
CA GLY E 35 9.24 33.68 -23.05
C GLY E 35 9.27 32.50 -22.09
N ILE E 36 8.26 31.66 -22.24
CA ILE E 36 8.10 30.46 -21.42
C ILE E 36 8.67 29.28 -22.18
N SER E 37 9.57 28.54 -21.53
CA SER E 37 10.19 27.38 -22.14
C SER E 37 10.20 26.24 -21.12
N MET E 38 10.48 25.04 -21.60
CA MET E 38 10.56 23.87 -20.73
C MET E 38 11.32 22.76 -21.46
N ARG E 39 12.48 22.36 -20.92
CA ARG E 39 13.27 21.27 -21.49
C ARG E 39 13.32 20.14 -20.48
N ALA E 40 12.53 19.10 -20.74
CA ALA E 40 12.41 17.98 -19.82
C ALA E 40 12.19 16.71 -20.62
N MET E 41 12.14 15.59 -19.91
CA MET E 41 11.95 14.26 -20.48
C MET E 41 10.89 13.55 -19.66
N ASP E 42 10.13 12.67 -20.32
CA ASP E 42 9.14 11.90 -19.59
C ASP E 42 9.84 10.99 -18.60
N PRO E 43 9.29 10.82 -17.39
CA PRO E 43 9.97 9.99 -16.38
C PRO E 43 9.94 8.50 -16.67
N SER E 44 9.42 8.10 -17.80
CA SER E 44 9.43 6.71 -18.21
C SER E 44 10.35 6.53 -19.40
N ARG E 45 11.06 7.59 -19.78
CA ARG E 45 12.06 7.58 -20.85
C ARG E 45 11.44 7.13 -22.17
N VAL E 46 10.44 7.88 -22.61
CA VAL E 46 9.73 7.58 -23.84
C VAL E 46 9.87 8.71 -24.86
N VAL E 47 9.78 9.96 -24.42
CA VAL E 47 9.88 11.11 -25.31
C VAL E 47 10.70 12.16 -24.58
N LEU E 48 11.03 13.22 -25.30
CA LEU E 48 11.78 14.35 -24.78
C LEU E 48 11.08 15.61 -25.24
N ILE E 49 10.64 16.41 -24.29
CA ILE E 49 9.79 17.57 -24.56
C ILE E 49 10.62 18.85 -24.41
N ASP E 50 10.44 19.76 -25.37
CA ASP E 50 11.14 21.05 -25.40
C ASP E 50 10.12 22.06 -25.93
N LEU E 51 9.54 22.82 -25.01
CA LEU E 51 8.57 23.85 -25.33
C LEU E 51 9.25 25.20 -25.37
N ASN E 52 9.06 25.92 -26.47
CA ASN E 52 9.63 27.23 -26.66
C ASN E 52 8.51 28.17 -27.07
N LEU E 53 8.11 29.06 -26.17
CA LEU E 53 7.05 30.02 -26.40
C LEU E 53 7.56 31.42 -26.18
N PRO E 54 7.83 32.18 -27.23
CA PRO E 54 8.32 33.55 -27.04
C PRO E 54 7.25 34.47 -26.47
N GLU E 55 7.64 35.70 -26.18
CA GLU E 55 6.73 36.69 -25.64
C GLU E 55 5.78 37.24 -26.68
N SER E 56 6.06 36.99 -27.97
CA SER E 56 5.23 37.47 -29.06
C SER E 56 3.88 36.75 -29.10
N ILE E 57 3.80 35.56 -28.52
CA ILE E 57 2.53 34.84 -28.50
C ILE E 57 1.61 35.49 -27.47
N PHE E 58 2.18 36.02 -26.41
CA PHE E 58 1.43 36.59 -25.31
C PHE E 58 1.06 38.02 -25.61
N SER E 59 -0.17 38.38 -25.25
CA SER E 59 -0.63 39.73 -25.49
C SER E 59 0.10 40.68 -24.58
N LYS E 60 -0.05 40.49 -23.27
CA LYS E 60 0.63 41.27 -22.28
C LYS E 60 1.70 40.41 -21.66
N TYR E 61 2.84 41.01 -21.40
CA TYR E 61 4.01 40.27 -20.94
C TYR E 61 4.77 41.21 -20.01
N GLU E 62 4.71 40.94 -18.72
CA GLU E 62 5.36 41.80 -17.72
C GLU E 62 6.19 40.96 -16.77
N VAL E 63 7.50 41.21 -16.77
CA VAL E 63 8.45 40.46 -15.96
C VAL E 63 9.21 41.44 -15.09
N GLU E 64 9.52 41.01 -13.87
CA GLU E 64 10.34 41.77 -12.95
C GLU E 64 11.70 41.11 -12.80
N GLU E 65 11.69 39.81 -12.62
CA GLU E 65 12.88 39.10 -12.50
C GLU E 65 12.61 37.69 -12.99
N PRO E 66 13.41 37.17 -13.91
CA PRO E 66 13.17 35.82 -14.42
C PRO E 66 13.38 34.79 -13.32
N GLU E 67 12.51 33.79 -13.30
CA GLU E 67 12.58 32.72 -12.32
C GLU E 67 11.83 31.52 -12.88
N THR E 68 11.83 30.43 -12.13
CA THR E 68 11.24 29.18 -12.58
C THR E 68 10.21 28.69 -11.57
N ILE E 69 9.03 28.27 -12.05
CA ILE E 69 7.97 27.73 -11.21
C ILE E 69 7.53 26.38 -11.75
N GLY E 70 6.94 25.58 -10.87
CA GLY E 70 6.44 24.26 -11.20
C GLY E 70 4.93 24.27 -11.28
N ILE E 71 4.41 23.65 -12.34
CA ILE E 71 2.99 23.60 -12.62
C ILE E 71 2.57 22.15 -12.84
N ASN E 72 1.53 21.71 -12.14
CA ASN E 72 1.04 20.36 -12.32
C ASN E 72 0.30 20.28 -13.66
N MET E 73 0.48 19.18 -14.36
CA MET E 73 -0.16 19.06 -15.67
C MET E 73 -1.60 18.67 -15.52
N ASP E 74 -1.89 17.93 -14.47
CA ASP E 74 -3.24 17.42 -14.27
C ASP E 74 -4.17 18.51 -13.86
N GLN E 75 -3.79 19.25 -12.84
CA GLN E 75 -4.64 20.31 -12.32
C GLN E 75 -4.81 21.39 -13.36
N PHE E 76 -3.69 21.84 -13.90
CA PHE E 76 -3.72 22.86 -14.94
C PHE E 76 -4.37 22.37 -16.21
N LYS E 77 -4.30 21.08 -16.43
CA LYS E 77 -5.03 20.50 -17.55
C LYS E 77 -6.52 20.57 -17.33
N LYS E 78 -6.97 20.28 -16.10
CA LYS E 78 -8.39 20.36 -15.78
C LYS E 78 -8.92 21.78 -15.78
N ILE E 79 -8.05 22.76 -15.55
CA ILE E 79 -8.48 24.14 -15.59
C ILE E 79 -8.86 24.54 -17.01
N LEU E 80 -7.97 24.28 -17.95
CA LEU E 80 -8.21 24.64 -19.34
C LEU E 80 -8.94 23.58 -20.10
N LYS E 81 -9.57 22.66 -19.38
CA LYS E 81 -10.32 21.61 -20.03
C LYS E 81 -11.51 22.21 -20.73
N ARG E 82 -12.37 22.87 -19.96
CA ARG E 82 -13.54 23.51 -20.52
C ARG E 82 -13.30 24.98 -20.80
N GLY E 83 -12.06 25.45 -20.70
CA GLY E 83 -11.77 26.86 -20.93
C GLY E 83 -11.97 27.21 -22.40
N LYS E 84 -12.84 28.19 -22.66
CA LYS E 84 -13.12 28.62 -24.02
C LYS E 84 -11.99 29.47 -24.56
N ALA E 85 -11.73 29.34 -25.87
CA ALA E 85 -10.69 30.11 -26.51
C ALA E 85 -11.07 31.58 -26.63
N LYS E 86 -12.32 31.93 -26.35
CA LYS E 86 -12.79 33.29 -26.41
C LYS E 86 -12.63 33.99 -25.08
N ASP E 87 -11.89 33.39 -24.17
CA ASP E 87 -11.68 34.02 -22.89
C ASP E 87 -10.37 34.75 -22.95
N THR E 88 -9.96 35.25 -21.81
CA THR E 88 -8.72 35.99 -21.72
C THR E 88 -7.94 35.33 -20.62
N LEU E 89 -6.91 34.63 -21.03
CA LEU E 89 -6.05 33.94 -20.10
C LEU E 89 -5.13 34.94 -19.41
N ILE E 90 -5.09 34.90 -18.08
CA ILE E 90 -4.29 35.82 -17.30
C ILE E 90 -3.49 35.01 -16.28
N LEU E 91 -2.17 35.17 -16.30
CA LEU E 91 -1.28 34.53 -15.35
C LEU E 91 -0.63 35.58 -14.50
N ARG E 92 -0.82 35.47 -13.22
CA ARG E 92 -0.28 36.45 -12.33
C ARG E 92 0.36 35.75 -11.16
N LYS E 93 1.53 36.23 -10.78
CA LYS E 93 2.23 35.71 -9.63
C LYS E 93 2.83 36.91 -8.92
N GLY E 94 2.57 36.99 -7.62
CA GLY E 94 3.05 38.13 -6.87
C GLY E 94 4.17 37.77 -5.93
N ASP E 95 4.13 38.32 -4.73
CA ASP E 95 5.19 38.08 -3.74
C ASP E 95 5.16 36.63 -3.28
N GLU E 96 3.98 36.14 -2.91
CA GLU E 96 3.83 34.77 -2.45
C GLU E 96 3.93 33.80 -3.63
N ASN E 97 4.15 32.53 -3.30
CA ASN E 97 4.32 31.49 -4.31
C ASN E 97 2.99 30.90 -4.77
N PHE E 98 2.08 31.78 -5.18
CA PHE E 98 0.79 31.36 -5.68
C PHE E 98 0.64 31.80 -7.12
N LEU E 99 -0.22 31.07 -7.81
CA LEU E 99 -0.49 31.33 -9.20
C LEU E 99 -1.93 31.79 -9.30
N GLU E 100 -2.14 32.90 -9.97
CA GLU E 100 -3.46 33.48 -10.13
C GLU E 100 -3.83 33.41 -11.60
N ILE E 101 -4.86 32.63 -11.88
CA ILE E 101 -5.31 32.47 -13.24
C ILE E 101 -6.65 33.13 -13.44
N THR E 102 -6.61 34.35 -13.90
CA THR E 102 -7.83 35.11 -14.09
C THR E 102 -8.34 34.95 -15.50
N PHE E 103 -9.62 34.66 -15.63
CA PHE E 103 -10.28 34.55 -16.91
C PHE E 103 -11.21 35.71 -17.07
N GLU E 104 -11.02 36.43 -18.16
CA GLU E 104 -11.82 37.58 -18.45
C GLU E 104 -12.54 37.23 -19.74
N GLY E 105 -13.67 36.57 -19.60
CA GLY E 105 -14.46 36.21 -20.73
C GLY E 105 -15.92 36.46 -20.40
N THR E 106 -16.76 35.45 -20.56
CA THR E 106 -18.15 35.57 -20.15
C THR E 106 -18.32 35.62 -18.63
N ALA E 107 -17.29 35.25 -17.87
CA ALA E 107 -17.32 35.31 -16.41
C ALA E 107 -15.89 35.37 -15.91
N LYS E 108 -15.56 36.43 -15.19
CA LYS E 108 -14.22 36.60 -14.65
C LYS E 108 -13.99 35.54 -13.60
N ARG E 109 -12.94 34.76 -13.79
CA ARG E 109 -12.64 33.66 -12.90
C ARG E 109 -11.22 33.84 -12.46
N THR E 110 -11.05 34.42 -11.29
CA THR E 110 -9.73 34.62 -10.74
C THR E 110 -9.39 33.38 -9.95
N PHE E 111 -8.34 32.73 -10.36
CA PHE E 111 -7.95 31.46 -9.77
C PHE E 111 -6.68 31.57 -8.96
N ARG E 112 -6.49 30.59 -8.08
CA ARG E 112 -5.32 30.52 -7.23
C ARG E 112 -4.89 29.08 -6.94
N LEU E 113 -3.63 28.80 -7.22
CA LEU E 113 -3.09 27.49 -6.98
C LEU E 113 -1.67 27.59 -6.45
N PRO E 114 -1.30 26.72 -5.55
CA PRO E 114 0.07 26.73 -5.04
C PRO E 114 1.01 26.20 -6.13
N LEU E 115 2.27 26.54 -5.98
CA LEU E 115 3.30 26.14 -6.94
C LEU E 115 4.33 25.34 -6.17
N ILE E 116 4.44 24.05 -6.50
CA ILE E 116 5.36 23.18 -5.79
C ILE E 116 6.80 23.43 -6.24
N ASP E 117 7.75 22.97 -5.43
CA ASP E 117 9.18 23.13 -5.69
C ASP E 117 9.69 21.93 -6.49
N VAL E 118 9.62 22.06 -7.79
CA VAL E 118 10.10 20.99 -8.67
C VAL E 118 11.62 21.09 -8.72
N GLU E 119 12.28 19.93 -8.68
CA GLU E 119 13.73 19.87 -8.72
C GLU E 119 14.22 19.46 -10.11
N GLU E 120 13.54 19.96 -11.16
CA GLU E 120 13.89 19.64 -12.54
C GLU E 120 15.29 20.10 -12.92
N LEU E 121 16.12 19.15 -13.37
CA LEU E 121 17.47 19.47 -13.80
C LEU E 121 17.41 20.03 -15.20
N GLU E 122 17.84 21.28 -15.34
CA GLU E 122 17.82 21.92 -16.63
C GLU E 122 18.84 21.24 -17.51
N LEU E 123 18.35 20.51 -18.49
CA LEU E 123 19.22 19.80 -19.39
C LEU E 123 18.97 20.33 -20.78
N GLU E 124 20.04 20.46 -21.53
CA GLU E 124 19.98 20.97 -22.87
C GLU E 124 20.04 19.80 -23.83
N LEU E 125 20.03 20.13 -25.11
CA LEU E 125 20.09 19.14 -26.17
C LEU E 125 21.23 19.53 -27.10
N PRO E 126 22.14 18.60 -27.45
CA PRO E 126 23.22 18.94 -28.38
C PRO E 126 22.75 19.13 -29.82
N GLU E 127 23.66 19.52 -30.72
CA GLU E 127 23.31 19.78 -32.12
C GLU E 127 24.17 18.93 -33.04
N LEU E 128 23.54 18.34 -34.05
CA LEU E 128 24.22 17.53 -35.04
C LEU E 128 23.30 17.36 -36.25
N PRO E 129 23.85 17.23 -37.44
CA PRO E 129 23.00 17.15 -38.63
C PRO E 129 22.28 15.81 -38.72
N PHE E 130 21.04 15.87 -39.15
CA PHE E 130 20.20 14.69 -39.33
C PHE E 130 20.07 14.24 -40.78
N THR E 131 20.19 15.16 -41.75
CA THR E 131 20.15 14.96 -43.21
C THR E 131 18.76 14.53 -43.70
N ALA E 132 17.78 14.48 -42.82
CA ALA E 132 16.41 14.11 -43.16
C ALA E 132 15.45 15.03 -42.44
N LYS E 133 15.00 16.07 -43.13
CA LYS E 133 14.07 17.05 -42.60
C LYS E 133 12.87 17.13 -43.53
N VAL E 134 11.69 16.83 -43.01
CA VAL E 134 10.51 16.84 -43.85
C VAL E 134 9.50 17.80 -43.25
N VAL E 135 8.66 18.35 -44.13
CA VAL E 135 7.63 19.29 -43.74
C VAL E 135 6.33 18.70 -44.25
N LEU E 136 5.52 18.21 -43.33
CA LEU E 136 4.28 17.55 -43.65
C LEU E 136 3.18 18.19 -42.81
N LEU E 137 1.93 17.93 -43.15
CA LEU E 137 0.81 18.50 -42.40
C LEU E 137 0.62 17.74 -41.10
N GLY E 138 -0.48 18.00 -40.41
CA GLY E 138 -0.73 17.32 -39.16
C GLY E 138 -1.80 16.26 -39.27
N GLU E 139 -2.80 16.52 -40.09
CA GLU E 139 -3.91 15.57 -40.26
C GLU E 139 -3.44 14.28 -40.93
N VAL E 140 -2.54 14.40 -41.90
CA VAL E 140 -1.98 13.23 -42.58
C VAL E 140 -1.21 12.37 -41.60
N LEU E 141 -0.56 13.01 -40.64
CA LEU E 141 0.10 12.28 -39.58
C LEU E 141 -0.91 11.59 -38.67
N LYS E 142 -2.05 12.23 -38.43
CA LYS E 142 -3.10 11.65 -37.61
C LYS E 142 -3.60 10.35 -38.21
N GLU E 143 -4.16 10.43 -39.43
CA GLU E 143 -4.70 9.24 -40.08
C GLU E 143 -3.61 8.23 -40.43
N GLY E 144 -2.36 8.67 -40.59
CA GLY E 144 -1.30 7.76 -40.92
C GLY E 144 -0.78 6.97 -39.75
N ILE E 145 -0.91 7.51 -38.54
CA ILE E 145 -0.43 6.85 -37.34
C ILE E 145 -1.54 6.06 -36.66
N LYS E 146 -2.75 6.62 -36.58
CA LYS E 146 -3.84 5.95 -35.89
C LYS E 146 -4.30 4.70 -36.60
N ASP E 147 -4.04 4.58 -37.91
CA ASP E 147 -4.43 3.39 -38.64
C ASP E 147 -3.35 2.31 -38.63
N ALA E 148 -2.06 2.68 -38.62
CA ALA E 148 -0.99 1.70 -38.62
C ALA E 148 -0.64 1.20 -37.22
N SER E 149 -1.04 1.91 -36.19
CA SER E 149 -0.74 1.46 -34.84
C SER E 149 -1.61 0.28 -34.43
N LEU E 150 -2.68 0.01 -35.16
CA LEU E 150 -3.54 -1.10 -34.82
C LEU E 150 -3.06 -2.39 -35.46
N VAL E 151 -2.28 -2.28 -36.53
CA VAL E 151 -1.78 -3.47 -37.21
C VAL E 151 -0.38 -3.79 -36.74
N SER E 152 0.35 -2.81 -36.20
CA SER E 152 1.68 -3.07 -35.75
C SER E 152 2.01 -2.11 -34.63
N ASP E 153 3.16 -2.33 -34.01
CA ASP E 153 3.62 -1.50 -32.91
C ASP E 153 4.86 -0.69 -33.25
N ALA E 154 5.54 -1.01 -34.33
CA ALA E 154 6.74 -0.31 -34.74
C ALA E 154 6.55 0.11 -36.18
N ILE E 155 6.99 1.31 -36.48
CA ILE E 155 6.87 1.84 -37.81
C ILE E 155 8.26 2.21 -38.31
N LYS E 156 8.46 2.04 -39.61
CA LYS E 156 9.74 2.29 -40.25
C LYS E 156 9.62 3.51 -41.12
N PHE E 157 10.51 4.46 -40.89
CA PHE E 157 10.55 5.72 -41.61
C PHE E 157 11.68 5.69 -42.62
N ILE E 158 11.35 5.96 -43.87
CA ILE E 158 12.34 5.98 -44.92
C ILE E 158 12.10 7.21 -45.77
N ALA E 159 13.15 7.98 -46.00
CA ALA E 159 13.02 9.18 -46.79
C ALA E 159 14.16 9.19 -47.79
N LYS E 160 13.81 9.43 -49.03
CA LYS E 160 14.75 9.55 -50.12
C LYS E 160 14.57 10.90 -50.79
N GLU E 161 15.44 11.14 -51.78
CA GLU E 161 15.40 12.36 -52.57
C GLU E 161 14.05 12.46 -53.26
N ASN E 162 13.26 13.45 -52.85
CA ASN E 162 11.90 13.70 -53.34
C ASN E 162 11.01 12.47 -53.11
N GLU E 163 11.27 11.71 -52.05
CA GLU E 163 10.48 10.53 -51.76
C GLU E 163 10.32 10.38 -50.26
N PHE E 164 9.13 10.06 -49.87
CA PHE E 164 8.90 9.82 -48.48
C PHE E 164 8.04 8.60 -48.34
N THR E 165 8.34 7.77 -47.35
CA THR E 165 7.52 6.59 -47.11
C THR E 165 7.70 6.15 -45.67
N MET E 166 6.63 5.62 -45.11
CA MET E 166 6.59 5.15 -43.73
C MET E 166 5.89 3.81 -43.72
N LYS E 167 6.66 2.76 -43.81
CA LYS E 167 6.10 1.43 -43.90
C LYS E 167 6.28 0.71 -42.58
N ALA E 168 5.26 -0.05 -42.21
CA ALA E 168 5.30 -0.83 -40.99
C ALA E 168 4.78 -2.21 -41.35
N GLU E 169 5.45 -3.23 -40.84
CA GLU E 169 5.14 -4.62 -41.10
C GLU E 169 4.64 -5.30 -39.84
N GLY E 170 4.38 -6.61 -39.95
CA GLY E 170 3.88 -7.36 -38.83
C GLY E 170 3.77 -8.83 -39.17
N GLU E 171 2.93 -9.53 -38.41
CA GLU E 171 2.69 -10.95 -38.64
C GLU E 171 2.03 -11.19 -40.01
N THR E 172 0.80 -10.68 -40.20
CA THR E 172 0.10 -10.85 -41.47
C THR E 172 -0.58 -9.57 -41.95
N ASN E 173 -0.16 -8.42 -41.43
CA ASN E 173 -0.80 -7.14 -41.75
C ASN E 173 0.31 -6.12 -41.99
N GLU E 174 0.52 -5.75 -43.25
CA GLU E 174 1.48 -4.73 -43.62
C GLU E 174 0.80 -3.43 -43.97
N VAL E 175 1.58 -2.36 -43.96
CA VAL E 175 1.06 -1.02 -44.25
C VAL E 175 2.23 -0.14 -44.65
N GLU E 176 1.92 0.93 -45.37
CA GLU E 176 2.92 1.91 -45.77
C GLU E 176 2.19 3.20 -46.07
N ILE E 177 2.89 4.30 -45.81
CA ILE E 177 2.33 5.61 -46.04
C ILE E 177 3.37 6.33 -46.89
N ARG E 178 3.15 6.35 -48.20
CA ARG E 178 4.12 6.94 -49.08
C ARG E 178 3.60 8.29 -49.56
N LEU E 179 4.42 9.32 -49.38
CA LEU E 179 4.11 10.66 -49.82
C LEU E 179 5.30 11.29 -50.51
N THR E 180 4.97 12.16 -51.46
CA THR E 180 5.95 12.92 -52.20
C THR E 180 5.57 14.39 -52.22
N LEU E 181 6.30 15.20 -52.96
CA LEU E 181 6.03 16.63 -52.98
C LEU E 181 4.79 16.97 -53.77
N GLU E 182 4.51 16.21 -54.82
CA GLU E 182 3.35 16.47 -55.66
C GLU E 182 2.07 15.94 -55.05
N ASP E 183 2.13 15.44 -53.83
CA ASP E 183 0.94 14.96 -53.17
C ASP E 183 0.28 16.15 -52.51
N GLU E 184 -0.75 15.89 -51.74
CA GLU E 184 -1.47 16.96 -51.08
C GLU E 184 -1.32 16.89 -49.58
N GLY E 185 -0.42 16.05 -49.09
CA GLY E 185 -0.26 15.96 -47.66
C GLY E 185 1.16 16.25 -47.27
N LEU E 186 2.05 16.30 -48.25
CA LEU E 186 3.45 16.57 -47.97
C LEU E 186 3.80 17.92 -48.54
N LEU E 187 4.24 18.79 -47.65
CA LEU E 187 4.51 20.17 -48.02
C LEU E 187 5.88 20.27 -48.67
N ASP E 188 6.91 19.94 -47.91
CA ASP E 188 8.26 20.14 -48.37
C ASP E 188 9.10 18.94 -47.98
N LEU E 189 10.17 18.75 -48.73
CA LEU E 189 11.15 17.69 -48.51
C LEU E 189 12.54 18.31 -48.59
N GLU E 190 13.35 18.08 -47.56
CA GLU E 190 14.74 18.52 -47.50
C GLU E 190 15.67 17.32 -47.34
N VAL E 191 15.22 16.18 -47.85
CA VAL E 191 16.01 14.97 -47.73
C VAL E 191 17.19 15.07 -48.68
N GLU E 192 18.39 14.82 -48.16
CA GLU E 192 19.58 14.90 -48.97
C GLU E 192 20.13 13.52 -49.33
N GLU E 193 20.13 12.61 -48.37
CA GLU E 193 20.63 11.27 -48.61
C GLU E 193 19.58 10.28 -48.15
N GLU E 194 19.87 9.02 -48.44
CA GLU E 194 18.94 7.98 -48.07
C GLU E 194 18.88 7.88 -46.56
N THR E 195 17.67 7.86 -46.06
CA THR E 195 17.46 7.81 -44.64
C THR E 195 16.48 6.71 -44.36
N LYS E 196 16.79 5.92 -43.33
CA LYS E 196 15.91 4.84 -42.93
C LYS E 196 16.13 4.59 -41.45
N SER E 197 15.04 4.43 -40.72
CA SER E 197 15.11 4.19 -39.30
C SER E 197 13.81 3.53 -38.86
N ALA E 198 13.82 3.01 -37.65
CA ALA E 198 12.68 2.35 -37.06
C ALA E 198 12.35 3.00 -35.73
N TYR E 199 11.07 3.16 -35.45
CA TYR E 199 10.64 3.78 -34.22
C TYR E 199 9.40 3.06 -33.73
N GLY E 200 8.92 3.45 -32.57
CA GLY E 200 7.75 2.83 -32.00
C GLY E 200 6.58 3.75 -32.27
N ILE E 201 5.54 3.17 -32.87
CA ILE E 201 4.36 3.94 -33.21
C ILE E 201 3.51 4.17 -31.98
N ARG E 202 3.68 3.34 -30.94
CA ARG E 202 2.94 3.51 -29.70
C ARG E 202 3.28 4.83 -29.01
N TYR E 203 4.48 5.35 -29.23
CA TYR E 203 4.85 6.65 -28.72
C TYR E 203 4.37 7.72 -29.64
N LEU E 204 4.31 7.37 -30.92
CA LEU E 204 3.85 8.30 -31.91
C LEU E 204 2.36 8.53 -31.83
N SER E 205 1.61 7.59 -31.25
CA SER E 205 0.17 7.73 -31.10
C SER E 205 -0.20 8.88 -30.17
N ASP E 206 0.25 8.79 -28.92
CA ASP E 206 0.03 9.86 -27.97
C ASP E 206 0.89 11.08 -28.30
N MET E 207 1.98 10.88 -29.02
CA MET E 207 2.81 12.00 -29.44
C MET E 207 2.11 12.88 -30.46
N VAL E 208 1.27 12.27 -31.32
CA VAL E 208 0.56 13.03 -32.35
C VAL E 208 -0.90 13.28 -31.99
N LYS E 209 -1.40 12.73 -30.87
CA LYS E 209 -2.80 12.91 -30.48
C LYS E 209 -3.17 14.38 -30.28
N GLY E 210 -2.23 15.18 -29.82
CA GLY E 210 -2.50 16.57 -29.57
C GLY E 210 -2.23 17.48 -30.74
N ILE E 211 -1.83 16.95 -31.91
CA ILE E 211 -1.55 17.79 -33.07
C ILE E 211 -2.87 18.27 -33.67
N GLY E 212 -2.77 19.33 -34.48
CA GLY E 212 -3.91 19.90 -35.16
C GLY E 212 -4.11 19.31 -36.54
N LYS E 213 -4.92 20.00 -37.32
CA LYS E 213 -5.25 19.58 -38.67
C LYS E 213 -4.49 20.36 -39.72
N ALA E 214 -4.29 21.67 -39.53
CA ALA E 214 -3.59 22.52 -40.48
C ALA E 214 -2.21 22.93 -39.98
N ASP E 215 -1.74 22.38 -38.87
CA ASP E 215 -0.44 22.77 -38.35
C ASP E 215 0.68 22.11 -39.12
N GLU E 216 1.62 22.93 -39.58
CA GLU E 216 2.78 22.41 -40.29
C GLU E 216 3.71 21.73 -39.32
N VAL E 217 4.02 20.49 -39.62
CA VAL E 217 4.84 19.66 -38.74
C VAL E 217 6.15 19.36 -39.46
N ILE E 218 7.25 19.60 -38.78
CA ILE E 218 8.58 19.38 -39.32
C ILE E 218 9.23 18.25 -38.56
N LEU E 219 9.75 17.29 -39.28
CA LEU E 219 10.39 16.15 -38.66
C LEU E 219 11.85 16.13 -39.04
N ARG E 220 12.67 15.85 -38.06
CA ARG E 220 14.10 15.73 -38.26
C ARG E 220 14.56 14.49 -37.53
N PHE E 221 15.22 13.60 -38.26
CA PHE E 221 15.72 12.35 -37.70
C PHE E 221 16.80 11.86 -38.65
N GLY E 222 17.35 10.69 -38.34
CA GLY E 222 18.39 10.17 -39.21
C GLY E 222 18.32 8.67 -39.31
N ASN E 223 19.45 8.05 -39.62
CA ASN E 223 19.47 6.58 -39.70
C ASN E 223 19.57 6.00 -38.29
N GLU E 224 20.64 6.33 -37.58
CA GLU E 224 20.80 5.90 -36.20
C GLU E 224 20.55 7.08 -35.27
N MET E 225 20.10 8.14 -35.82
CA MET E 225 19.85 9.33 -35.03
C MET E 225 18.45 9.28 -34.44
N PRO E 226 18.23 9.98 -33.32
CA PRO E 226 16.91 9.97 -32.71
C PRO E 226 15.88 10.70 -33.55
N LEU E 227 14.65 10.60 -33.08
CA LEU E 227 13.54 11.19 -33.78
C LEU E 227 13.29 12.57 -33.21
N GLN E 228 13.08 13.50 -34.13
CA GLN E 228 12.80 14.88 -33.79
C GLN E 228 11.56 15.30 -34.56
N MET E 229 10.64 15.95 -33.86
CA MET E 229 9.45 16.47 -34.47
C MET E 229 9.09 17.78 -33.80
N GLU E 230 9.13 18.84 -34.57
CA GLU E 230 8.84 20.15 -34.04
C GLU E 230 7.79 20.83 -34.92
N TYR E 231 6.99 21.66 -34.28
CA TYR E 231 5.97 22.42 -35.01
C TYR E 231 5.79 23.76 -34.31
N MET E 232 5.30 24.73 -35.08
CA MET E 232 5.14 26.11 -34.61
C MET E 232 3.75 26.32 -34.01
N ILE E 233 3.64 27.38 -33.21
CA ILE E 233 2.39 27.78 -32.58
C ILE E 233 2.21 29.25 -32.82
N ARG E 234 1.13 29.62 -33.53
CA ARG E 234 0.85 31.00 -33.93
C ARG E 234 2.01 31.57 -34.75
N ASP E 235 2.67 30.71 -35.53
CA ASP E 235 3.75 31.00 -36.48
C ASP E 235 5.03 31.45 -35.77
N GLU E 236 5.05 31.57 -34.46
CA GLU E 236 6.23 32.00 -33.76
C GLU E 236 6.74 30.96 -32.78
N GLY E 237 5.85 30.40 -31.97
CA GLY E 237 6.26 29.41 -31.01
C GLY E 237 6.73 28.13 -31.68
N ARG E 238 7.54 27.38 -30.95
CA ARG E 238 8.10 26.16 -31.46
C ARG E 238 8.05 25.10 -30.38
N LEU E 239 7.57 23.93 -30.74
CA LEU E 239 7.51 22.80 -29.85
C LEU E 239 8.25 21.66 -30.49
N THR E 240 9.31 21.21 -29.84
CA THR E 240 10.19 20.19 -30.37
C THR E 240 10.15 18.98 -29.45
N PHE E 241 10.05 17.81 -30.06
CA PHE E 241 10.09 16.55 -29.35
C PHE E 241 11.21 15.69 -29.91
N LEU E 242 11.90 15.00 -29.02
CA LEU E 242 12.98 14.11 -29.43
C LEU E 242 12.89 12.84 -28.63
N LEU E 243 12.80 11.71 -29.31
CA LEU E 243 12.71 10.42 -28.65
C LEU E 243 13.82 9.53 -29.18
N ALA E 244 14.32 8.67 -28.30
CA ALA E 244 15.38 7.75 -28.66
C ALA E 244 14.83 6.64 -29.55
N PRO E 245 15.62 6.16 -30.52
CA PRO E 245 15.13 5.09 -31.39
C PRO E 245 15.02 3.76 -30.65
N ARG E 246 14.33 2.81 -31.27
CA ARG E 246 14.12 1.49 -30.68
C ARG E 246 15.29 0.60 -30.97
N VAL E 247 15.93 0.10 -29.91
CA VAL E 247 17.06 -0.79 -30.05
C VAL E 247 16.62 -2.25 -30.06
N GLU E 248 15.32 -2.50 -30.01
CA GLU E 248 14.82 -3.87 -30.02
C GLU E 248 14.55 -4.27 -31.46
N GLU E 249 13.91 -5.43 -31.63
CA GLU E 249 13.59 -5.92 -32.96
C GLU E 249 12.45 -5.06 -33.49
FE FE H . 32.55 -18.84 -3.50
ZN ZN I . 29.71 -20.32 -5.91
ZN ZN J . -38.36 -28.70 27.90
ZN ZN K . -7.63 -27.83 -11.94
ZN ZN L . -19.86 -44.96 28.89
#